data_3KVV
#
_entry.id   3KVV
#
_cell.length_a   92.864
_cell.length_b   92.864
_cell.length_c   145.016
_cell.angle_alpha   90.00
_cell.angle_beta   90.00
_cell.angle_gamma   120.00
#
_symmetry.space_group_name_H-M   'P 32'
#
loop_
_entity.id
_entity.type
_entity.pdbx_description
1 polymer 'Uridine phosphorylase'
2 non-polymer 5-FLUOROURACIL
3 non-polymer 'SULFATE ION'
4 non-polymer 1,4-anhydro-D-erythro-pent-1-enitol
5 water water
#
_entity_poly.entity_id   1
_entity_poly.type   'polypeptide(L)'
_entity_poly.pdbx_seq_one_letter_code
;MSKSDVFHLGLTKNDLQGATLAIVPGDPDRVEKIAALMDKPVKLASHREFTTWRAELDGKPVIVCSTGIGGPSTSIAVEE
LAQLGIRTFLRIGTTGAIQPHINVGDVLVTTASVRLDGASLHFAPLEFPAVADFECTTALVEAAKSIGATTHVGVTASSD
TFYPGQERYDTYSGRVVRHFKGSMEEWQAMGVMNYEMESATLLTMCASQGLRAGMVAGVIVNRTQQEIPNAETMKQTESH
AVKIVVEAARRLL
;
_entity_poly.pdbx_strand_id   A,B,C,D,E,F
#
loop_
_chem_comp.id
_chem_comp.type
_chem_comp.name
_chem_comp.formula
R2B D-saccharide 1,4-anhydro-D-erythro-pent-1-enitol 'C5 H8 O4'
SO4 non-polymer 'SULFATE ION' 'O4 S -2'
URF non-polymer 5-FLUOROURACIL 'C4 H3 F N2 O2'
#
# COMPACT_ATOMS: atom_id res chain seq x y z
N SER A 4 -11.56 30.14 -26.42
CA SER A 4 -10.42 29.42 -25.83
C SER A 4 -10.32 28.02 -26.41
N ASP A 5 -9.10 27.53 -26.55
CA ASP A 5 -8.90 26.17 -27.04
C ASP A 5 -8.78 25.18 -25.89
N VAL A 6 -8.79 25.69 -24.65
CA VAL A 6 -8.64 24.85 -23.46
C VAL A 6 -9.72 25.13 -22.40
N PHE A 7 -9.95 24.16 -21.51
CA PHE A 7 -11.08 24.27 -20.59
C PHE A 7 -10.91 25.33 -19.49
N HIS A 8 -9.69 25.54 -18.99
CA HIS A 8 -9.50 26.48 -17.85
C HIS A 8 -8.73 27.77 -18.13
N LEU A 9 -7.72 27.70 -18.99
CA LEU A 9 -6.77 28.82 -19.08
C LEU A 9 -7.29 30.04 -19.84
N GLY A 10 -8.31 29.85 -20.68
CA GLY A 10 -8.84 30.92 -21.51
C GLY A 10 -7.83 31.39 -22.55
N LEU A 11 -7.16 30.44 -23.18
CA LEU A 11 -6.14 30.75 -24.16
C LEU A 11 -6.34 29.99 -25.45
N THR A 12 -5.92 30.59 -26.56
CA THR A 12 -5.90 29.89 -27.83
C THR A 12 -4.45 29.68 -28.25
N LYS A 13 -4.21 28.75 -29.17
CA LYS A 13 -2.85 28.48 -29.61
C LYS A 13 -2.22 29.75 -30.19
N ASN A 14 -2.99 30.50 -30.95
CA ASN A 14 -2.47 31.72 -31.54
C ASN A 14 -1.97 32.72 -30.50
N ASP A 15 -2.59 32.72 -29.32
CA ASP A 15 -2.18 33.58 -28.21
C ASP A 15 -0.70 33.39 -27.84
N LEU A 16 -0.19 32.17 -28.02
CA LEU A 16 1.18 31.86 -27.62
C LEU A 16 2.22 32.32 -28.63
N GLN A 17 1.77 32.59 -29.84
CA GLN A 17 2.65 33.04 -30.90
C GLN A 17 3.84 32.12 -31.12
N GLY A 18 3.62 30.82 -30.94
CA GLY A 18 4.67 29.85 -31.20
C GLY A 18 5.56 29.54 -30.01
N ALA A 19 5.22 30.08 -28.83
CA ALA A 19 6.03 29.84 -27.64
C ALA A 19 6.07 28.37 -27.30
N THR A 20 7.23 27.88 -26.87
CA THR A 20 7.36 26.49 -26.43
C THR A 20 7.91 26.35 -25.01
N LEU A 21 8.18 27.50 -24.37
CA LEU A 21 8.67 27.52 -23.00
C LEU A 21 7.75 28.35 -22.11
N ALA A 22 7.47 27.84 -20.92
CA ALA A 22 6.67 28.56 -19.93
C ALA A 22 7.41 28.63 -18.60
N ILE A 23 7.38 29.80 -17.98
CA ILE A 23 7.76 29.95 -16.58
C ILE A 23 6.48 29.90 -15.75
N VAL A 24 6.45 29.07 -14.71
CA VAL A 24 5.22 28.81 -13.96
C VAL A 24 5.37 29.05 -12.46
N PRO A 25 5.10 30.30 -12.00
CA PRO A 25 5.09 30.63 -10.57
C PRO A 25 3.82 30.08 -9.95
N GLY A 26 3.79 29.91 -8.63
CA GLY A 26 2.57 29.49 -7.97
C GLY A 26 1.60 30.65 -7.85
N ASP A 27 2.13 31.84 -7.61
CA ASP A 27 1.31 32.99 -7.27
C ASP A 27 0.92 33.82 -8.51
N PRO A 28 -0.39 33.93 -8.81
CA PRO A 28 -0.89 34.72 -9.95
C PRO A 28 -0.34 36.14 -9.97
N ASP A 29 -0.13 36.71 -8.80
CA ASP A 29 0.37 38.08 -8.67
C ASP A 29 1.85 38.21 -9.05
N ARG A 30 2.56 37.09 -9.14
CA ARG A 30 3.97 37.11 -9.51
C ARG A 30 4.18 37.10 -11.03
N VAL A 31 3.12 36.76 -11.77
CA VAL A 31 3.24 36.59 -13.21
C VAL A 31 3.69 37.87 -13.90
N GLU A 32 3.05 38.99 -13.56
CA GLU A 32 3.37 40.26 -14.20
C GLU A 32 4.79 40.70 -13.86
N LYS A 33 5.21 40.48 -12.61
CA LYS A 33 6.56 40.80 -12.19
C LYS A 33 7.61 40.09 -13.02
N ILE A 34 7.38 38.81 -13.31
CA ILE A 34 8.32 38.03 -14.11
C ILE A 34 8.32 38.51 -15.58
N ALA A 35 7.13 38.66 -16.15
CA ALA A 35 6.99 39.12 -17.52
C ALA A 35 7.67 40.47 -17.72
N ALA A 36 7.58 41.31 -16.68
CA ALA A 36 8.14 42.66 -16.74
C ALA A 36 9.64 42.66 -16.92
N LEU A 37 10.29 41.54 -16.64
CA LEU A 37 11.74 41.45 -16.81
C LEU A 37 12.07 41.20 -18.27
N MET A 38 11.05 40.97 -19.07
CA MET A 38 11.24 40.57 -20.44
C MET A 38 10.68 41.61 -21.40
N ASP A 39 10.83 41.37 -22.71
CA ASP A 39 10.38 42.31 -23.73
C ASP A 39 8.92 42.13 -24.09
N LYS A 40 8.27 43.22 -24.49
CA LYS A 40 6.88 43.21 -24.91
C LYS A 40 5.95 42.35 -24.04
N PRO A 41 5.96 42.59 -22.71
CA PRO A 41 5.06 41.81 -21.85
C PRO A 41 3.60 42.19 -22.06
N VAL A 42 2.77 41.19 -22.27
CA VAL A 42 1.37 41.42 -22.52
C VAL A 42 0.52 40.41 -21.75
N LYS A 43 -0.53 40.92 -21.11
CA LYS A 43 -1.46 40.07 -20.37
C LYS A 43 -2.42 39.35 -21.32
N LEU A 44 -2.48 38.02 -21.24
CA LEU A 44 -3.36 37.25 -22.11
C LEU A 44 -4.71 36.92 -21.48
N ALA A 45 -4.68 36.50 -20.22
CA ALA A 45 -5.89 35.96 -19.61
C ALA A 45 -5.74 35.84 -18.11
N SER A 46 -6.88 35.84 -17.42
CA SER A 46 -6.87 35.58 -15.99
C SER A 46 -8.17 34.88 -15.64
N HIS A 47 -8.08 33.59 -15.33
CA HIS A 47 -9.24 32.84 -14.88
C HIS A 47 -8.86 32.00 -13.69
N ARG A 48 -9.69 32.02 -12.66
CA ARG A 48 -9.38 31.29 -11.44
C ARG A 48 -7.97 31.64 -11.01
N GLU A 49 -7.16 30.65 -10.63
CA GLU A 49 -5.80 30.94 -10.20
C GLU A 49 -4.80 31.04 -11.33
N PHE A 50 -5.31 31.00 -12.56
CA PHE A 50 -4.46 30.92 -13.74
C PHE A 50 -4.38 32.26 -14.45
N THR A 51 -3.30 32.98 -14.18
CA THR A 51 -3.02 34.27 -14.83
C THR A 51 -1.89 34.04 -15.81
N THR A 52 -2.11 34.44 -17.05
CA THR A 52 -1.12 34.21 -18.09
C THR A 52 -0.68 35.49 -18.79
N TRP A 53 0.64 35.67 -18.88
CA TRP A 53 1.22 36.73 -19.70
C TRP A 53 2.11 36.11 -20.79
N ARG A 54 2.29 36.86 -21.86
CA ARG A 54 3.23 36.51 -22.90
C ARG A 54 4.30 37.59 -22.93
N ALA A 55 5.51 37.19 -23.27
CA ALA A 55 6.58 38.16 -23.42
C ALA A 55 7.58 37.62 -24.41
N GLU A 56 8.67 38.35 -24.56
CA GLU A 56 9.69 38.00 -25.54
C GLU A 56 11.05 37.93 -24.87
N LEU A 57 11.74 36.84 -25.09
CA LEU A 57 13.04 36.65 -24.49
C LEU A 57 14.03 36.42 -25.63
N ASP A 58 14.95 37.36 -25.81
CA ASP A 58 15.90 37.28 -26.92
C ASP A 58 15.17 37.01 -28.23
N GLY A 59 14.08 37.75 -28.43
CA GLY A 59 13.34 37.70 -29.67
C GLY A 59 12.34 36.56 -29.78
N LYS A 60 12.34 35.64 -28.83
CA LYS A 60 11.46 34.47 -28.88
C LYS A 60 10.29 34.60 -27.92
N PRO A 61 9.08 34.22 -28.36
CA PRO A 61 7.94 34.29 -27.45
C PRO A 61 8.04 33.25 -26.33
N VAL A 62 7.72 33.68 -25.12
CA VAL A 62 7.70 32.83 -23.94
C VAL A 62 6.41 33.13 -23.16
N ILE A 63 5.99 32.16 -22.34
CA ILE A 63 4.75 32.28 -21.59
C ILE A 63 5.07 32.35 -20.10
N VAL A 64 4.33 33.17 -19.35
CA VAL A 64 4.35 33.10 -17.89
C VAL A 64 2.92 32.82 -17.41
N CYS A 65 2.77 31.76 -16.63
CA CYS A 65 1.44 31.29 -16.26
C CYS A 65 1.48 30.75 -14.84
N SER A 66 0.65 31.31 -13.96
CA SER A 66 0.58 30.84 -12.59
C SER A 66 -0.14 29.50 -12.49
N THR A 67 0.32 28.65 -11.58
CA THR A 67 -0.28 27.35 -11.32
C THR A 67 -1.30 27.36 -10.18
N GLY A 68 -1.25 28.38 -9.33
CA GLY A 68 -1.96 28.35 -8.06
C GLY A 68 -1.20 27.41 -7.14
N ILE A 69 -1.70 27.24 -5.92
CA ILE A 69 -1.06 26.32 -4.97
C ILE A 69 -1.54 24.89 -5.17
N GLY A 70 -0.58 23.97 -5.23
CA GLY A 70 -0.90 22.55 -5.22
C GLY A 70 -0.81 21.83 -6.55
N GLY A 71 -0.52 20.53 -6.48
CA GLY A 71 -0.48 19.68 -7.65
C GLY A 71 -1.72 19.70 -8.53
N PRO A 72 -2.92 19.75 -7.92
CA PRO A 72 -4.11 19.67 -8.78
C PRO A 72 -4.22 20.85 -9.74
N SER A 73 -4.08 22.09 -9.28
CA SER A 73 -4.16 23.22 -10.23
C SER A 73 -2.94 23.28 -11.13
N THR A 74 -1.78 22.92 -10.59
CA THR A 74 -0.57 22.80 -11.39
C THR A 74 -0.77 21.83 -12.56
N SER A 75 -1.45 20.72 -12.29
CA SER A 75 -1.65 19.71 -13.33
C SER A 75 -2.54 20.21 -14.48
N ILE A 76 -3.52 21.06 -14.16
CA ILE A 76 -4.37 21.64 -15.17
C ILE A 76 -3.57 22.63 -16.03
N ALA A 77 -2.81 23.51 -15.38
CA ALA A 77 -2.05 24.53 -16.10
C ALA A 77 -1.03 23.89 -17.03
N VAL A 78 -0.29 22.90 -16.52
CA VAL A 78 0.73 22.23 -17.33
C VAL A 78 0.11 21.45 -18.50
N GLU A 79 -0.97 20.72 -18.21
CA GLU A 79 -1.64 19.97 -19.27
C GLU A 79 -2.13 20.91 -20.36
N GLU A 80 -2.80 21.97 -19.97
CA GLU A 80 -3.43 22.84 -20.95
C GLU A 80 -2.39 23.65 -21.73
N LEU A 81 -1.31 24.04 -21.07
CA LEU A 81 -0.19 24.68 -21.77
C LEU A 81 0.47 23.70 -22.75
N ALA A 82 0.59 22.44 -22.36
CA ALA A 82 1.13 21.42 -23.28
C ALA A 82 0.24 21.27 -24.52
N GLN A 83 -1.08 21.23 -24.35
CA GLN A 83 -1.97 21.18 -25.51
C GLN A 83 -1.74 22.36 -26.44
N LEU A 84 -1.35 23.49 -25.88
CA LEU A 84 -1.15 24.72 -26.64
C LEU A 84 0.27 24.80 -27.20
N GLY A 85 1.11 23.83 -26.88
CA GLY A 85 2.41 23.69 -27.50
C GLY A 85 3.64 23.89 -26.63
N ILE A 86 3.44 24.19 -25.35
CA ILE A 86 4.57 24.34 -24.44
C ILE A 86 5.23 22.99 -24.19
N ARG A 87 6.56 22.94 -24.26
CA ARG A 87 7.34 21.70 -24.07
C ARG A 87 8.31 21.79 -22.89
N THR A 88 8.59 23.02 -22.44
CA THR A 88 9.52 23.25 -21.33
C THR A 88 8.88 24.10 -20.24
N PHE A 89 8.98 23.62 -19.01
CA PHE A 89 8.34 24.26 -17.87
C PHE A 89 9.34 24.53 -16.78
N LEU A 90 9.47 25.79 -16.38
CA LEU A 90 10.34 26.14 -15.27
C LEU A 90 9.51 26.72 -14.13
N ARG A 91 9.43 26.00 -13.02
CA ARG A 91 8.73 26.53 -11.87
C ARG A 91 9.64 27.42 -11.04
N ILE A 92 9.10 28.56 -10.61
CA ILE A 92 9.80 29.45 -9.68
C ILE A 92 8.89 29.61 -8.47
N GLY A 93 9.38 29.21 -7.30
CA GLY A 93 8.55 29.26 -6.10
C GLY A 93 9.18 29.84 -4.86
N THR A 94 8.48 29.69 -3.74
CA THR A 94 8.96 30.10 -2.43
C THR A 94 8.94 28.85 -1.59
N THR A 95 9.83 28.76 -0.61
CA THR A 95 10.00 27.52 0.12
C THR A 95 10.48 27.71 1.55
N GLY A 96 10.22 26.71 2.38
CA GLY A 96 10.78 26.68 3.73
C GLY A 96 11.92 25.67 3.78
N ALA A 97 13.10 26.14 4.17
CA ALA A 97 14.26 25.27 4.29
C ALA A 97 14.19 24.48 5.58
N ILE A 98 14.69 23.24 5.56
CA ILE A 98 14.67 22.41 6.75
C ILE A 98 16.07 21.97 7.18
N GLN A 99 17.08 22.51 6.50
CA GLN A 99 18.46 22.28 6.91
C GLN A 99 19.02 23.54 7.54
N PRO A 100 19.76 23.38 8.65
CA PRO A 100 20.35 24.51 9.39
C PRO A 100 21.31 25.38 8.56
N HIS A 101 21.98 24.79 7.58
CA HIS A 101 23.00 25.51 6.82
C HIS A 101 22.41 26.35 5.68
N ILE A 102 21.12 26.16 5.42
CA ILE A 102 20.45 26.89 4.35
C ILE A 102 19.75 28.12 4.90
N ASN A 103 20.15 29.30 4.43
CA ASN A 103 19.64 30.55 4.94
C ASN A 103 18.47 31.15 4.15
N VAL A 104 17.63 31.92 4.83
CA VAL A 104 16.61 32.72 4.18
C VAL A 104 17.32 33.60 3.13
N GLY A 105 16.77 33.66 1.93
CA GLY A 105 17.41 34.38 0.84
C GLY A 105 18.21 33.48 -0.09
N ASP A 106 18.62 32.30 0.36
CA ASP A 106 19.31 31.34 -0.51
C ASP A 106 18.36 30.86 -1.62
N VAL A 107 18.92 30.29 -2.67
CA VAL A 107 18.11 29.78 -3.77
C VAL A 107 18.35 28.28 -3.88
N LEU A 108 17.25 27.52 -3.98
CA LEU A 108 17.35 26.08 -4.04
C LEU A 108 16.94 25.59 -5.41
N VAL A 109 17.78 24.76 -6.02
CA VAL A 109 17.46 24.12 -7.28
C VAL A 109 17.20 22.64 -6.99
N THR A 110 16.04 22.15 -7.42
CA THR A 110 15.61 20.81 -7.05
C THR A 110 16.00 19.82 -8.14
N THR A 111 16.76 18.78 -7.79
CA THR A 111 17.06 17.71 -8.73
C THR A 111 15.90 16.72 -8.86
N ALA A 112 15.26 16.43 -7.73
CA ALA A 112 14.11 15.53 -7.70
C ALA A 112 13.34 15.75 -6.41
N SER A 113 12.10 15.28 -6.36
CA SER A 113 11.29 15.58 -5.19
C SER A 113 10.74 14.32 -4.52
N VAL A 114 10.59 14.42 -3.21
CA VAL A 114 9.86 13.42 -2.44
C VAL A 114 8.38 13.68 -2.72
N ARG A 115 7.70 12.65 -3.19
CA ARG A 115 6.32 12.77 -3.65
C ARG A 115 5.32 12.64 -2.49
N LEU A 116 5.08 13.76 -1.80
CA LEU A 116 4.10 13.79 -0.70
C LEU A 116 2.79 14.38 -1.20
N ASP A 117 2.50 14.11 -2.47
CA ASP A 117 1.33 14.67 -3.14
C ASP A 117 0.46 13.55 -3.69
N GLY A 118 -0.75 13.90 -4.11
CA GLY A 118 -1.60 12.92 -4.75
C GLY A 118 -1.58 13.00 -6.27
N ALA A 119 -1.36 14.19 -6.83
CA ALA A 119 -1.52 14.35 -8.28
C ALA A 119 -0.48 13.60 -9.10
N SER A 120 0.75 13.47 -8.58
CA SER A 120 1.80 12.77 -9.32
C SER A 120 1.40 11.32 -9.62
N LEU A 121 0.67 10.71 -8.69
CA LEU A 121 0.18 9.34 -8.82
C LEU A 121 -0.80 9.18 -9.99
N HIS A 122 -1.38 10.29 -10.43
CA HIS A 122 -2.31 10.23 -11.55
C HIS A 122 -1.57 10.17 -12.88
N PHE A 123 -0.25 10.33 -12.83
CA PHE A 123 0.58 10.26 -14.04
C PHE A 123 1.52 9.08 -14.04
N ALA A 124 1.97 8.67 -12.86
CA ALA A 124 2.92 7.57 -12.75
C ALA A 124 2.85 6.98 -11.35
N PRO A 125 3.06 5.67 -11.25
CA PRO A 125 3.04 5.04 -9.93
C PRO A 125 4.17 5.57 -9.04
N LEU A 126 4.03 5.41 -7.73
CA LEU A 126 4.92 6.07 -6.78
C LEU A 126 6.40 5.73 -6.99
N GLU A 127 6.69 4.53 -7.48
CA GLU A 127 8.08 4.11 -7.71
C GLU A 127 8.83 4.96 -8.75
N PHE A 128 8.08 5.66 -9.60
CA PHE A 128 8.68 6.50 -10.65
C PHE A 128 9.23 7.78 -10.01
N PRO A 129 10.45 8.20 -10.38
CA PRO A 129 11.08 9.35 -9.71
C PRO A 129 10.54 10.69 -10.18
N ALA A 130 10.26 11.61 -9.25
CA ALA A 130 9.84 12.96 -9.60
C ALA A 130 11.10 13.75 -9.89
N VAL A 131 11.73 13.42 -11.01
CA VAL A 131 13.06 13.94 -11.34
C VAL A 131 12.96 15.08 -12.35
N ALA A 132 13.77 16.11 -12.14
CA ALA A 132 13.85 17.25 -13.05
C ALA A 132 14.65 16.89 -14.28
N ASP A 133 14.32 17.55 -15.39
CA ASP A 133 15.10 17.42 -16.63
C ASP A 133 16.54 17.90 -16.41
N PHE A 134 17.51 17.17 -16.94
CA PHE A 134 18.92 17.47 -16.71
C PHE A 134 19.34 18.82 -17.33
N GLU A 135 18.84 19.10 -18.53
CA GLU A 135 19.16 20.37 -19.19
C GLU A 135 18.61 21.54 -18.41
N CYS A 136 17.39 21.39 -17.90
CA CYS A 136 16.74 22.46 -17.14
C CYS A 136 17.46 22.71 -15.82
N THR A 137 17.80 21.63 -15.13
CA THR A 137 18.52 21.75 -13.88
C THR A 137 19.87 22.44 -14.09
N THR A 138 20.55 22.05 -15.17
CA THR A 138 21.83 22.65 -15.50
C THR A 138 21.70 24.16 -15.78
N ALA A 139 20.69 24.54 -16.56
CA ALA A 139 20.44 25.96 -16.85
C ALA A 139 20.19 26.78 -15.57
N LEU A 140 19.39 26.23 -14.66
CA LEU A 140 19.12 26.89 -13.39
C LEU A 140 20.37 27.06 -12.52
N VAL A 141 21.18 26.02 -12.44
CA VAL A 141 22.40 26.07 -11.63
C VAL A 141 23.40 27.08 -12.23
N GLU A 142 23.56 27.06 -13.54
CA GLU A 142 24.45 28.02 -14.20
C GLU A 142 23.94 29.45 -14.10
N ALA A 143 22.62 29.64 -14.25
CA ALA A 143 22.04 30.96 -14.08
C ALA A 143 22.24 31.48 -12.66
N ALA A 144 22.06 30.60 -11.67
CA ALA A 144 22.28 30.96 -10.27
C ALA A 144 23.72 31.44 -10.01
N LYS A 145 24.68 30.68 -10.52
CA LYS A 145 26.10 31.07 -10.40
C LYS A 145 26.35 32.39 -11.13
N SER A 146 25.72 32.55 -12.28
CA SER A 146 25.90 33.75 -13.09
C SER A 146 25.58 35.03 -12.33
N ILE A 147 24.48 35.04 -11.58
CA ILE A 147 24.14 36.22 -10.78
C ILE A 147 24.72 36.12 -9.37
N GLY A 148 25.36 34.99 -9.09
CA GLY A 148 26.14 34.84 -7.87
C GLY A 148 25.35 34.65 -6.61
N ALA A 149 24.18 34.01 -6.72
CA ALA A 149 23.33 33.74 -5.56
C ALA A 149 23.91 32.61 -4.71
N THR A 150 23.59 32.59 -3.42
CA THR A 150 23.94 31.44 -2.60
C THR A 150 22.98 30.30 -2.94
N THR A 151 23.51 29.26 -3.58
CA THR A 151 22.70 28.22 -4.19
C THR A 151 22.94 26.84 -3.57
N HIS A 152 21.85 26.09 -3.40
CA HIS A 152 21.96 24.70 -2.96
C HIS A 152 21.18 23.81 -3.94
N VAL A 153 21.74 22.63 -4.25
CA VAL A 153 21.19 21.75 -5.25
C VAL A 153 20.89 20.38 -4.62
N GLY A 154 19.66 19.90 -4.75
CA GLY A 154 19.33 18.64 -4.13
C GLY A 154 17.85 18.30 -4.09
N VAL A 155 17.47 17.47 -3.13
CA VAL A 155 16.14 16.89 -3.08
C VAL A 155 15.20 17.79 -2.26
N THR A 156 13.96 17.87 -2.71
CA THR A 156 12.96 18.72 -2.09
C THR A 156 11.78 17.83 -1.70
N ALA A 157 11.16 18.10 -0.55
CA ALA A 157 9.94 17.38 -0.20
C ALA A 157 8.73 18.18 -0.67
N SER A 158 7.90 17.56 -1.50
CA SER A 158 6.78 18.27 -2.12
C SER A 158 5.44 17.76 -1.57
N SER A 159 4.77 18.63 -0.80
CA SER A 159 3.64 18.24 0.05
C SER A 159 2.30 18.81 -0.43
N ASP A 160 1.26 17.99 -0.37
CA ASP A 160 -0.10 18.45 -0.71
C ASP A 160 -0.71 19.35 0.38
N THR A 161 0.00 19.52 1.48
CA THR A 161 -0.47 20.45 2.48
C THR A 161 0.66 21.37 2.95
N PHE A 162 0.29 22.58 3.36
CA PHE A 162 1.22 23.53 3.95
C PHE A 162 1.43 23.21 5.42
N TYR A 163 0.40 22.67 6.06
CA TYR A 163 0.43 22.47 7.50
C TYR A 163 0.87 21.05 7.96
N PRO A 164 -0.05 20.07 8.06
CA PRO A 164 0.43 18.82 8.65
C PRO A 164 1.48 18.08 7.81
N GLY A 165 1.39 18.18 6.48
CA GLY A 165 2.33 17.50 5.60
C GLY A 165 3.74 18.07 5.70
N GLN A 166 3.84 19.28 6.26
CA GLN A 166 5.14 19.90 6.53
C GLN A 166 5.43 19.91 8.04
N GLU A 167 4.69 19.06 8.75
CA GLU A 167 4.76 18.92 10.20
C GLU A 167 4.75 20.24 10.99
N ARG A 168 3.81 21.11 10.64
CA ARG A 168 3.54 22.30 11.43
C ARG A 168 2.51 21.97 12.51
N TYR A 169 2.78 22.40 13.75
CA TYR A 169 1.87 22.14 14.87
C TYR A 169 1.16 23.41 15.36
N ASP A 170 1.57 24.56 14.83
CA ASP A 170 0.94 25.84 15.10
C ASP A 170 -0.33 25.99 14.27
N THR A 171 -1.36 25.22 14.62
CA THR A 171 -2.55 25.08 13.80
C THR A 171 -3.79 24.98 14.69
N TYR A 172 -4.96 24.99 14.04
CA TYR A 172 -6.22 24.89 14.74
C TYR A 172 -6.30 23.68 15.65
N SER A 173 -5.90 22.51 15.12
CA SER A 173 -6.01 21.27 15.87
C SER A 173 -4.76 21.01 16.72
N GLY A 174 -3.62 21.55 16.30
CA GLY A 174 -2.38 21.34 17.01
C GLY A 174 -1.84 19.92 16.91
N ARG A 175 -2.40 19.09 16.05
CA ARG A 175 -1.86 17.74 15.91
C ARG A 175 -1.51 17.41 14.47
N VAL A 176 -0.77 16.32 14.32
CA VAL A 176 -0.31 15.87 13.01
C VAL A 176 -0.59 14.38 12.94
N VAL A 177 -1.22 13.94 11.86
CA VAL A 177 -1.59 12.54 11.69
C VAL A 177 -0.36 11.64 11.78
N ARG A 178 -0.56 10.42 12.26
CA ARG A 178 0.52 9.50 12.57
C ARG A 178 1.61 9.41 11.50
N HIS A 179 1.19 9.23 10.26
CA HIS A 179 2.09 9.09 9.12
C HIS A 179 3.12 10.23 9.02
N PHE A 180 2.70 11.44 9.40
CA PHE A 180 3.56 12.62 9.27
C PHE A 180 4.27 13.03 10.57
N LYS A 181 3.94 12.37 11.68
CA LYS A 181 4.65 12.63 12.93
C LYS A 181 6.09 12.17 12.83
N GLY A 182 7.02 13.06 13.14
CA GLY A 182 8.43 12.72 13.04
C GLY A 182 8.97 12.76 11.63
N SER A 183 8.13 13.13 10.66
CA SER A 183 8.55 13.14 9.24
C SER A 183 9.61 14.20 8.92
N MET A 184 9.47 15.41 9.47
CA MET A 184 10.42 16.45 9.10
C MET A 184 11.85 16.05 9.46
N GLU A 185 12.02 15.48 10.65
CA GLU A 185 13.33 15.06 11.10
C GLU A 185 13.85 13.91 10.23
N GLU A 186 12.96 13.04 9.80
CA GLU A 186 13.35 11.98 8.86
C GLU A 186 13.88 12.58 7.54
N TRP A 187 13.16 13.53 6.95
CA TRP A 187 13.64 14.13 5.70
C TRP A 187 14.96 14.88 5.92
N GLN A 188 15.08 15.55 7.07
CA GLN A 188 16.33 16.26 7.40
C GLN A 188 17.51 15.29 7.41
N ALA A 189 17.33 14.17 8.08
CA ALA A 189 18.38 13.16 8.17
C ALA A 189 18.77 12.62 6.80
N MET A 190 17.81 12.58 5.87
CA MET A 190 18.04 12.10 4.51
C MET A 190 18.57 13.19 3.57
N GLY A 191 18.86 14.36 4.13
CA GLY A 191 19.45 15.46 3.38
C GLY A 191 18.50 16.30 2.53
N VAL A 192 17.20 16.09 2.71
CA VAL A 192 16.21 16.89 2.01
C VAL A 192 16.34 18.37 2.40
N MET A 193 16.30 19.25 1.41
CA MET A 193 16.62 20.66 1.64
C MET A 193 15.47 21.50 2.18
N ASN A 194 14.26 21.21 1.72
CA ASN A 194 13.15 22.14 1.86
C ASN A 194 11.79 21.51 1.57
N TYR A 195 10.74 22.23 1.95
CA TYR A 195 9.37 21.86 1.58
C TYR A 195 8.80 22.87 0.59
N GLU A 196 8.04 22.40 -0.38
CA GLU A 196 7.13 23.28 -1.14
C GLU A 196 5.98 22.39 -1.61
N MET A 197 5.15 22.87 -2.53
CA MET A 197 3.89 22.16 -2.73
C MET A 197 3.52 21.82 -4.17
N GLU A 198 4.42 22.08 -5.12
CA GLU A 198 4.05 21.83 -6.53
C GLU A 198 4.99 20.95 -7.34
N SER A 199 6.24 20.84 -6.90
CA SER A 199 7.27 20.19 -7.72
C SER A 199 7.08 18.70 -7.96
N ALA A 200 6.56 17.95 -6.99
CA ALA A 200 6.40 16.52 -7.24
C ALA A 200 5.41 16.31 -8.39
N THR A 201 4.31 17.04 -8.39
CA THR A 201 3.38 16.93 -9.50
C THR A 201 4.01 17.39 -10.81
N LEU A 202 4.59 18.58 -10.80
CA LEU A 202 5.23 19.11 -12.00
C LEU A 202 6.28 18.16 -12.57
N LEU A 203 7.23 17.76 -11.75
CA LEU A 203 8.34 16.96 -12.24
C LEU A 203 7.89 15.57 -12.69
N THR A 204 6.99 14.96 -11.94
CA THR A 204 6.48 13.64 -12.35
C THR A 204 5.71 13.69 -13.68
N MET A 205 4.80 14.65 -13.79
CA MET A 205 3.93 14.68 -14.96
C MET A 205 4.76 15.03 -16.19
N CYS A 206 5.81 15.82 -16.00
CA CYS A 206 6.65 16.15 -17.14
C CYS A 206 7.60 15.02 -17.54
N ALA A 207 8.29 14.46 -16.56
CA ALA A 207 9.28 13.41 -16.82
C ALA A 207 8.62 12.17 -17.42
N SER A 208 7.32 11.98 -17.17
CA SER A 208 6.63 10.80 -17.69
C SER A 208 5.87 11.07 -18.97
N GLN A 209 6.01 12.27 -19.53
CA GLN A 209 5.33 12.60 -20.78
C GLN A 209 6.19 13.29 -21.82
N GLY A 210 7.50 13.21 -21.66
CA GLY A 210 8.43 13.76 -22.63
C GLY A 210 8.49 15.28 -22.62
N LEU A 211 8.07 15.89 -21.52
CA LEU A 211 8.18 17.34 -21.33
C LEU A 211 9.36 17.65 -20.42
N ARG A 212 10.09 18.74 -20.68
CA ARG A 212 11.21 19.12 -19.80
C ARG A 212 10.71 20.04 -18.70
N ALA A 213 11.18 19.80 -17.47
CA ALA A 213 10.79 20.65 -16.35
C ALA A 213 11.97 20.91 -15.44
N GLY A 214 12.04 22.13 -14.90
CA GLY A 214 13.04 22.48 -13.91
C GLY A 214 12.32 23.14 -12.75
N MET A 215 13.03 23.26 -11.63
CA MET A 215 12.43 23.76 -10.39
C MET A 215 13.46 24.54 -9.57
N VAL A 216 13.16 25.81 -9.31
CA VAL A 216 13.99 26.67 -8.46
C VAL A 216 13.08 27.41 -7.47
N ALA A 217 13.59 27.70 -6.28
CA ALA A 217 12.79 28.45 -5.31
C ALA A 217 13.65 29.31 -4.40
N GLY A 218 13.09 30.41 -3.90
CA GLY A 218 13.75 31.25 -2.93
C GLY A 218 13.31 30.86 -1.51
N VAL A 219 14.29 30.76 -0.61
CA VAL A 219 14.01 30.41 0.78
C VAL A 219 13.46 31.61 1.55
N ILE A 220 12.24 31.50 2.03
CA ILE A 220 11.60 32.60 2.76
C ILE A 220 11.44 32.31 4.26
N VAL A 221 11.70 31.07 4.66
CA VAL A 221 11.70 30.70 6.07
C VAL A 221 12.65 29.53 6.28
N ASN A 222 13.25 29.45 7.46
CA ASN A 222 14.01 28.26 7.83
C ASN A 222 13.33 27.60 9.02
N ARG A 223 12.92 26.34 8.85
CA ARG A 223 12.09 25.68 9.84
C ARG A 223 12.85 25.30 11.11
N THR A 224 14.17 25.43 11.07
CA THR A 224 14.99 25.18 12.26
C THR A 224 15.45 26.48 12.93
N GLN A 225 15.60 27.54 12.13
CA GLN A 225 16.11 28.81 12.63
C GLN A 225 14.99 29.61 13.28
N THR A 233 12.45 41.14 3.26
CA THR A 233 13.34 40.02 2.93
C THR A 233 12.69 39.08 1.94
N MET A 234 11.44 38.72 2.21
CA MET A 234 10.66 37.87 1.31
C MET A 234 10.56 38.48 -0.09
N LYS A 235 10.21 39.76 -0.14
CA LYS A 235 10.15 40.49 -1.42
C LYS A 235 11.47 40.41 -2.19
N GLN A 236 12.59 40.72 -1.52
CA GLN A 236 13.92 40.66 -2.14
C GLN A 236 14.25 39.26 -2.64
N THR A 237 13.98 38.27 -1.81
CA THR A 237 14.21 36.86 -2.14
C THR A 237 13.45 36.49 -3.40
N GLU A 238 12.16 36.82 -3.42
CA GLU A 238 11.35 36.59 -4.61
C GLU A 238 12.04 37.16 -5.85
N SER A 239 12.57 38.37 -5.73
CA SER A 239 13.21 39.06 -6.86
C SER A 239 14.45 38.33 -7.38
N HIS A 240 15.23 37.76 -6.46
CA HIS A 240 16.46 37.05 -6.81
C HIS A 240 16.17 35.77 -7.59
N ALA A 241 15.19 35.02 -7.10
CA ALA A 241 14.80 33.76 -7.72
C ALA A 241 14.20 34.05 -9.09
N VAL A 242 13.43 35.12 -9.19
CA VAL A 242 12.83 35.51 -10.47
C VAL A 242 13.90 35.82 -11.51
N LYS A 243 14.94 36.57 -11.13
CA LYS A 243 16.04 36.85 -12.03
C LYS A 243 16.69 35.57 -12.54
N ILE A 244 16.87 34.60 -11.64
CA ILE A 244 17.49 33.33 -12.01
C ILE A 244 16.63 32.51 -12.99
N VAL A 245 15.32 32.42 -12.72
CA VAL A 245 14.46 31.61 -13.59
C VAL A 245 14.38 32.22 -15.00
N VAL A 246 14.41 33.55 -15.08
CA VAL A 246 14.41 34.22 -16.38
C VAL A 246 15.71 33.94 -17.13
N GLU A 247 16.84 34.04 -16.44
CA GLU A 247 18.13 33.77 -17.07
C GLU A 247 18.24 32.31 -17.51
N ALA A 248 17.73 31.39 -16.69
CA ALA A 248 17.69 29.99 -17.09
C ALA A 248 16.87 29.80 -18.34
N ALA A 249 15.70 30.43 -18.40
CA ALA A 249 14.85 30.36 -19.58
C ALA A 249 15.62 30.76 -20.83
N ARG A 250 16.44 31.80 -20.71
CA ARG A 250 17.22 32.28 -21.86
C ARG A 250 18.09 31.18 -22.42
N ARG A 251 18.70 30.41 -21.52
CA ARG A 251 19.62 29.34 -21.88
C ARG A 251 18.93 28.09 -22.42
N LEU A 252 17.61 28.05 -22.34
CA LEU A 252 16.85 26.89 -22.76
C LEU A 252 16.04 27.13 -24.02
N LEU A 253 16.20 28.31 -24.63
CA LEU A 253 15.48 28.64 -25.85
C LEU A 253 16.00 27.89 -27.07
N LYS B 3 -1.59 42.96 10.12
CA LYS B 3 -1.90 42.99 8.69
C LYS B 3 -2.61 41.72 8.28
N SER B 4 -2.33 40.64 9.00
CA SER B 4 -3.03 39.37 8.82
C SER B 4 -2.72 38.46 10.01
N ASP B 5 -3.73 37.74 10.49
CA ASP B 5 -3.51 36.76 11.55
C ASP B 5 -3.08 35.41 10.96
N VAL B 6 -3.15 35.30 9.63
CA VAL B 6 -2.87 34.02 8.98
C VAL B 6 -1.90 34.20 7.82
N PHE B 7 -1.24 33.12 7.42
CA PHE B 7 -0.15 33.26 6.45
C PHE B 7 -0.56 33.58 5.00
N HIS B 8 -1.67 33.01 4.54
CA HIS B 8 -2.03 33.15 3.12
C HIS B 8 -3.23 34.05 2.87
N LEU B 9 -4.25 33.98 3.73
CA LEU B 9 -5.53 34.63 3.41
C LEU B 9 -5.56 36.15 3.57
N GLY B 10 -4.66 36.71 4.38
CA GLY B 10 -4.60 38.16 4.57
C GLY B 10 -5.78 38.70 5.35
N LEU B 11 -6.18 37.97 6.39
CA LEU B 11 -7.34 38.31 7.19
C LEU B 11 -6.96 38.29 8.67
N THR B 12 -7.61 39.16 9.45
CA THR B 12 -7.48 39.06 10.89
C THR B 12 -8.84 38.63 11.42
N LYS B 13 -8.86 38.01 12.59
CA LYS B 13 -10.12 37.53 13.15
C LYS B 13 -11.18 38.64 13.32
N ASN B 14 -10.78 39.83 13.76
CA ASN B 14 -11.76 40.92 13.90
C ASN B 14 -12.49 41.25 12.59
N ASP B 15 -11.81 41.06 11.45
CA ASP B 15 -12.40 41.27 10.12
C ASP B 15 -13.66 40.41 9.90
N LEU B 16 -13.72 39.25 10.54
CA LEU B 16 -14.82 38.32 10.32
C LEU B 16 -16.08 38.74 11.06
N GLN B 17 -15.95 39.64 12.03
CA GLN B 17 -17.10 40.14 12.76
C GLN B 17 -17.94 39.02 13.38
N GLY B 18 -17.28 37.98 13.87
CA GLY B 18 -17.96 36.90 14.56
C GLY B 18 -18.53 35.82 13.67
N ALA B 19 -18.28 35.90 12.37
CA ALA B 19 -18.75 34.85 11.47
C ALA B 19 -18.23 33.48 11.91
N THR B 20 -19.08 32.46 11.87
CA THR B 20 -18.65 31.10 12.15
C THR B 20 -18.96 30.16 10.99
N LEU B 21 -19.55 30.70 9.93
CA LEU B 21 -19.83 29.87 8.76
C LEU B 21 -19.27 30.48 7.51
N ALA B 22 -18.71 29.65 6.63
CA ALA B 22 -18.16 30.14 5.37
C ALA B 22 -18.67 29.28 4.22
N ILE B 23 -19.09 29.94 3.15
CA ILE B 23 -19.41 29.26 1.89
C ILE B 23 -18.11 29.29 1.10
N VAL B 24 -17.69 28.15 0.58
CA VAL B 24 -16.38 28.09 -0.04
C VAL B 24 -16.43 27.58 -1.48
N PRO B 25 -16.63 28.50 -2.44
CA PRO B 25 -16.59 28.14 -3.86
C PRO B 25 -15.16 27.86 -4.29
N GLY B 26 -14.98 27.15 -5.41
CA GLY B 26 -13.64 26.91 -5.93
C GLY B 26 -13.06 28.15 -6.58
N ASP B 27 -13.88 28.84 -7.35
CA ASP B 27 -13.45 29.93 -8.22
C ASP B 27 -13.51 31.28 -7.49
N PRO B 28 -12.36 31.96 -7.36
CA PRO B 28 -12.25 33.29 -6.74
C PRO B 28 -13.25 34.26 -7.34
N ASP B 29 -13.58 34.06 -8.62
CA ASP B 29 -14.46 34.97 -9.33
C ASP B 29 -15.93 34.76 -9.01
N ARG B 30 -16.25 33.68 -8.30
CA ARG B 30 -17.62 33.41 -7.92
C ARG B 30 -17.92 33.99 -6.54
N VAL B 31 -16.88 34.50 -5.87
CA VAL B 31 -17.06 34.91 -4.47
C VAL B 31 -18.00 36.11 -4.34
N GLU B 32 -17.72 37.16 -5.10
CA GLU B 32 -18.55 38.37 -5.06
C GLU B 32 -19.99 38.06 -5.46
N LYS B 33 -20.16 37.16 -6.43
CA LYS B 33 -21.49 36.77 -6.90
C LYS B 33 -22.32 36.18 -5.79
N ILE B 34 -21.71 35.31 -4.99
CA ILE B 34 -22.40 34.66 -3.89
C ILE B 34 -22.70 35.68 -2.80
N ALA B 35 -21.72 36.53 -2.51
CA ALA B 35 -21.88 37.55 -1.48
C ALA B 35 -23.00 38.52 -1.82
N ALA B 36 -23.12 38.88 -3.10
CA ALA B 36 -24.18 39.77 -3.57
C ALA B 36 -25.60 39.23 -3.36
N LEU B 37 -25.73 37.95 -3.00
CA LEU B 37 -27.04 37.40 -2.68
C LEU B 37 -27.47 37.80 -1.27
N MET B 38 -26.52 38.30 -0.49
CA MET B 38 -26.76 38.54 0.92
C MET B 38 -26.65 40.02 1.26
N ASP B 39 -26.76 40.36 2.53
CA ASP B 39 -26.81 41.75 2.95
C ASP B 39 -25.44 42.33 3.29
N LYS B 40 -25.27 43.62 3.00
CA LYS B 40 -24.06 44.35 3.36
C LYS B 40 -22.81 43.60 2.95
N PRO B 41 -22.73 43.18 1.69
CA PRO B 41 -21.53 42.46 1.24
C PRO B 41 -20.34 43.39 1.07
N VAL B 42 -19.19 43.00 1.61
CA VAL B 42 -17.96 43.77 1.47
C VAL B 42 -16.77 42.87 1.21
N LYS B 43 -15.90 43.28 0.29
CA LYS B 43 -14.66 42.56 0.06
C LYS B 43 -13.71 42.72 1.25
N LEU B 44 -13.15 41.60 1.73
CA LEU B 44 -12.16 41.65 2.81
C LEU B 44 -10.74 41.57 2.28
N ALA B 45 -10.47 40.63 1.38
CA ALA B 45 -9.10 40.43 0.94
C ALA B 45 -9.05 39.63 -0.36
N SER B 46 -7.93 39.76 -1.07
CA SER B 46 -7.66 38.92 -2.23
C SER B 46 -6.18 38.67 -2.33
N HIS B 47 -5.76 37.42 -2.12
CA HIS B 47 -4.38 37.00 -2.27
C HIS B 47 -4.35 35.60 -2.88
N ARG B 48 -3.51 35.42 -3.90
CA ARG B 48 -3.47 34.15 -4.63
C ARG B 48 -4.90 33.77 -5.03
N GLU B 49 -5.25 32.50 -4.87
CA GLU B 49 -6.58 32.03 -5.28
C GLU B 49 -7.62 32.26 -4.19
N PHE B 50 -7.22 32.95 -3.12
CA PHE B 50 -8.10 33.17 -1.98
C PHE B 50 -8.71 34.58 -2.00
N THR B 51 -9.94 34.68 -2.46
CA THR B 51 -10.70 35.92 -2.40
C THR B 51 -11.76 35.75 -1.32
N THR B 52 -11.83 36.70 -0.41
CA THR B 52 -12.76 36.62 0.71
C THR B 52 -13.68 37.83 0.77
N TRP B 53 -14.97 37.59 0.91
CA TRP B 53 -15.98 38.62 1.15
C TRP B 53 -16.73 38.29 2.45
N ARG B 54 -17.24 39.33 3.10
CA ARG B 54 -18.11 39.15 4.25
C ARG B 54 -19.49 39.70 3.87
N ALA B 55 -20.54 39.09 4.39
CA ALA B 55 -21.89 39.58 4.18
C ALA B 55 -22.75 39.21 5.38
N GLU B 56 -24.03 39.51 5.29
CA GLU B 56 -24.93 39.26 6.40
C GLU B 56 -26.15 38.47 5.92
N LEU B 57 -26.50 37.43 6.68
CA LEU B 57 -27.63 36.58 6.36
C LEU B 57 -28.52 36.51 7.59
N ASP B 58 -29.78 36.94 7.45
CA ASP B 58 -30.67 36.98 8.60
C ASP B 58 -29.99 37.68 9.77
N GLY B 59 -29.23 38.74 9.48
CA GLY B 59 -28.59 39.56 10.49
C GLY B 59 -27.32 39.00 11.11
N LYS B 60 -26.83 37.89 10.58
CA LYS B 60 -25.62 37.26 11.09
C LYS B 60 -24.50 37.33 10.06
N PRO B 61 -23.28 37.64 10.50
CA PRO B 61 -22.13 37.69 9.61
C PRO B 61 -21.80 36.30 9.04
N VAL B 62 -21.48 36.27 7.75
CA VAL B 62 -21.15 35.02 7.08
C VAL B 62 -19.96 35.31 6.18
N ILE B 63 -19.12 34.32 5.93
CA ILE B 63 -17.95 34.53 5.10
C ILE B 63 -18.11 33.77 3.78
N VAL B 64 -17.65 34.38 2.68
CA VAL B 64 -17.47 33.66 1.42
C VAL B 64 -16.01 33.72 1.03
N CYS B 65 -15.39 32.55 0.84
CA CYS B 65 -13.96 32.47 0.59
C CYS B 65 -13.64 31.36 -0.41
N SER B 66 -12.94 31.72 -1.48
CA SER B 66 -12.61 30.73 -2.52
C SER B 66 -11.43 29.88 -2.08
N THR B 67 -11.40 28.63 -2.53
CA THR B 67 -10.39 27.67 -2.14
C THR B 67 -9.34 27.47 -3.24
N GLY B 68 -9.64 27.94 -4.45
CA GLY B 68 -8.88 27.53 -5.63
C GLY B 68 -9.24 26.11 -6.01
N ILE B 69 -8.64 25.59 -7.08
CA ILE B 69 -8.81 24.18 -7.45
C ILE B 69 -7.87 23.27 -6.66
N GLY B 70 -8.40 22.19 -6.10
CA GLY B 70 -7.56 21.16 -5.50
C GLY B 70 -7.48 21.11 -3.98
N GLY B 71 -7.27 19.91 -3.44
CA GLY B 71 -7.17 19.75 -2.01
C GLY B 71 -6.11 20.61 -1.35
N PRO B 72 -4.95 20.79 -2.00
CA PRO B 72 -3.91 21.55 -1.29
C PRO B 72 -4.31 22.98 -0.98
N SER B 73 -4.81 23.73 -1.96
CA SER B 73 -5.20 25.10 -1.65
C SER B 73 -6.43 25.13 -0.74
N THR B 74 -7.34 24.19 -0.97
CA THR B 74 -8.49 24.01 -0.09
C THR B 74 -8.04 23.85 1.37
N SER B 75 -7.01 23.02 1.58
CA SER B 75 -6.56 22.72 2.93
C SER B 75 -6.01 23.98 3.61
N ILE B 76 -5.36 24.84 2.84
CA ILE B 76 -4.89 26.12 3.36
C ILE B 76 -6.05 27.03 3.79
N ALA B 77 -7.04 27.19 2.91
CA ALA B 77 -8.18 28.04 3.18
C ALA B 77 -8.97 27.59 4.40
N VAL B 78 -9.25 26.29 4.48
CA VAL B 78 -10.02 25.73 5.59
C VAL B 78 -9.27 25.86 6.91
N GLU B 79 -7.99 25.49 6.92
CA GLU B 79 -7.15 25.64 8.12
C GLU B 79 -7.16 27.10 8.61
N GLU B 80 -6.88 28.03 7.71
CA GLU B 80 -6.72 29.43 8.12
C GLU B 80 -8.06 30.06 8.50
N LEU B 81 -9.13 29.69 7.80
CA LEU B 81 -10.46 30.10 8.23
C LEU B 81 -10.82 29.53 9.60
N ALA B 82 -10.47 28.26 9.85
CA ALA B 82 -10.69 27.65 11.15
C ALA B 82 -9.94 28.39 12.28
N GLN B 83 -8.71 28.79 12.00
CA GLN B 83 -7.95 29.60 12.96
C GLN B 83 -8.66 30.94 13.18
N LEU B 84 -9.35 31.43 12.14
CA LEU B 84 -10.10 32.69 12.24
C LEU B 84 -11.49 32.54 12.85
N GLY B 85 -11.84 31.32 13.26
CA GLY B 85 -13.09 31.09 13.99
C GLY B 85 -14.20 30.38 13.22
N ILE B 86 -14.00 30.13 11.93
CA ILE B 86 -15.01 29.40 11.15
C ILE B 86 -15.14 27.96 11.63
N ARG B 87 -16.38 27.48 11.82
CA ARG B 87 -16.61 26.12 12.29
C ARG B 87 -17.46 25.29 11.33
N THR B 88 -18.11 25.96 10.39
CA THR B 88 -19.00 25.30 9.43
C THR B 88 -18.61 25.75 8.03
N PHE B 89 -18.44 24.78 7.13
CA PHE B 89 -17.98 25.07 5.77
C PHE B 89 -18.92 24.44 4.76
N LEU B 90 -19.42 25.24 3.83
CA LEU B 90 -20.28 24.71 2.78
C LEU B 90 -19.63 24.95 1.42
N ARG B 91 -19.17 23.87 0.80
CA ARG B 91 -18.59 23.98 -0.52
C ARG B 91 -19.69 24.01 -1.57
N ILE B 92 -19.53 24.92 -2.52
CA ILE B 92 -20.41 25.00 -3.67
C ILE B 92 -19.54 24.90 -4.91
N GLY B 93 -19.77 23.88 -5.73
CA GLY B 93 -18.88 23.61 -6.84
C GLY B 93 -19.58 23.35 -8.15
N THR B 94 -18.79 23.06 -9.18
CA THR B 94 -19.27 22.59 -10.46
C THR B 94 -18.73 21.20 -10.67
N THR B 95 -19.46 20.36 -11.41
CA THR B 95 -19.11 18.96 -11.49
C THR B 95 -19.50 18.31 -12.80
N GLY B 96 -18.84 17.20 -13.10
CA GLY B 96 -19.25 16.35 -14.21
C GLY B 96 -19.93 15.09 -13.69
N ALA B 97 -21.16 14.86 -14.12
CA ALA B 97 -21.88 13.65 -13.75
C ALA B 97 -21.38 12.45 -14.55
N ILE B 98 -21.44 11.26 -13.94
CA ILE B 98 -21.03 10.05 -14.65
C ILE B 98 -22.12 8.99 -14.66
N GLN B 99 -23.34 9.37 -14.28
CA GLN B 99 -24.49 8.47 -14.34
C GLN B 99 -25.45 8.97 -15.40
N PRO B 100 -26.01 8.07 -16.21
CA PRO B 100 -26.91 8.45 -17.30
C PRO B 100 -28.15 9.21 -16.84
N HIS B 101 -28.66 8.89 -15.66
CA HIS B 101 -29.92 9.47 -15.18
C HIS B 101 -29.76 10.87 -14.57
N ILE B 102 -28.52 11.35 -14.48
CA ILE B 102 -28.28 12.66 -13.90
C ILE B 102 -28.07 13.68 -14.99
N ASN B 103 -28.91 14.71 -15.02
CA ASN B 103 -28.90 15.66 -16.11
C ASN B 103 -28.11 16.93 -15.85
N VAL B 104 -27.64 17.54 -16.94
CA VAL B 104 -26.98 18.83 -16.83
C VAL B 104 -27.98 19.84 -16.27
N GLY B 105 -27.58 20.57 -15.24
CA GLY B 105 -28.49 21.47 -14.56
C GLY B 105 -28.98 20.92 -13.24
N ASP B 106 -28.83 19.60 -13.05
CA ASP B 106 -29.20 18.97 -11.79
C ASP B 106 -28.20 19.37 -10.72
N VAL B 107 -28.61 19.25 -9.47
CA VAL B 107 -27.74 19.58 -8.35
C VAL B 107 -27.49 18.34 -7.52
N LEU B 108 -26.24 18.17 -7.10
CA LEU B 108 -25.83 16.96 -6.41
C LEU B 108 -25.40 17.32 -4.99
N VAL B 109 -25.92 16.59 -4.02
CA VAL B 109 -25.43 16.72 -2.66
C VAL B 109 -24.62 15.49 -2.29
N THR B 110 -23.40 15.73 -1.83
CA THR B 110 -22.46 14.67 -1.54
C THR B 110 -22.55 14.21 -0.09
N THR B 111 -22.86 12.94 0.12
CA THR B 111 -22.84 12.36 1.46
C THR B 111 -21.42 12.00 1.90
N ALA B 112 -20.60 11.57 0.93
CA ALA B 112 -19.21 11.22 1.20
C ALA B 112 -18.49 11.08 -0.15
N SER B 113 -17.17 11.10 -0.11
CA SER B 113 -16.40 11.12 -1.35
C SER B 113 -15.40 9.99 -1.42
N VAL B 114 -15.18 9.51 -2.64
CA VAL B 114 -14.06 8.62 -2.90
C VAL B 114 -12.79 9.47 -2.86
N ARG B 115 -11.81 9.03 -2.08
CA ARG B 115 -10.61 9.83 -1.88
C ARG B 115 -9.54 9.55 -2.94
N LEU B 116 -9.65 10.23 -4.09
CA LEU B 116 -8.66 10.11 -5.16
C LEU B 116 -7.70 11.30 -5.08
N ASP B 117 -7.50 11.80 -3.87
CA ASP B 117 -6.68 12.99 -3.63
C ASP B 117 -5.48 12.65 -2.74
N GLY B 118 -4.55 13.59 -2.61
CA GLY B 118 -3.46 13.39 -1.67
C GLY B 118 -3.63 14.09 -0.32
N ALA B 119 -4.25 15.27 -0.31
CA ALA B 119 -4.27 16.07 0.92
C ALA B 119 -5.05 15.41 2.05
N SER B 120 -6.10 14.65 1.73
CA SER B 120 -6.89 14.03 2.78
C SER B 120 -6.01 13.13 3.67
N LEU B 121 -5.02 12.49 3.05
CA LEU B 121 -4.07 11.61 3.73
C LEU B 121 -3.20 12.35 4.75
N HIS B 122 -3.10 13.66 4.59
CA HIS B 122 -2.35 14.47 5.54
C HIS B 122 -3.17 14.75 6.82
N PHE B 123 -4.44 14.31 6.82
CA PHE B 123 -5.33 14.49 7.98
C PHE B 123 -5.81 13.17 8.58
N ALA B 124 -5.98 12.17 7.74
CA ALA B 124 -6.47 10.87 8.21
C ALA B 124 -6.05 9.77 7.24
N PRO B 125 -5.79 8.57 7.75
CA PRO B 125 -5.35 7.54 6.81
C PRO B 125 -6.49 7.16 5.90
N LEU B 126 -6.20 6.47 4.80
CA LEU B 126 -7.18 6.28 3.74
C LEU B 126 -8.46 5.58 4.22
N GLU B 127 -8.33 4.71 5.22
CA GLU B 127 -9.49 3.98 5.75
C GLU B 127 -10.55 4.87 6.41
N PHE B 128 -10.17 6.09 6.78
CA PHE B 128 -11.12 7.05 7.37
C PHE B 128 -12.07 7.60 6.28
N PRO B 129 -13.37 7.70 6.59
CA PRO B 129 -14.31 8.12 5.54
C PRO B 129 -14.36 9.63 5.30
N ALA B 130 -14.28 10.03 4.03
CA ALA B 130 -14.44 11.43 3.67
C ALA B 130 -15.91 11.75 3.69
N VAL B 131 -16.49 11.77 4.90
CA VAL B 131 -17.93 11.87 5.07
C VAL B 131 -18.34 13.30 5.44
N ALA B 132 -19.45 13.76 4.85
CA ALA B 132 -20.00 15.06 5.15
C ALA B 132 -20.72 15.07 6.52
N ASP B 133 -20.84 16.25 7.12
CA ASP B 133 -21.59 16.43 8.37
C ASP B 133 -23.08 16.17 8.12
N PHE B 134 -23.72 15.43 9.02
CA PHE B 134 -25.12 15.07 8.86
C PHE B 134 -26.02 16.30 8.80
N GLU B 135 -25.75 17.29 9.64
CA GLU B 135 -26.58 18.50 9.69
C GLU B 135 -26.44 19.36 8.44
N CYS B 136 -25.21 19.49 7.94
CA CYS B 136 -24.97 20.29 6.74
C CYS B 136 -25.63 19.64 5.52
N THR B 137 -25.49 18.33 5.43
CA THR B 137 -26.10 17.56 4.34
C THR B 137 -27.60 17.71 4.41
N THR B 138 -28.15 17.55 5.60
CA THR B 138 -29.59 17.73 5.78
C THR B 138 -30.00 19.13 5.33
N ALA B 139 -29.21 20.13 5.70
CA ALA B 139 -29.54 21.52 5.35
C ALA B 139 -29.49 21.75 3.84
N LEU B 140 -28.52 21.13 3.19
CA LEU B 140 -28.41 21.22 1.73
C LEU B 140 -29.55 20.51 1.01
N VAL B 141 -29.91 19.32 1.48
CA VAL B 141 -31.01 18.58 0.85
C VAL B 141 -32.33 19.32 1.04
N GLU B 142 -32.59 19.80 2.25
CA GLU B 142 -33.79 20.61 2.49
C GLU B 142 -33.81 21.89 1.67
N ALA B 143 -32.68 22.59 1.61
CA ALA B 143 -32.58 23.79 0.79
C ALA B 143 -32.85 23.50 -0.69
N ALA B 144 -32.37 22.36 -1.17
CA ALA B 144 -32.57 22.00 -2.58
C ALA B 144 -34.06 21.78 -2.89
N LYS B 145 -34.74 21.11 -1.97
CA LYS B 145 -36.18 20.90 -2.09
C LYS B 145 -36.91 22.24 -2.03
N SER B 146 -36.40 23.14 -1.18
CA SER B 146 -36.96 24.46 -1.02
C SER B 146 -37.05 25.23 -2.33
N ILE B 147 -36.05 25.10 -3.18
CA ILE B 147 -36.08 25.82 -4.46
C ILE B 147 -36.52 24.94 -5.63
N GLY B 148 -36.76 23.66 -5.36
CA GLY B 148 -37.30 22.76 -6.36
C GLY B 148 -36.33 22.40 -7.47
N ALA B 149 -35.06 22.29 -7.14
CA ALA B 149 -34.06 21.81 -8.09
C ALA B 149 -34.22 20.31 -8.25
N THR B 150 -33.76 19.76 -9.37
CA THR B 150 -33.67 18.31 -9.49
C THR B 150 -32.39 17.87 -8.77
N THR B 151 -32.55 17.05 -7.73
CA THR B 151 -31.48 16.81 -6.77
C THR B 151 -31.15 15.33 -6.59
N HIS B 152 -29.85 15.01 -6.58
CA HIS B 152 -29.43 13.63 -6.29
C HIS B 152 -28.48 13.64 -5.10
N VAL B 153 -28.59 12.63 -4.25
CA VAL B 153 -27.82 12.59 -3.03
C VAL B 153 -27.00 11.30 -3.02
N GLY B 154 -25.70 11.42 -2.83
CA GLY B 154 -24.86 10.23 -2.87
C GLY B 154 -23.37 10.47 -2.84
N VAL B 155 -22.62 9.50 -3.36
CA VAL B 155 -21.17 9.47 -3.26
C VAL B 155 -20.56 10.21 -4.45
N THR B 156 -19.46 10.93 -4.20
CA THR B 156 -18.80 11.70 -5.22
C THR B 156 -17.36 11.22 -5.31
N ALA B 157 -16.77 11.18 -6.52
CA ALA B 157 -15.36 10.81 -6.63
C ALA B 157 -14.56 12.11 -6.68
N SER B 158 -13.64 12.27 -5.74
CA SER B 158 -12.91 13.55 -5.64
C SER B 158 -11.44 13.38 -6.02
N SER B 159 -11.05 14.00 -7.13
CA SER B 159 -9.77 13.73 -7.81
C SER B 159 -8.75 14.87 -7.74
N ASP B 160 -7.48 14.51 -7.54
CA ASP B 160 -6.39 15.48 -7.59
C ASP B 160 -6.10 15.98 -9.00
N THR B 161 -6.71 15.34 -10.00
CA THR B 161 -6.54 15.80 -11.38
C THR B 161 -7.90 16.01 -12.07
N PHE B 162 -7.95 16.93 -13.04
CA PHE B 162 -9.13 17.11 -13.88
C PHE B 162 -9.12 16.07 -15.01
N TYR B 163 -7.91 15.65 -15.40
CA TYR B 163 -7.73 14.84 -16.59
C TYR B 163 -7.58 13.31 -16.32
N PRO B 164 -6.36 12.80 -16.09
CA PRO B 164 -6.25 11.34 -15.97
C PRO B 164 -7.00 10.74 -14.79
N GLY B 165 -7.10 11.44 -13.66
CA GLY B 165 -7.86 10.96 -12.52
C GLY B 165 -9.38 10.86 -12.72
N GLN B 166 -9.88 11.54 -13.75
CA GLN B 166 -11.28 11.45 -14.16
C GLN B 166 -11.39 10.66 -15.47
N GLU B 167 -10.35 9.88 -15.73
CA GLU B 167 -10.20 9.08 -16.96
C GLU B 167 -10.52 9.83 -18.25
N ARG B 168 -9.95 11.02 -18.38
CA ARG B 168 -10.02 11.76 -19.63
C ARG B 168 -8.82 11.41 -20.49
N TYR B 169 -9.09 11.15 -21.77
CA TYR B 169 -8.05 10.86 -22.76
C TYR B 169 -7.85 12.02 -23.71
N ASP B 170 -8.66 13.06 -23.54
CA ASP B 170 -8.57 14.24 -24.42
C ASP B 170 -7.45 15.18 -23.99
N THR B 171 -6.23 14.68 -24.09
CA THR B 171 -5.08 15.34 -23.50
C THR B 171 -3.90 15.32 -24.46
N TYR B 172 -2.88 16.06 -24.09
CA TYR B 172 -1.62 16.07 -24.83
C TYR B 172 -1.10 14.66 -25.11
N SER B 173 -0.97 13.83 -24.07
CA SER B 173 -0.38 12.50 -24.25
C SER B 173 -1.44 11.47 -24.65
N GLY B 174 -2.70 11.77 -24.36
CA GLY B 174 -3.79 10.91 -24.77
C GLY B 174 -3.76 9.55 -24.11
N ARG B 175 -3.10 9.46 -22.94
CA ARG B 175 -3.12 8.22 -22.18
C ARG B 175 -3.40 8.40 -20.68
N VAL B 176 -3.74 7.30 -20.04
CA VAL B 176 -4.04 7.30 -18.60
C VAL B 176 -3.25 6.19 -17.94
N VAL B 177 -2.61 6.52 -16.83
CA VAL B 177 -1.77 5.57 -16.11
C VAL B 177 -2.59 4.35 -15.71
N ARG B 178 -1.93 3.20 -15.66
CA ARG B 178 -2.61 1.93 -15.42
C ARG B 178 -3.64 2.00 -14.27
N HIS B 179 -3.26 2.63 -13.17
CA HIS B 179 -4.12 2.66 -12.00
C HIS B 179 -5.52 3.23 -12.33
N PHE B 180 -5.60 4.12 -13.31
CA PHE B 180 -6.86 4.79 -13.59
C PHE B 180 -7.54 4.31 -14.87
N LYS B 181 -6.90 3.38 -15.56
CA LYS B 181 -7.54 2.77 -16.71
C LYS B 181 -8.75 1.97 -16.29
N GLY B 182 -9.89 2.26 -16.92
CA GLY B 182 -11.13 1.60 -16.57
C GLY B 182 -11.75 2.07 -15.25
N SER B 183 -11.19 3.12 -14.65
CA SER B 183 -11.66 3.55 -13.35
C SER B 183 -13.06 4.18 -13.40
N MET B 184 -13.33 4.97 -14.43
CA MET B 184 -14.65 5.61 -14.49
C MET B 184 -15.80 4.60 -14.53
N GLU B 185 -15.68 3.56 -15.36
CA GLU B 185 -16.69 2.51 -15.40
C GLU B 185 -16.89 1.83 -14.04
N GLU B 186 -15.80 1.65 -13.30
CA GLU B 186 -15.91 1.06 -11.97
C GLU B 186 -16.70 1.95 -10.99
N TRP B 187 -16.35 3.24 -10.91
CA TRP B 187 -17.11 4.16 -10.05
C TRP B 187 -18.59 4.20 -10.46
N GLN B 188 -18.86 4.24 -11.76
CA GLN B 188 -20.25 4.23 -12.25
C GLN B 188 -20.99 3.00 -11.75
N ALA B 189 -20.34 1.85 -11.85
CA ALA B 189 -20.93 0.60 -11.40
C ALA B 189 -21.23 0.64 -9.91
N MET B 190 -20.43 1.39 -9.15
CA MET B 190 -20.60 1.52 -7.70
C MET B 190 -21.56 2.64 -7.30
N GLY B 191 -22.14 3.30 -8.30
CA GLY B 191 -23.17 4.28 -8.07
C GLY B 191 -22.66 5.67 -7.80
N VAL B 192 -21.34 5.85 -7.92
CA VAL B 192 -20.76 7.18 -7.79
C VAL B 192 -21.42 8.12 -8.79
N MET B 193 -21.79 9.31 -8.32
CA MET B 193 -22.55 10.25 -9.11
C MET B 193 -21.75 11.10 -10.08
N ASN B 194 -20.55 11.47 -9.69
CA ASN B 194 -19.89 12.61 -10.31
C ASN B 194 -18.44 12.72 -9.88
N TYR B 195 -17.69 13.56 -10.61
CA TYR B 195 -16.31 13.93 -10.29
C TYR B 195 -16.19 15.41 -9.94
N GLU B 196 -15.41 15.74 -8.91
CA GLU B 196 -14.93 17.12 -8.74
C GLU B 196 -13.59 17.02 -8.02
N MET B 197 -13.06 18.12 -7.49
CA MET B 197 -11.64 18.08 -7.09
C MET B 197 -11.29 18.60 -5.69
N GLU B 198 -12.29 18.93 -4.88
CA GLU B 198 -11.98 19.46 -3.55
C GLU B 198 -12.63 18.73 -2.37
N SER B 199 -13.69 17.96 -2.63
CA SER B 199 -14.49 17.42 -1.52
C SER B 199 -13.81 16.38 -0.62
N ALA B 200 -13.00 15.51 -1.19
CA ALA B 200 -12.31 14.50 -0.37
C ALA B 200 -11.45 15.20 0.69
N THR B 201 -10.68 16.20 0.28
CA THR B 201 -9.87 16.95 1.22
C THR B 201 -10.73 17.70 2.25
N LEU B 202 -11.71 18.45 1.76
CA LEU B 202 -12.58 19.23 2.63
C LEU B 202 -13.28 18.32 3.64
N LEU B 203 -13.93 17.27 3.16
CA LEU B 203 -14.74 16.47 4.07
C LEU B 203 -13.88 15.75 5.09
N THR B 204 -12.74 15.24 4.63
CA THR B 204 -11.85 14.48 5.52
C THR B 204 -11.26 15.39 6.58
N MET B 205 -10.69 16.52 6.15
CA MET B 205 -10.05 17.37 7.13
C MET B 205 -11.07 17.90 8.14
N CYS B 206 -12.30 18.15 7.70
CA CYS B 206 -13.30 18.65 8.64
C CYS B 206 -13.80 17.57 9.61
N ALA B 207 -14.17 16.42 9.07
CA ALA B 207 -14.71 15.34 9.88
C ALA B 207 -13.69 14.84 10.88
N SER B 208 -12.41 15.01 10.59
CA SER B 208 -11.38 14.52 11.48
C SER B 208 -10.85 15.59 12.45
N GLN B 209 -11.42 16.79 12.43
CA GLN B 209 -10.99 17.87 13.33
C GLN B 209 -12.16 18.61 14.00
N GLY B 210 -13.32 17.98 14.02
CA GLY B 210 -14.49 18.56 14.67
C GLY B 210 -15.13 19.76 13.99
N LEU B 211 -14.90 19.91 12.68
CA LEU B 211 -15.53 20.99 11.94
C LEU B 211 -16.67 20.43 11.11
N ARG B 212 -17.69 21.23 10.84
CA ARG B 212 -18.81 20.79 10.03
C ARG B 212 -18.61 21.16 8.57
N ALA B 213 -18.82 20.19 7.68
CA ALA B 213 -18.72 20.43 6.25
C ALA B 213 -19.83 19.76 5.46
N GLY B 214 -20.30 20.47 4.45
CA GLY B 214 -21.24 19.93 3.48
C GLY B 214 -20.80 20.30 2.08
N MET B 215 -21.43 19.68 1.09
CA MET B 215 -20.99 19.80 -0.30
C MET B 215 -22.16 19.70 -1.28
N VAL B 216 -22.31 20.73 -2.12
CA VAL B 216 -23.32 20.78 -3.16
C VAL B 216 -22.65 21.25 -4.45
N ALA B 217 -23.06 20.68 -5.59
CA ALA B 217 -22.51 21.10 -6.88
C ALA B 217 -23.56 21.08 -7.97
N GLY B 218 -23.45 22.00 -8.92
CA GLY B 218 -24.27 21.97 -10.12
C GLY B 218 -23.60 21.18 -11.22
N VAL B 219 -24.37 20.33 -11.89
CA VAL B 219 -23.84 19.49 -12.96
C VAL B 219 -23.69 20.33 -14.23
N ILE B 220 -22.46 20.48 -14.73
CA ILE B 220 -22.24 21.26 -15.95
C ILE B 220 -21.88 20.39 -17.14
N VAL B 221 -21.60 19.13 -16.89
CA VAL B 221 -21.40 18.19 -17.99
C VAL B 221 -21.78 16.79 -17.54
N ASN B 222 -22.20 15.97 -18.49
CA ASN B 222 -22.40 14.56 -18.22
C ASN B 222 -21.53 13.72 -19.15
N ARG B 223 -20.57 13.02 -18.57
CA ARG B 223 -19.59 12.24 -19.31
C ARG B 223 -20.19 11.08 -20.11
N THR B 224 -21.43 10.71 -19.79
CA THR B 224 -22.05 9.54 -20.40
C THR B 224 -23.02 9.90 -21.50
N GLN B 225 -23.45 11.14 -21.54
CA GLN B 225 -24.49 11.56 -22.49
C GLN B 225 -23.91 12.06 -23.82
N MET B 234 -23.93 27.06 -18.52
CA MET B 234 -23.40 26.64 -17.23
C MET B 234 -23.56 27.75 -16.18
N LYS B 235 -23.75 28.98 -16.66
CA LYS B 235 -23.93 30.13 -15.78
C LYS B 235 -25.23 30.01 -14.96
N GLN B 236 -26.31 29.60 -15.61
CA GLN B 236 -27.59 29.43 -14.93
C GLN B 236 -27.54 28.31 -13.90
N THR B 237 -26.93 27.19 -14.29
CA THR B 237 -26.72 26.07 -13.38
C THR B 237 -25.97 26.54 -12.13
N GLU B 238 -24.94 27.36 -12.36
CA GLU B 238 -24.16 27.93 -11.26
C GLU B 238 -25.09 28.71 -10.31
N SER B 239 -25.93 29.57 -10.89
CA SER B 239 -26.85 30.38 -10.09
C SER B 239 -27.82 29.55 -9.23
N HIS B 240 -28.25 28.42 -9.77
CA HIS B 240 -29.15 27.50 -9.07
C HIS B 240 -28.49 26.89 -7.81
N ALA B 241 -27.31 26.32 -8.00
CA ALA B 241 -26.56 25.74 -6.88
C ALA B 241 -26.22 26.81 -5.84
N VAL B 242 -25.95 28.03 -6.31
CA VAL B 242 -25.61 29.13 -5.41
C VAL B 242 -26.80 29.51 -4.53
N LYS B 243 -27.99 29.52 -5.11
CA LYS B 243 -29.19 29.82 -4.34
C LYS B 243 -29.39 28.77 -3.25
N ILE B 244 -29.08 27.52 -3.59
CA ILE B 244 -29.21 26.42 -2.64
C ILE B 244 -28.21 26.55 -1.50
N VAL B 245 -26.97 26.91 -1.79
CA VAL B 245 -25.97 26.92 -0.72
C VAL B 245 -26.27 28.07 0.24
N VAL B 246 -26.74 29.18 -0.29
CA VAL B 246 -27.12 30.31 0.56
C VAL B 246 -28.31 29.96 1.47
N GLU B 247 -29.32 29.28 0.92
CA GLU B 247 -30.47 28.84 1.71
C GLU B 247 -30.06 27.81 2.77
N ALA B 248 -29.14 26.91 2.43
CA ALA B 248 -28.70 25.94 3.41
C ALA B 248 -27.96 26.65 4.53
N ALA B 249 -27.18 27.66 4.16
CA ALA B 249 -26.43 28.44 5.14
C ALA B 249 -27.40 29.12 6.13
N ARG B 250 -28.49 29.67 5.63
CA ARG B 250 -29.50 30.29 6.48
C ARG B 250 -29.97 29.31 7.56
N ARG B 251 -30.17 28.05 7.18
CA ARG B 251 -30.66 27.03 8.09
C ARG B 251 -29.63 26.56 9.11
N LEU B 252 -28.37 26.94 8.92
CA LEU B 252 -27.29 26.42 9.75
C LEU B 252 -26.73 27.50 10.68
N LEU B 253 -27.29 28.70 10.60
CA LEU B 253 -26.79 29.80 11.42
C LEU B 253 -27.14 29.62 12.90
N SER C 4 40.15 -7.70 8.55
CA SER C 4 39.39 -6.67 7.84
C SER C 4 38.50 -5.86 8.79
N ASP C 5 38.25 -4.62 8.39
CA ASP C 5 37.43 -3.70 9.17
C ASP C 5 35.93 -3.85 8.89
N VAL C 6 35.58 -4.72 7.95
CA VAL C 6 34.18 -4.87 7.54
C VAL C 6 33.75 -6.33 7.44
N PHE C 7 32.45 -6.58 7.50
CA PHE C 7 31.96 -7.96 7.57
C PHE C 7 32.10 -8.79 6.28
N HIS C 8 32.01 -8.16 5.10
CA HIS C 8 31.99 -8.92 3.84
C HIS C 8 33.17 -8.68 2.91
N LEU C 9 33.57 -7.43 2.75
CA LEU C 9 34.51 -7.10 1.68
C LEU C 9 35.96 -7.56 1.95
N GLY C 10 36.26 -7.87 3.21
CA GLY C 10 37.60 -8.26 3.59
C GLY C 10 38.63 -7.20 3.26
N LEU C 11 38.38 -5.97 3.72
CA LEU C 11 39.26 -4.83 3.48
C LEU C 11 39.46 -4.06 4.78
N THR C 12 40.59 -3.38 4.92
CA THR C 12 40.81 -2.46 6.04
C THR C 12 40.86 -1.05 5.47
N LYS C 13 40.70 -0.05 6.33
CA LYS C 13 40.77 1.33 5.90
C LYS C 13 42.14 1.63 5.28
N ASN C 14 43.19 1.05 5.87
CA ASN C 14 44.52 1.22 5.30
C ASN C 14 44.57 0.77 3.84
N ASP C 15 43.89 -0.33 3.51
CA ASP C 15 43.93 -0.87 2.14
C ASP C 15 43.54 0.17 1.11
N LEU C 16 42.63 1.08 1.48
CA LEU C 16 42.15 2.07 0.52
C LEU C 16 43.14 3.21 0.33
N GLN C 17 44.02 3.42 1.30
CA GLN C 17 45.04 4.46 1.21
C GLN C 17 44.44 5.85 1.00
N GLY C 18 43.34 6.13 1.68
CA GLY C 18 42.71 7.44 1.64
C GLY C 18 41.74 7.66 0.50
N ALA C 19 41.53 6.63 -0.33
CA ALA C 19 40.56 6.74 -1.43
C ALA C 19 39.20 7.19 -0.93
N THR C 20 38.53 8.07 -1.67
CA THR C 20 37.16 8.47 -1.35
C THR C 20 36.18 8.25 -2.50
N LEU C 21 36.66 7.70 -3.61
CA LEU C 21 35.81 7.41 -4.76
C LEU C 21 35.95 5.95 -5.20
N ALA C 22 34.82 5.32 -5.49
CA ALA C 22 34.79 3.94 -5.94
C ALA C 22 33.98 3.81 -7.22
N ILE C 23 34.55 3.06 -8.17
CA ILE C 23 33.83 2.63 -9.36
C ILE C 23 33.27 1.24 -9.07
N VAL C 24 31.97 1.05 -9.30
CA VAL C 24 31.31 -0.18 -8.84
C VAL C 24 30.54 -0.90 -9.95
N PRO C 25 31.23 -1.81 -10.65
CA PRO C 25 30.58 -2.67 -11.65
C PRO C 25 29.80 -3.80 -10.98
N GLY C 26 28.86 -4.39 -11.72
CA GLY C 26 28.13 -5.54 -11.19
C GLY C 26 28.98 -6.80 -11.17
N ASP C 27 29.74 -7.03 -12.23
CA ASP C 27 30.44 -8.29 -12.48
C ASP C 27 31.85 -8.31 -11.84
N PRO C 28 32.11 -9.29 -10.97
CA PRO C 28 33.45 -9.35 -10.36
C PRO C 28 34.57 -9.42 -11.42
N ASP C 29 34.30 -9.99 -12.58
CA ASP C 29 35.34 -10.16 -13.60
C ASP C 29 35.65 -8.88 -14.38
N ARG C 30 34.82 -7.85 -14.21
CA ARG C 30 35.06 -6.58 -14.88
C ARG C 30 35.97 -5.69 -14.03
N VAL C 31 36.14 -6.04 -12.74
CA VAL C 31 36.91 -5.18 -11.84
C VAL C 31 38.34 -4.98 -12.34
N GLU C 32 39.03 -6.07 -12.63
CA GLU C 32 40.42 -5.96 -13.07
C GLU C 32 40.53 -5.16 -14.36
N LYS C 33 39.56 -5.34 -15.25
CA LYS C 33 39.58 -4.65 -16.53
C LYS C 33 39.52 -3.14 -16.33
N ILE C 34 38.68 -2.70 -15.41
CA ILE C 34 38.56 -1.27 -15.13
C ILE C 34 39.84 -0.75 -14.49
N ALA C 35 40.31 -1.44 -13.47
CA ALA C 35 41.53 -1.02 -12.76
C ALA C 35 42.72 -0.95 -13.72
N ALA C 36 42.71 -1.83 -14.72
CA ALA C 36 43.78 -1.90 -15.71
C ALA C 36 43.93 -0.60 -16.51
N LEU C 37 42.85 0.17 -16.61
CA LEU C 37 42.89 1.44 -17.31
C LEU C 37 43.60 2.53 -16.52
N MET C 38 43.86 2.27 -15.25
CA MET C 38 44.47 3.27 -14.39
C MET C 38 45.90 2.90 -13.97
N ASP C 39 46.49 3.71 -13.12
CA ASP C 39 47.88 3.49 -12.71
C ASP C 39 48.00 2.60 -11.48
N LYS C 40 49.07 1.82 -11.43
CA LYS C 40 49.41 1.02 -10.25
C LYS C 40 48.26 0.15 -9.71
N PRO C 41 47.58 -0.60 -10.60
CA PRO C 41 46.47 -1.43 -10.11
C PRO C 41 46.96 -2.61 -9.29
N VAL C 42 46.32 -2.86 -8.15
CA VAL C 42 46.63 -4.03 -7.34
C VAL C 42 45.33 -4.63 -6.82
N LYS C 43 45.27 -5.96 -6.76
CA LYS C 43 44.10 -6.64 -6.24
C LYS C 43 44.12 -6.62 -4.73
N LEU C 44 43.01 -6.22 -4.11
CA LEU C 44 42.96 -6.12 -2.66
C LEU C 44 42.28 -7.33 -2.03
N ALA C 45 41.19 -7.80 -2.62
CA ALA C 45 40.46 -8.91 -2.05
C ALA C 45 39.41 -9.47 -2.99
N SER C 46 38.94 -10.66 -2.65
CA SER C 46 37.88 -11.32 -3.40
C SER C 46 37.11 -12.25 -2.45
N HIS C 47 35.90 -11.86 -2.10
CA HIS C 47 35.05 -12.69 -1.27
C HIS C 47 33.65 -12.65 -1.85
N ARG C 48 32.98 -13.79 -1.86
CA ARG C 48 31.66 -13.85 -2.49
C ARG C 48 31.70 -13.08 -3.83
N GLU C 49 30.69 -12.28 -4.13
CA GLU C 49 30.67 -11.55 -5.41
C GLU C 49 31.40 -10.22 -5.34
N PHE C 50 32.13 -10.01 -4.25
CA PHE C 50 32.85 -8.76 -4.01
C PHE C 50 34.34 -8.87 -4.29
N THR C 51 34.75 -8.38 -5.45
CA THR C 51 36.15 -8.35 -5.83
C THR C 51 36.57 -6.89 -5.84
N THR C 52 37.67 -6.60 -5.15
CA THR C 52 38.14 -5.22 -4.99
C THR C 52 39.58 -5.06 -5.48
N TRP C 53 39.80 -4.05 -6.31
CA TRP C 53 41.14 -3.63 -6.68
C TRP C 53 41.30 -2.17 -6.29
N ARG C 54 42.56 -1.76 -6.11
CA ARG C 54 42.88 -0.36 -5.92
C ARG C 54 43.77 0.05 -7.10
N ALA C 55 43.62 1.30 -7.54
CA ALA C 55 44.49 1.83 -8.58
C ALA C 55 44.71 3.30 -8.32
N GLU C 56 45.29 3.99 -9.30
CA GLU C 56 45.64 5.39 -9.10
C GLU C 56 45.20 6.21 -10.31
N LEU C 57 44.51 7.31 -10.04
CA LEU C 57 43.99 8.16 -11.11
C LEU C 57 44.49 9.57 -10.89
N ASP C 58 45.30 10.06 -11.83
CA ASP C 58 46.00 11.32 -11.65
C ASP C 58 46.69 11.36 -10.29
N GLY C 59 47.36 10.27 -9.94
CA GLY C 59 48.05 10.17 -8.66
C GLY C 59 47.15 10.21 -7.44
N LYS C 60 45.85 9.95 -7.62
CA LYS C 60 44.92 9.86 -6.49
C LYS C 60 44.41 8.42 -6.40
N PRO C 61 44.38 7.86 -5.20
CA PRO C 61 43.94 6.46 -5.08
C PRO C 61 42.43 6.35 -5.33
N VAL C 62 42.04 5.32 -6.08
CA VAL C 62 40.64 5.03 -6.41
C VAL C 62 40.34 3.54 -6.19
N ILE C 63 39.10 3.23 -5.88
CA ILE C 63 38.68 1.85 -5.66
C ILE C 63 37.79 1.35 -6.80
N VAL C 64 38.00 0.10 -7.20
CA VAL C 64 37.09 -0.64 -8.08
C VAL C 64 36.59 -1.86 -7.31
N CYS C 65 35.29 -1.93 -7.08
CA CYS C 65 34.70 -2.99 -6.25
C CYS C 65 33.39 -3.44 -6.87
N SER C 66 33.26 -4.73 -7.12
CA SER C 66 32.05 -5.27 -7.77
C SER C 66 30.93 -5.43 -6.74
N THR C 67 29.70 -5.26 -7.19
CA THR C 67 28.53 -5.33 -6.31
C THR C 67 27.82 -6.67 -6.37
N GLY C 68 28.13 -7.49 -7.38
CA GLY C 68 27.27 -8.60 -7.73
C GLY C 68 25.97 -8.11 -8.34
N ILE C 69 25.07 -9.03 -8.66
CA ILE C 69 23.76 -8.66 -9.20
C ILE C 69 22.76 -8.37 -8.08
N GLY C 70 22.02 -7.26 -8.21
CA GLY C 70 20.93 -6.98 -7.30
C GLY C 70 21.17 -5.96 -6.20
N GLY C 71 20.11 -5.30 -5.79
CA GLY C 71 20.15 -4.35 -4.69
C GLY C 71 20.74 -4.87 -3.38
N PRO C 72 20.44 -6.12 -2.99
CA PRO C 72 20.97 -6.59 -1.69
C PRO C 72 22.49 -6.68 -1.62
N SER C 73 23.13 -7.28 -2.63
CA SER C 73 24.58 -7.37 -2.58
C SER C 73 25.19 -5.98 -2.80
N THR C 74 24.57 -5.20 -3.67
CA THR C 74 24.97 -3.81 -3.85
C THR C 74 24.94 -3.03 -2.54
N SER C 75 23.88 -3.21 -1.76
CA SER C 75 23.73 -2.47 -0.50
C SER C 75 24.85 -2.82 0.48
N ILE C 76 25.31 -4.05 0.46
CA ILE C 76 26.41 -4.46 1.33
C ILE C 76 27.70 -3.78 0.89
N ALA C 77 27.99 -3.85 -0.41
CA ALA C 77 29.21 -3.22 -0.95
C ALA C 77 29.28 -1.72 -0.67
N VAL C 78 28.22 -0.99 -1.00
CA VAL C 78 28.16 0.45 -0.77
C VAL C 78 28.32 0.81 0.72
N GLU C 79 27.60 0.11 1.59
CA GLU C 79 27.66 0.38 3.03
C GLU C 79 29.08 0.20 3.56
N GLU C 80 29.67 -0.94 3.25
CA GLU C 80 30.98 -1.26 3.78
C GLU C 80 32.05 -0.36 3.18
N LEU C 81 31.94 -0.05 1.89
CA LEU C 81 32.84 0.95 1.30
C LEU C 81 32.73 2.32 1.96
N ALA C 82 31.50 2.74 2.27
CA ALA C 82 31.27 4.00 3.00
C ALA C 82 31.89 3.97 4.39
N GLN C 83 31.82 2.84 5.07
CA GLN C 83 32.46 2.71 6.38
C GLN C 83 33.98 2.90 6.28
N LEU C 84 34.53 2.56 5.12
CA LEU C 84 35.97 2.60 4.91
C LEU C 84 36.41 3.94 4.31
N GLY C 85 35.46 4.84 4.04
CA GLY C 85 35.78 6.19 3.62
C GLY C 85 35.28 6.65 2.27
N ILE C 86 34.70 5.73 1.48
CA ILE C 86 34.22 6.11 0.14
C ILE C 86 33.00 7.04 0.22
N ARG C 87 33.02 8.13 -0.55
CA ARG C 87 31.99 9.14 -0.49
C ARG C 87 31.30 9.32 -1.84
N THR C 88 31.98 8.88 -2.89
CA THR C 88 31.45 8.96 -4.26
C THR C 88 31.44 7.58 -4.89
N PHE C 89 30.31 7.20 -5.51
CA PHE C 89 30.16 5.89 -6.13
C PHE C 89 29.68 6.05 -7.57
N LEU C 90 30.38 5.39 -8.50
CA LEU C 90 30.00 5.44 -9.91
C LEU C 90 29.74 4.01 -10.38
N ARG C 91 28.49 3.73 -10.72
CA ARG C 91 28.16 2.42 -11.23
C ARG C 91 28.36 2.42 -12.74
N ILE C 92 28.99 1.36 -13.23
CA ILE C 92 29.09 1.11 -14.66
C ILE C 92 28.49 -0.26 -14.92
N GLY C 93 27.49 -0.33 -15.79
CA GLY C 93 26.72 -1.55 -15.97
C GLY C 93 26.42 -1.95 -17.41
N THR C 94 25.66 -3.04 -17.54
CA THR C 94 25.08 -3.44 -18.83
C THR C 94 23.58 -3.39 -18.67
N THR C 95 22.88 -3.21 -19.78
CA THR C 95 21.44 -2.96 -19.73
C THR C 95 20.71 -3.38 -21.00
N GLY C 96 19.41 -3.64 -20.87
CA GLY C 96 18.58 -3.82 -22.03
C GLY C 96 17.81 -2.54 -22.27
N ALA C 97 18.02 -1.89 -23.41
CA ALA C 97 17.25 -0.69 -23.76
C ALA C 97 15.84 -1.08 -24.18
N ILE C 98 14.87 -0.21 -23.89
CA ILE C 98 13.49 -0.50 -24.20
C ILE C 98 12.84 0.55 -25.12
N GLN C 99 13.65 1.48 -25.62
CA GLN C 99 13.19 2.45 -26.60
C GLN C 99 13.77 2.13 -27.97
N PRO C 100 12.94 2.17 -29.02
CA PRO C 100 13.43 1.75 -30.34
C PRO C 100 14.56 2.65 -30.86
N HIS C 101 14.60 3.91 -30.42
CA HIS C 101 15.59 4.85 -30.93
C HIS C 101 16.97 4.66 -30.29
N ILE C 102 17.08 3.72 -29.36
CA ILE C 102 18.34 3.49 -28.67
C ILE C 102 19.03 2.24 -29.19
N ASN C 103 20.25 2.40 -29.71
CA ASN C 103 20.98 1.28 -30.33
C ASN C 103 21.91 0.48 -29.41
N VAL C 104 21.95 -0.83 -29.63
CA VAL C 104 22.91 -1.70 -28.97
C VAL C 104 24.27 -1.02 -29.10
N GLY C 105 24.98 -0.88 -27.99
CA GLY C 105 26.27 -0.20 -28.02
C GLY C 105 26.23 1.23 -27.52
N ASP C 106 25.05 1.84 -27.48
CA ASP C 106 24.92 3.20 -26.96
C ASP C 106 25.28 3.22 -25.47
N VAL C 107 25.48 4.43 -24.93
CA VAL C 107 25.70 4.57 -23.50
C VAL C 107 24.61 5.40 -22.85
N LEU C 108 24.09 4.90 -21.74
CA LEU C 108 23.00 5.57 -21.05
C LEU C 108 23.48 6.13 -19.72
N VAL C 109 23.17 7.40 -19.49
CA VAL C 109 23.42 8.01 -18.19
C VAL C 109 22.08 8.19 -17.48
N THR C 110 22.02 7.71 -16.25
CA THR C 110 20.76 7.68 -15.52
C THR C 110 20.62 8.88 -14.60
N THR C 111 19.57 9.67 -14.80
CA THR C 111 19.30 10.79 -13.89
C THR C 111 18.56 10.32 -12.63
N ALA C 112 17.68 9.34 -12.79
CA ALA C 112 16.94 8.79 -11.64
C ALA C 112 16.32 7.46 -12.07
N SER C 113 15.96 6.62 -11.10
CA SER C 113 15.44 5.30 -11.42
C SER C 113 14.04 5.03 -10.91
N VAL C 114 13.28 4.24 -11.66
CA VAL C 114 12.01 3.72 -11.18
C VAL C 114 12.38 2.61 -10.19
N ARG C 115 11.80 2.66 -9.00
CA ARG C 115 12.21 1.78 -7.92
C ARG C 115 11.40 0.49 -7.91
N LEU C 116 11.85 -0.50 -8.68
CA LEU C 116 11.19 -1.79 -8.77
C LEU C 116 11.99 -2.82 -7.97
N ASP C 117 12.63 -2.33 -6.91
CA ASP C 117 13.48 -3.15 -6.06
C ASP C 117 12.96 -3.13 -4.63
N GLY C 118 13.55 -3.96 -3.77
CA GLY C 118 13.14 -3.96 -2.38
C GLY C 118 14.12 -3.23 -1.48
N ALA C 119 15.40 -3.28 -1.82
CA ALA C 119 16.44 -2.78 -0.92
C ALA C 119 16.35 -1.26 -0.73
N SER C 120 15.94 -0.55 -1.78
CA SER C 120 15.84 0.91 -1.66
C SER C 120 14.89 1.28 -0.52
N LEU C 121 13.88 0.46 -0.28
CA LEU C 121 12.86 0.74 0.74
C LEU C 121 13.44 0.62 2.14
N HIS C 122 14.59 -0.03 2.24
CA HIS C 122 15.25 -0.20 3.54
C HIS C 122 16.04 1.05 3.90
N PHE C 123 16.09 2.01 2.98
CA PHE C 123 16.80 3.28 3.20
C PHE C 123 15.90 4.51 3.20
N ALA C 124 14.83 4.45 2.41
CA ALA C 124 13.90 5.56 2.29
C ALA C 124 12.57 5.01 1.78
N PRO C 125 11.46 5.63 2.22
CA PRO C 125 10.15 5.15 1.79
C PRO C 125 9.97 5.41 0.29
N LEU C 126 9.03 4.72 -0.35
CA LEU C 126 8.95 4.72 -1.82
C LEU C 126 8.86 6.11 -2.47
N GLU C 127 8.25 7.06 -1.76
CA GLU C 127 8.04 8.40 -2.33
C GLU C 127 9.34 9.19 -2.49
N PHE C 128 10.41 8.74 -1.86
CA PHE C 128 11.73 9.40 -2.01
C PHE C 128 12.34 9.03 -3.36
N PRO C 129 12.87 10.03 -4.10
CA PRO C 129 13.32 9.72 -5.47
C PRO C 129 14.69 9.02 -5.52
N ALA C 130 14.82 8.01 -6.38
CA ALA C 130 16.09 7.33 -6.61
C ALA C 130 16.90 8.16 -7.58
N VAL C 131 17.36 9.31 -7.12
CA VAL C 131 17.96 10.33 -7.99
C VAL C 131 19.49 10.32 -7.90
N ALA C 132 20.16 10.46 -9.04
CA ALA C 132 21.62 10.55 -9.09
C ALA C 132 22.09 11.93 -8.64
N ASP C 133 23.31 11.99 -8.12
CA ASP C 133 23.94 13.24 -7.71
C ASP C 133 24.22 14.10 -8.94
N PHE C 134 23.89 15.38 -8.88
CA PHE C 134 24.00 16.30 -10.03
C PHE C 134 25.44 16.39 -10.56
N GLU C 135 26.41 16.48 -9.67
CA GLU C 135 27.81 16.54 -10.10
C GLU C 135 28.25 15.27 -10.80
N CYS C 136 27.88 14.11 -10.25
CA CYS C 136 28.24 12.85 -10.88
C CYS C 136 27.61 12.71 -12.26
N THR C 137 26.34 13.08 -12.35
CA THR C 137 25.61 12.97 -13.61
C THR C 137 26.29 13.92 -14.62
N THR C 138 26.58 15.13 -14.17
CA THR C 138 27.27 16.09 -15.04
C THR C 138 28.62 15.53 -15.52
N ALA C 139 29.42 14.98 -14.61
CA ALA C 139 30.70 14.38 -14.97
C ALA C 139 30.57 13.24 -15.98
N LEU C 140 29.53 12.41 -15.84
CA LEU C 140 29.32 11.29 -16.76
C LEU C 140 28.92 11.74 -18.15
N VAL C 141 28.09 12.78 -18.22
CA VAL C 141 27.67 13.33 -19.51
C VAL C 141 28.87 13.99 -20.22
N GLU C 142 29.63 14.80 -19.52
CA GLU C 142 30.83 15.44 -20.08
C GLU C 142 31.86 14.40 -20.55
N ALA C 143 32.07 13.34 -19.77
CA ALA C 143 32.99 12.29 -20.18
C ALA C 143 32.51 11.63 -21.46
N ALA C 144 31.23 11.26 -21.49
CA ALA C 144 30.64 10.68 -22.69
C ALA C 144 30.84 11.59 -23.89
N LYS C 145 30.58 12.88 -23.70
CA LYS C 145 30.79 13.88 -24.74
C LYS C 145 32.25 13.87 -25.18
N SER C 146 33.15 13.84 -24.20
CA SER C 146 34.58 13.82 -24.42
C SER C 146 35.03 12.74 -25.41
N ILE C 147 34.56 11.52 -25.21
CA ILE C 147 34.99 10.43 -26.08
C ILE C 147 34.05 10.20 -27.26
N GLY C 148 33.06 11.07 -27.41
CA GLY C 148 32.20 11.09 -28.57
C GLY C 148 31.20 9.95 -28.72
N ALA C 149 30.89 9.26 -27.63
CA ALA C 149 29.94 8.16 -27.68
C ALA C 149 28.50 8.64 -27.84
N THR C 150 27.67 7.82 -28.47
CA THR C 150 26.25 8.14 -28.59
C THR C 150 25.58 7.92 -27.24
N THR C 151 25.00 8.98 -26.70
CA THR C 151 24.58 8.99 -25.30
C THR C 151 23.15 9.44 -25.12
N HIS C 152 22.43 8.79 -24.22
CA HIS C 152 21.09 9.23 -23.87
C HIS C 152 21.04 9.43 -22.36
N VAL C 153 20.34 10.47 -21.94
CA VAL C 153 20.27 10.84 -20.54
C VAL C 153 18.82 10.77 -20.10
N GLY C 154 18.57 10.06 -19.01
CA GLY C 154 17.19 9.90 -18.60
C GLY C 154 16.94 8.88 -17.53
N VAL C 155 15.70 8.42 -17.47
CA VAL C 155 15.24 7.60 -16.37
C VAL C 155 15.41 6.13 -16.72
N THR C 156 15.76 5.35 -15.70
CA THR C 156 16.04 3.92 -15.85
C THR C 156 15.09 3.15 -14.93
N ALA C 157 14.58 2.01 -15.39
CA ALA C 157 13.79 1.12 -14.54
C ALA C 157 14.68 0.06 -13.87
N SER C 158 14.68 0.03 -12.54
CA SER C 158 15.63 -0.81 -11.82
C SER C 158 14.88 -1.91 -11.08
N SER C 159 15.05 -3.15 -11.54
CA SER C 159 14.21 -4.28 -11.13
C SER C 159 14.97 -5.30 -10.28
N ASP C 160 14.29 -5.84 -9.29
CA ASP C 160 14.83 -6.92 -8.48
C ASP C 160 14.89 -8.26 -9.22
N THR C 161 14.29 -8.33 -10.42
CA THR C 161 14.35 -9.54 -11.22
C THR C 161 14.81 -9.23 -12.64
N PHE C 162 15.46 -10.21 -13.27
CA PHE C 162 15.83 -10.14 -14.68
C PHE C 162 14.64 -10.53 -15.55
N TYR C 163 13.79 -11.43 -15.02
CA TYR C 163 12.71 -12.02 -15.81
C TYR C 163 11.33 -11.33 -15.67
N PRO C 164 10.50 -11.68 -14.66
CA PRO C 164 9.16 -11.08 -14.69
C PRO C 164 9.13 -9.57 -14.44
N GLY C 165 10.06 -9.06 -13.63
CA GLY C 165 10.17 -7.63 -13.37
C GLY C 165 10.57 -6.83 -14.60
N GLN C 166 11.13 -7.51 -15.60
CA GLN C 166 11.42 -6.88 -16.89
C GLN C 166 10.44 -7.37 -17.94
N GLU C 167 9.35 -7.94 -17.45
CA GLU C 167 8.28 -8.50 -18.26
C GLU C 167 8.75 -9.38 -19.42
N ARG C 168 9.68 -10.29 -19.10
CA ARG C 168 10.05 -11.37 -20.01
C ARG C 168 9.11 -12.54 -19.86
N TYR C 169 8.63 -13.09 -20.98
CA TYR C 169 7.75 -14.26 -20.95
C TYR C 169 8.43 -15.56 -21.41
N ASP C 170 9.66 -15.44 -21.90
CA ASP C 170 10.43 -16.59 -22.35
C ASP C 170 11.06 -17.32 -21.18
N THR C 171 10.21 -17.87 -20.33
CA THR C 171 10.61 -18.39 -19.02
C THR C 171 10.02 -19.77 -18.75
N TYR C 172 10.41 -20.36 -17.61
CA TYR C 172 9.88 -21.65 -17.21
C TYR C 172 8.34 -21.64 -17.12
N SER C 173 7.79 -20.65 -16.42
CA SER C 173 6.34 -20.57 -16.23
C SER C 173 5.67 -19.93 -17.42
N GLY C 174 6.39 -19.03 -18.09
CA GLY C 174 5.84 -18.29 -19.22
C GLY C 174 4.78 -17.28 -18.84
N ARG C 175 4.72 -16.92 -17.57
CA ARG C 175 3.73 -15.93 -17.15
C ARG C 175 4.33 -14.86 -16.27
N VAL C 176 3.57 -13.77 -16.10
CA VAL C 176 4.03 -12.63 -15.31
C VAL C 176 2.91 -12.23 -14.34
N VAL C 177 3.30 -12.02 -13.08
CA VAL C 177 2.34 -11.70 -12.03
C VAL C 177 1.57 -10.45 -12.43
N ARG C 178 0.31 -10.38 -12.04
CA ARG C 178 -0.59 -9.30 -12.44
C ARG C 178 0.04 -7.90 -12.33
N HIS C 179 0.76 -7.64 -11.24
CA HIS C 179 1.35 -6.33 -10.99
C HIS C 179 2.31 -5.90 -12.11
N PHE C 180 2.94 -6.87 -12.77
CA PHE C 180 3.93 -6.56 -13.82
C PHE C 180 3.44 -6.74 -15.25
N LYS C 181 2.20 -7.22 -15.42
CA LYS C 181 1.65 -7.37 -16.76
C LYS C 181 1.37 -6.01 -17.36
N GLY C 182 1.89 -5.78 -18.57
CA GLY C 182 1.75 -4.47 -19.22
C GLY C 182 2.68 -3.40 -18.68
N SER C 183 3.60 -3.79 -17.79
CA SER C 183 4.48 -2.80 -17.16
C SER C 183 5.51 -2.24 -18.12
N MET C 184 6.08 -3.09 -18.98
CA MET C 184 7.09 -2.61 -19.91
C MET C 184 6.56 -1.54 -20.84
N GLU C 185 5.36 -1.76 -21.38
CA GLU C 185 4.74 -0.80 -22.28
C GLU C 185 4.47 0.53 -21.55
N GLU C 186 4.15 0.43 -20.26
CA GLU C 186 3.95 1.61 -19.45
C GLU C 186 5.24 2.43 -19.32
N TRP C 187 6.34 1.77 -18.97
CA TRP C 187 7.61 2.50 -18.85
C TRP C 187 8.02 3.06 -20.21
N GLN C 188 7.79 2.31 -21.27
CA GLN C 188 8.10 2.82 -22.61
C GLN C 188 7.36 4.11 -22.90
N ALA C 189 6.06 4.14 -22.58
CA ALA C 189 5.25 5.31 -22.85
C ALA C 189 5.74 6.50 -22.02
N MET C 190 6.29 6.20 -20.85
CA MET C 190 6.78 7.24 -19.94
C MET C 190 8.22 7.66 -20.22
N GLY C 191 8.79 7.18 -21.33
CA GLY C 191 10.11 7.59 -21.75
C GLY C 191 11.29 6.92 -21.06
N VAL C 192 11.01 5.95 -20.21
CA VAL C 192 12.07 5.18 -19.56
C VAL C 192 13.01 4.53 -20.59
N MET C 193 14.31 4.63 -20.36
CA MET C 193 15.27 4.21 -21.37
C MET C 193 15.55 2.71 -21.41
N ASN C 194 15.57 2.09 -20.24
CA ASN C 194 16.21 0.79 -20.10
C ASN C 194 15.87 0.14 -18.76
N TYR C 195 16.17 -1.16 -18.66
CA TYR C 195 16.12 -1.89 -17.41
C TYR C 195 17.52 -2.27 -16.97
N GLU C 196 17.78 -2.22 -15.66
CA GLU C 196 18.93 -2.92 -15.09
C GLU C 196 18.54 -3.25 -13.64
N MET C 197 19.49 -3.67 -12.81
CA MET C 197 19.07 -4.28 -11.54
C MET C 197 19.71 -3.75 -10.24
N GLU C 198 20.49 -2.68 -10.29
CA GLU C 198 21.14 -2.18 -9.07
C GLU C 198 20.95 -0.68 -8.79
N SER C 199 20.58 0.09 -9.80
CA SER C 199 20.59 1.55 -9.66
C SER C 199 19.60 2.10 -8.65
N ALA C 200 18.41 1.52 -8.56
CA ALA C 200 17.44 2.03 -7.58
C ALA C 200 18.02 1.97 -6.17
N THR C 201 18.63 0.84 -5.84
CA THR C 201 19.20 0.67 -4.51
C THR C 201 20.38 1.62 -4.33
N LEU C 202 21.29 1.62 -5.29
CA LEU C 202 22.47 2.49 -5.21
C LEU C 202 22.09 3.97 -5.04
N LEU C 203 21.25 4.47 -5.95
CA LEU C 203 20.94 5.90 -5.94
C LEU C 203 20.16 6.30 -4.69
N THR C 204 19.20 5.48 -4.27
CA THR C 204 18.40 5.81 -3.09
C THR C 204 19.27 5.80 -1.84
N MET C 205 20.03 4.74 -1.66
CA MET C 205 20.89 4.66 -0.47
C MET C 205 21.91 5.80 -0.40
N CYS C 206 22.45 6.23 -1.55
CA CYS C 206 23.40 7.35 -1.54
C CYS C 206 22.72 8.72 -1.35
N ALA C 207 21.66 8.97 -2.10
CA ALA C 207 20.96 10.24 -2.01
C ALA C 207 20.37 10.51 -0.63
N SER C 208 20.07 9.46 0.12
CA SER C 208 19.45 9.62 1.44
C SER C 208 20.45 9.57 2.59
N GLN C 209 21.75 9.54 2.26
CA GLN C 209 22.80 9.48 3.27
C GLN C 209 23.96 10.42 2.96
N GLY C 210 23.76 11.36 2.05
CA GLY C 210 24.76 12.37 1.75
C GLY C 210 25.96 11.85 1.00
N LEU C 211 25.80 10.70 0.34
CA LEU C 211 26.85 10.18 -0.50
C LEU C 211 26.51 10.51 -1.96
N ARG C 212 27.53 10.76 -2.77
CA ARG C 212 27.32 11.03 -4.20
C ARG C 212 27.36 9.76 -5.03
N ALA C 213 26.38 9.61 -5.93
CA ALA C 213 26.36 8.45 -6.82
C ALA C 213 25.94 8.88 -8.21
N GLY C 214 26.50 8.19 -9.21
CA GLY C 214 26.11 8.35 -10.60
C GLY C 214 26.05 6.97 -11.24
N MET C 215 25.44 6.90 -12.40
CA MET C 215 25.15 5.60 -13.01
C MET C 215 25.24 5.73 -14.54
N VAL C 216 26.07 4.89 -15.14
CA VAL C 216 26.22 4.84 -16.59
C VAL C 216 26.22 3.36 -17.00
N ALA C 217 25.70 3.06 -18.20
CA ALA C 217 25.60 1.66 -18.61
C ALA C 217 25.69 1.51 -20.12
N GLY C 218 26.22 0.38 -20.56
CA GLY C 218 26.30 0.07 -21.98
C GLY C 218 25.15 -0.80 -22.40
N VAL C 219 24.50 -0.42 -23.50
CA VAL C 219 23.35 -1.17 -23.99
C VAL C 219 23.81 -2.46 -24.68
N ILE C 220 23.45 -3.62 -24.13
CA ILE C 220 23.83 -4.90 -24.73
C ILE C 220 22.67 -5.67 -25.35
N VAL C 221 21.43 -5.23 -25.09
CA VAL C 221 20.28 -5.72 -25.83
C VAL C 221 19.23 -4.63 -25.98
N ASN C 222 18.46 -4.70 -27.06
CA ASN C 222 17.29 -3.83 -27.21
C ASN C 222 16.04 -4.69 -27.29
N ARG C 223 15.20 -4.56 -26.27
CA ARG C 223 14.02 -5.40 -26.13
C ARG C 223 13.08 -5.27 -27.33
N THR C 224 13.21 -4.18 -28.09
CA THR C 224 12.32 -3.95 -29.24
C THR C 224 12.93 -4.39 -30.56
N GLN C 225 14.24 -4.65 -30.57
CA GLN C 225 14.96 -4.97 -31.80
C GLN C 225 15.16 -6.47 -31.99
N LYS C 235 31.42 -7.66 -29.89
CA LYS C 235 31.17 -6.23 -29.77
C LYS C 235 30.08 -5.97 -28.75
N GLN C 236 30.48 -5.52 -27.57
CA GLN C 236 29.54 -5.29 -26.49
C GLN C 236 29.63 -3.85 -25.96
N THR C 237 30.70 -3.15 -26.36
CA THR C 237 30.94 -1.76 -25.94
C THR C 237 31.04 -1.59 -24.42
N GLU C 238 31.26 -2.69 -23.72
CA GLU C 238 31.63 -2.64 -22.31
C GLU C 238 32.80 -1.67 -22.20
N SER C 239 33.80 -1.85 -23.07
CA SER C 239 34.99 -1.03 -23.06
C SER C 239 34.67 0.45 -23.28
N HIS C 240 33.59 0.71 -24.00
CA HIS C 240 33.18 2.08 -24.25
C HIS C 240 32.65 2.76 -22.97
N ALA C 241 31.78 2.04 -22.27
CA ALA C 241 31.22 2.54 -21.02
C ALA C 241 32.32 2.68 -19.96
N VAL C 242 33.26 1.76 -19.97
CA VAL C 242 34.36 1.74 -19.00
C VAL C 242 35.28 2.97 -19.10
N LYS C 243 35.63 3.38 -20.32
CA LYS C 243 36.43 4.59 -20.50
C LYS C 243 35.70 5.84 -19.99
N ILE C 244 34.41 5.91 -20.27
CA ILE C 244 33.61 7.03 -19.78
C ILE C 244 33.56 7.08 -18.25
N VAL C 245 33.33 5.95 -17.59
CA VAL C 245 33.25 5.98 -16.12
C VAL C 245 34.59 6.37 -15.48
N VAL C 246 35.69 5.95 -16.10
CA VAL C 246 37.02 6.32 -15.60
C VAL C 246 37.27 7.82 -15.81
N GLU C 247 36.89 8.32 -16.99
CA GLU C 247 37.04 9.73 -17.31
C GLU C 247 36.16 10.57 -16.38
N ALA C 248 34.97 10.08 -16.09
CA ALA C 248 34.09 10.79 -15.18
C ALA C 248 34.71 10.83 -13.79
N ALA C 249 35.22 9.69 -13.34
CA ALA C 249 35.90 9.64 -12.05
C ALA C 249 36.99 10.71 -11.97
N ARG C 250 37.75 10.87 -13.04
CA ARG C 250 38.82 11.85 -13.06
C ARG C 250 38.28 13.23 -12.72
N ARG C 251 37.15 13.58 -13.32
CA ARG C 251 36.54 14.88 -13.11
C ARG C 251 35.98 15.07 -11.71
N LEU C 252 35.82 13.97 -10.96
CA LEU C 252 35.16 14.03 -9.64
C LEU C 252 36.13 13.93 -8.47
N LEU C 253 37.41 13.73 -8.77
CA LEU C 253 38.42 13.62 -7.72
C LEU C 253 38.54 14.94 -6.96
N SER D 4 25.69 -21.68 -24.06
CA SER D 4 24.76 -21.68 -22.93
C SER D 4 23.31 -21.63 -23.39
N ASP D 5 22.47 -22.47 -22.79
CA ASP D 5 21.02 -22.43 -23.01
C ASP D 5 20.38 -21.28 -22.24
N VAL D 6 21.13 -20.70 -21.30
CA VAL D 6 20.59 -19.67 -20.42
C VAL D 6 21.51 -18.47 -20.36
N PHE D 7 20.96 -17.31 -19.99
CA PHE D 7 21.68 -16.05 -20.12
C PHE D 7 22.84 -15.85 -19.15
N HIS D 8 22.71 -16.39 -17.93
CA HIS D 8 23.70 -16.11 -16.89
C HIS D 8 24.58 -17.30 -16.49
N LEU D 9 23.98 -18.47 -16.28
CA LEU D 9 24.71 -19.62 -15.72
C LEU D 9 25.79 -20.24 -16.62
N GLY D 10 25.66 -20.06 -17.93
CA GLY D 10 26.61 -20.66 -18.86
C GLY D 10 26.55 -22.17 -18.82
N LEU D 11 25.33 -22.69 -18.95
CA LEU D 11 25.07 -24.12 -18.90
C LEU D 11 24.06 -24.51 -19.97
N THR D 12 24.12 -25.76 -20.40
CA THR D 12 23.08 -26.32 -21.26
C THR D 12 22.40 -27.47 -20.52
N LYS D 13 21.24 -27.89 -21.01
CA LYS D 13 20.50 -28.96 -20.37
C LYS D 13 21.33 -30.26 -20.35
N ASN D 14 22.08 -30.49 -21.41
CA ASN D 14 22.97 -31.65 -21.47
C ASN D 14 24.00 -31.68 -20.35
N ASP D 15 24.50 -30.51 -19.95
CA ASP D 15 25.46 -30.43 -18.85
C ASP D 15 24.93 -31.04 -17.55
N LEU D 16 23.61 -31.02 -17.38
CA LEU D 16 22.99 -31.48 -16.13
C LEU D 16 22.77 -32.99 -16.09
N GLN D 17 22.92 -33.64 -17.23
CA GLN D 17 22.76 -35.10 -17.31
C GLN D 17 21.46 -35.60 -16.68
N GLY D 18 20.40 -34.82 -16.81
CA GLY D 18 19.09 -35.24 -16.36
C GLY D 18 18.77 -34.90 -14.91
N ALA D 19 19.67 -34.18 -14.24
CA ALA D 19 19.46 -33.83 -12.84
C ALA D 19 18.16 -33.04 -12.66
N THR D 20 17.44 -33.31 -11.58
CA THR D 20 16.22 -32.56 -11.27
C THR D 20 16.25 -31.90 -9.90
N LEU D 21 17.36 -32.05 -9.18
CA LEU D 21 17.48 -31.46 -7.85
C LEU D 21 18.76 -30.65 -7.75
N ALA D 22 18.64 -29.44 -7.22
CA ALA D 22 19.82 -28.58 -6.98
C ALA D 22 19.96 -28.19 -5.51
N ILE D 23 21.20 -28.21 -5.04
CA ILE D 23 21.54 -27.61 -3.76
C ILE D 23 22.07 -26.21 -4.08
N VAL D 24 21.51 -25.20 -3.41
CA VAL D 24 21.84 -23.83 -3.75
C VAL D 24 22.34 -23.01 -2.57
N PRO D 25 23.66 -23.04 -2.34
CA PRO D 25 24.27 -22.22 -1.29
C PRO D 25 24.38 -20.76 -1.75
N GLY D 26 24.57 -19.82 -0.82
CA GLY D 26 24.72 -18.43 -1.21
C GLY D 26 26.13 -18.11 -1.71
N ASP D 27 27.12 -18.73 -1.10
CA ASP D 27 28.52 -18.43 -1.39
C ASP D 27 29.10 -19.35 -2.46
N PRO D 28 29.59 -18.74 -3.55
CA PRO D 28 30.22 -19.49 -4.64
C PRO D 28 31.34 -20.42 -4.16
N ASP D 29 32.02 -20.03 -3.09
CA ASP D 29 33.14 -20.81 -2.57
C ASP D 29 32.68 -22.06 -1.85
N ARG D 30 31.41 -22.10 -1.46
CA ARG D 30 30.88 -23.24 -0.74
C ARG D 30 30.49 -24.37 -1.69
N VAL D 31 30.42 -24.07 -2.99
CA VAL D 31 29.89 -25.05 -3.95
C VAL D 31 30.73 -26.32 -4.07
N GLU D 32 32.03 -26.16 -4.26
CA GLU D 32 32.91 -27.32 -4.38
C GLU D 32 32.96 -28.13 -3.08
N LYS D 33 32.80 -27.45 -1.94
CA LYS D 33 32.75 -28.14 -0.65
C LYS D 33 31.54 -29.06 -0.52
N ILE D 34 30.40 -28.58 -0.99
CA ILE D 34 29.20 -29.40 -0.99
C ILE D 34 29.34 -30.55 -2.00
N ALA D 35 29.79 -30.25 -3.21
CA ALA D 35 29.97 -31.26 -4.25
C ALA D 35 30.93 -32.37 -3.82
N ALA D 36 31.94 -31.99 -3.04
CA ALA D 36 32.96 -32.94 -2.61
C ALA D 36 32.46 -33.98 -1.62
N LEU D 37 31.26 -33.80 -1.08
CA LEU D 37 30.63 -34.81 -0.22
C LEU D 37 29.96 -35.90 -1.04
N MET D 38 29.90 -35.74 -2.36
CA MET D 38 29.19 -36.68 -3.22
C MET D 38 30.14 -37.37 -4.19
N ASP D 39 29.59 -38.19 -5.07
CA ASP D 39 30.41 -38.92 -6.02
C ASP D 39 30.68 -38.17 -7.33
N LYS D 40 31.83 -38.46 -7.93
CA LYS D 40 32.19 -37.89 -9.23
C LYS D 40 31.93 -36.39 -9.37
N PRO D 41 32.38 -35.59 -8.39
CA PRO D 41 32.13 -34.15 -8.52
C PRO D 41 32.90 -33.53 -9.67
N VAL D 42 32.22 -32.72 -10.48
CA VAL D 42 32.88 -31.98 -11.55
C VAL D 42 32.37 -30.54 -11.64
N LYS D 43 33.29 -29.60 -11.89
CA LYS D 43 32.92 -28.21 -12.10
C LYS D 43 32.31 -28.02 -13.49
N LEU D 44 31.11 -27.46 -13.56
CA LEU D 44 30.46 -27.25 -14.84
C LEU D 44 30.71 -25.84 -15.37
N ALA D 45 30.65 -24.85 -14.50
CA ALA D 45 30.78 -23.47 -14.95
C ALA D 45 30.97 -22.48 -13.80
N SER D 46 31.48 -21.30 -14.14
CA SER D 46 31.54 -20.20 -13.18
C SER D 46 31.42 -18.87 -13.89
N HIS D 47 30.34 -18.14 -13.63
CA HIS D 47 30.12 -16.82 -14.20
C HIS D 47 29.47 -15.92 -13.15
N ARG D 48 30.00 -14.71 -13.01
CA ARG D 48 29.52 -13.81 -11.97
C ARG D 48 29.49 -14.58 -10.64
N GLU D 49 28.40 -14.46 -9.88
CA GLU D 49 28.31 -15.17 -8.60
C GLU D 49 27.74 -16.57 -8.73
N PHE D 50 27.66 -17.08 -9.96
CA PHE D 50 27.07 -18.38 -10.21
C PHE D 50 28.13 -19.43 -10.53
N THR D 51 28.53 -20.19 -9.52
CA THR D 51 29.46 -21.29 -9.69
C THR D 51 28.68 -22.59 -9.60
N THR D 52 28.82 -23.46 -10.59
CA THR D 52 28.00 -24.65 -10.68
C THR D 52 28.85 -25.91 -10.79
N TRP D 53 28.62 -26.86 -9.90
CA TRP D 53 29.25 -28.17 -9.94
C TRP D 53 28.16 -29.21 -10.11
N ARG D 54 28.53 -30.34 -10.68
CA ARG D 54 27.66 -31.51 -10.78
C ARG D 54 28.31 -32.66 -10.04
N ALA D 55 27.48 -33.48 -9.39
CA ALA D 55 27.99 -34.65 -8.69
C ALA D 55 26.93 -35.74 -8.72
N GLU D 56 27.26 -36.88 -8.15
CA GLU D 56 26.36 -38.01 -8.18
C GLU D 56 26.03 -38.42 -6.75
N LEU D 57 24.73 -38.58 -6.49
CA LEU D 57 24.23 -38.98 -5.19
C LEU D 57 23.40 -40.24 -5.35
N ASP D 58 23.81 -41.32 -4.70
CA ASP D 58 23.16 -42.60 -4.87
C ASP D 58 22.93 -42.92 -6.35
N GLY D 59 23.92 -42.61 -7.17
CA GLY D 59 23.86 -42.92 -8.58
C GLY D 59 23.09 -41.93 -9.44
N LYS D 60 22.49 -40.91 -8.83
CA LYS D 60 21.75 -39.89 -9.57
C LYS D 60 22.52 -38.56 -9.62
N PRO D 61 22.55 -37.90 -10.79
CA PRO D 61 23.20 -36.59 -10.89
C PRO D 61 22.45 -35.55 -10.05
N VAL D 62 23.22 -34.70 -9.38
CA VAL D 62 22.68 -33.61 -8.58
C VAL D 62 23.49 -32.38 -8.90
N ILE D 63 22.86 -31.21 -8.85
CA ILE D 63 23.55 -29.97 -9.15
C ILE D 63 23.79 -29.17 -7.88
N VAL D 64 24.91 -28.49 -7.82
CA VAL D 64 25.18 -27.52 -6.78
C VAL D 64 25.51 -26.21 -7.46
N CYS D 65 24.74 -25.16 -7.12
CA CYS D 65 24.85 -23.88 -7.80
C CYS D 65 24.68 -22.74 -6.82
N SER D 66 25.66 -21.83 -6.76
CA SER D 66 25.55 -20.71 -5.83
C SER D 66 24.58 -19.66 -6.34
N THR D 67 23.95 -18.95 -5.42
CA THR D 67 22.94 -17.94 -5.77
C THR D 67 23.49 -16.53 -5.72
N GLY D 68 24.59 -16.37 -4.99
CA GLY D 68 25.02 -15.05 -4.57
C GLY D 68 24.15 -14.55 -3.43
N ILE D 69 24.46 -13.34 -2.95
CA ILE D 69 23.66 -12.73 -1.90
C ILE D 69 22.42 -12.05 -2.49
N GLY D 70 21.25 -12.37 -1.94
CA GLY D 70 20.04 -11.60 -2.25
C GLY D 70 19.05 -12.25 -3.19
N GLY D 71 17.79 -11.84 -3.08
CA GLY D 71 16.73 -12.30 -3.95
C GLY D 71 16.97 -12.15 -5.44
N PRO D 72 17.53 -11.01 -5.88
CA PRO D 72 17.70 -10.83 -7.33
C PRO D 72 18.61 -11.87 -7.96
N SER D 73 19.80 -12.08 -7.40
CA SER D 73 20.69 -13.06 -8.00
C SER D 73 20.13 -14.45 -7.81
N THR D 74 19.48 -14.68 -6.66
CA THR D 74 18.80 -15.94 -6.41
C THR D 74 17.74 -16.24 -7.46
N SER D 75 16.96 -15.22 -7.81
CA SER D 75 15.87 -15.38 -8.78
C SER D 75 16.41 -15.77 -10.15
N ILE D 76 17.60 -15.29 -10.48
CA ILE D 76 18.20 -15.62 -11.78
C ILE D 76 18.64 -17.09 -11.76
N ALA D 77 19.37 -17.49 -10.73
CA ALA D 77 19.87 -18.85 -10.61
C ALA D 77 18.71 -19.87 -10.65
N VAL D 78 17.68 -19.62 -9.85
CA VAL D 78 16.55 -20.55 -9.78
C VAL D 78 15.80 -20.64 -11.10
N GLU D 79 15.49 -19.50 -11.71
CA GLU D 79 14.79 -19.50 -12.99
C GLU D 79 15.59 -20.25 -14.05
N GLU D 80 16.88 -19.97 -14.14
CA GLU D 80 17.68 -20.60 -15.20
C GLU D 80 17.91 -22.09 -14.95
N LEU D 81 18.04 -22.48 -13.68
CA LEU D 81 18.08 -23.91 -13.35
C LEU D 81 16.74 -24.60 -13.64
N ALA D 82 15.64 -23.89 -13.37
CA ALA D 82 14.33 -24.43 -13.70
C ALA D 82 14.18 -24.64 -15.21
N GLN D 83 14.68 -23.71 -16.00
CA GLN D 83 14.67 -23.89 -17.45
C GLN D 83 15.47 -25.12 -17.89
N LEU D 84 16.52 -25.44 -17.11
CA LEU D 84 17.39 -26.57 -17.42
C LEU D 84 16.90 -27.88 -16.81
N GLY D 85 15.74 -27.84 -16.16
CA GLY D 85 15.07 -29.03 -15.67
C GLY D 85 15.05 -29.29 -14.17
N ILE D 86 15.66 -28.40 -13.38
CA ILE D 86 15.61 -28.57 -11.93
C ILE D 86 14.20 -28.29 -11.41
N ARG D 87 13.72 -29.16 -10.50
CA ARG D 87 12.37 -29.07 -9.96
C ARG D 87 12.34 -29.00 -8.43
N THR D 88 13.46 -29.33 -7.80
CA THR D 88 13.59 -29.28 -6.34
C THR D 88 14.84 -28.49 -6.00
N PHE D 89 14.70 -27.52 -5.10
CA PHE D 89 15.80 -26.59 -4.75
C PHE D 89 15.99 -26.62 -3.23
N LEU D 90 17.19 -26.96 -2.76
CA LEU D 90 17.45 -26.91 -1.33
C LEU D 90 18.47 -25.83 -1.04
N ARG D 91 18.06 -24.78 -0.37
CA ARG D 91 19.00 -23.74 0.03
C ARG D 91 19.68 -24.12 1.32
N ILE D 92 21.00 -23.96 1.36
CA ILE D 92 21.79 -24.17 2.56
C ILE D 92 22.54 -22.86 2.84
N GLY D 93 22.31 -22.27 4.01
CA GLY D 93 22.79 -20.91 4.29
C GLY D 93 23.43 -20.69 5.65
N THR D 94 23.76 -19.42 5.92
CA THR D 94 24.21 -18.95 7.24
C THR D 94 23.22 -17.92 7.73
N THR D 95 23.02 -17.84 9.05
CA THR D 95 22.05 -16.88 9.59
C THR D 95 22.44 -16.36 10.96
N GLY D 96 21.84 -15.25 11.34
CA GLY D 96 21.92 -14.80 12.72
C GLY D 96 20.61 -15.06 13.42
N ALA D 97 20.67 -15.80 14.52
CA ALA D 97 19.46 -16.05 15.32
C ALA D 97 19.08 -14.80 16.11
N ILE D 98 17.79 -14.62 16.34
CA ILE D 98 17.32 -13.47 17.12
C ILE D 98 16.50 -13.92 18.35
N GLN D 99 16.59 -15.22 18.66
CA GLN D 99 15.96 -15.79 19.85
C GLN D 99 17.02 -16.28 20.83
N PRO D 100 16.85 -15.99 22.13
CA PRO D 100 17.86 -16.33 23.13
C PRO D 100 18.06 -17.83 23.31
N HIS D 101 17.05 -18.63 23.00
CA HIS D 101 17.15 -20.08 23.22
C HIS D 101 17.85 -20.82 22.08
N ILE D 102 18.15 -20.10 21.01
CA ILE D 102 18.85 -20.66 19.86
C ILE D 102 20.34 -20.38 19.95
N ASN D 103 21.14 -21.43 19.97
CA ASN D 103 22.56 -21.26 20.18
C ASN D 103 23.36 -21.24 18.88
N VAL D 104 24.48 -20.55 18.87
CA VAL D 104 25.38 -20.58 17.73
C VAL D 104 25.75 -22.04 17.53
N GLY D 105 25.79 -22.48 16.28
CA GLY D 105 26.02 -23.88 15.99
C GLY D 105 24.77 -24.68 15.74
N ASP D 106 23.60 -24.20 16.20
CA ASP D 106 22.35 -24.94 15.98
C ASP D 106 21.99 -24.87 14.50
N VAL D 107 21.06 -25.70 14.08
CA VAL D 107 20.56 -25.64 12.69
C VAL D 107 19.08 -25.24 12.66
N LEU D 108 18.72 -24.41 11.69
CA LEU D 108 17.36 -23.91 11.60
C LEU D 108 16.76 -24.39 10.29
N VAL D 109 15.55 -24.93 10.36
CA VAL D 109 14.82 -25.33 9.17
C VAL D 109 13.62 -24.40 9.05
N THR D 110 13.50 -23.74 7.90
CA THR D 110 12.50 -22.69 7.71
C THR D 110 11.21 -23.25 7.12
N THR D 111 10.09 -23.06 7.81
CA THR D 111 8.79 -23.46 7.26
C THR D 111 8.23 -22.43 6.28
N ALA D 112 8.46 -21.15 6.60
CA ALA D 112 8.06 -20.03 5.73
C ALA D 112 8.80 -18.77 6.20
N SER D 113 8.81 -17.74 5.35
CA SER D 113 9.59 -16.55 5.59
C SER D 113 8.77 -15.26 5.63
N VAL D 114 9.18 -14.32 6.47
CA VAL D 114 8.66 -12.97 6.40
C VAL D 114 9.28 -12.33 5.19
N ARG D 115 8.45 -11.80 4.31
CA ARG D 115 8.94 -11.28 3.03
C ARG D 115 9.37 -9.82 3.14
N LEU D 116 10.64 -9.62 3.52
CA LEU D 116 11.24 -8.28 3.62
C LEU D 116 12.11 -8.01 2.40
N ASP D 117 11.72 -8.60 1.28
CA ASP D 117 12.51 -8.56 0.05
C ASP D 117 11.65 -7.93 -1.05
N GLY D 118 12.24 -7.65 -2.20
CA GLY D 118 11.46 -7.11 -3.29
C GLY D 118 11.16 -8.18 -4.35
N ALA D 119 12.08 -9.13 -4.51
CA ALA D 119 11.97 -10.05 -5.65
C ALA D 119 10.75 -10.97 -5.57
N SER D 120 10.36 -11.34 -4.35
CA SER D 120 9.20 -12.22 -4.17
C SER D 120 7.95 -11.59 -4.81
N LEU D 121 7.84 -10.27 -4.71
CA LEU D 121 6.70 -9.54 -5.29
C LEU D 121 6.62 -9.64 -6.81
N HIS D 122 7.73 -10.03 -7.44
CA HIS D 122 7.75 -10.19 -8.88
C HIS D 122 7.16 -11.52 -9.33
N PHE D 123 6.83 -12.36 -8.36
CA PHE D 123 6.26 -13.69 -8.60
C PHE D 123 4.86 -13.83 -8.02
N ALA D 124 4.61 -13.16 -6.90
CA ALA D 124 3.29 -13.24 -6.26
C ALA D 124 3.08 -12.04 -5.36
N PRO D 125 1.84 -11.59 -5.23
CA PRO D 125 1.59 -10.41 -4.39
C PRO D 125 1.90 -10.75 -2.93
N LEU D 126 2.05 -9.73 -2.08
CA LEU D 126 2.58 -9.89 -0.72
C LEU D 126 1.78 -10.89 0.15
N GLU D 127 0.47 -10.93 -0.06
CA GLU D 127 -0.42 -11.84 0.67
C GLU D 127 -0.13 -13.32 0.44
N PHE D 128 0.54 -13.66 -0.65
CA PHE D 128 0.94 -15.06 -0.88
C PHE D 128 2.05 -15.44 0.10
N PRO D 129 1.92 -16.60 0.78
CA PRO D 129 2.94 -17.02 1.75
C PRO D 129 4.24 -17.54 1.12
N ALA D 130 5.39 -17.08 1.66
CA ALA D 130 6.69 -17.57 1.24
C ALA D 130 6.97 -18.88 1.97
N VAL D 131 6.23 -19.91 1.58
CA VAL D 131 6.20 -21.15 2.35
C VAL D 131 7.04 -22.24 1.67
N ALA D 132 7.69 -23.05 2.49
CA ALA D 132 8.57 -24.09 1.97
C ALA D 132 7.73 -25.31 1.61
N ASP D 133 8.24 -26.12 0.69
CA ASP D 133 7.59 -27.38 0.32
C ASP D 133 7.58 -28.34 1.51
N PHE D 134 6.44 -28.99 1.76
CA PHE D 134 6.30 -29.86 2.91
C PHE D 134 7.27 -31.05 2.87
N GLU D 135 7.44 -31.65 1.70
CA GLU D 135 8.35 -32.78 1.58
C GLU D 135 9.79 -32.35 1.81
N CYS D 136 10.16 -31.17 1.31
CA CYS D 136 11.53 -30.69 1.49
C CYS D 136 11.83 -30.38 2.94
N THR D 137 10.88 -29.72 3.60
CA THR D 137 11.03 -29.39 5.01
C THR D 137 11.13 -30.67 5.85
N THR D 138 10.26 -31.63 5.56
CA THR D 138 10.32 -32.93 6.24
C THR D 138 11.67 -33.61 6.05
N ALA D 139 12.18 -33.61 4.82
CA ALA D 139 13.49 -34.22 4.56
C ALA D 139 14.62 -33.53 5.30
N LEU D 140 14.57 -32.20 5.37
CA LEU D 140 15.60 -31.45 6.08
C LEU D 140 15.56 -31.71 7.59
N VAL D 141 14.36 -31.72 8.14
CA VAL D 141 14.21 -31.97 9.58
C VAL D 141 14.70 -33.38 9.93
N GLU D 142 14.36 -34.36 9.09
CA GLU D 142 14.85 -35.72 9.29
C GLU D 142 16.36 -35.81 9.15
N ALA D 143 16.91 -35.22 8.10
CA ALA D 143 18.37 -35.20 7.93
C ALA D 143 19.07 -34.61 9.15
N ALA D 144 18.52 -33.52 9.67
CA ALA D 144 19.08 -32.86 10.86
C ALA D 144 19.16 -33.82 12.04
N LYS D 145 18.02 -34.44 12.37
CA LYS D 145 17.95 -35.44 13.44
C LYS D 145 18.88 -36.62 13.15
N SER D 146 19.03 -36.93 11.86
CA SER D 146 19.86 -38.04 11.42
C SER D 146 21.30 -37.93 11.90
N ILE D 147 21.81 -36.70 11.98
CA ILE D 147 23.17 -36.50 12.47
C ILE D 147 23.19 -35.86 13.85
N GLY D 148 22.02 -35.84 14.49
CA GLY D 148 21.92 -35.42 15.86
C GLY D 148 22.18 -33.94 16.10
N ALA D 149 22.00 -33.11 15.08
CA ALA D 149 22.13 -31.67 15.26
C ALA D 149 20.98 -31.11 16.10
N THR D 150 21.25 -30.05 16.86
CA THR D 150 20.20 -29.37 17.62
C THR D 150 19.41 -28.48 16.65
N THR D 151 18.14 -28.81 16.46
CA THR D 151 17.35 -28.27 15.35
C THR D 151 16.14 -27.47 15.82
N HIS D 152 15.92 -26.33 15.17
CA HIS D 152 14.70 -25.55 15.40
C HIS D 152 13.98 -25.33 14.07
N VAL D 153 12.66 -25.40 14.12
CA VAL D 153 11.81 -25.36 12.92
C VAL D 153 10.83 -24.20 13.09
N GLY D 154 10.75 -23.32 12.09
CA GLY D 154 9.85 -22.19 12.20
C GLY D 154 10.12 -21.09 11.20
N VAL D 155 9.65 -19.88 11.53
CA VAL D 155 9.65 -18.76 10.59
C VAL D 155 10.97 -17.97 10.58
N THR D 156 11.36 -17.51 9.39
CA THR D 156 12.60 -16.78 9.20
C THR D 156 12.25 -15.43 8.59
N ALA D 157 12.94 -14.36 8.99
CA ALA D 157 12.74 -13.06 8.33
C ALA D 157 13.78 -12.91 7.23
N SER D 158 13.34 -12.64 6.01
CA SER D 158 14.24 -12.65 4.86
C SER D 158 14.31 -11.26 4.28
N SER D 159 15.49 -10.64 4.38
CA SER D 159 15.68 -9.21 4.16
C SER D 159 16.53 -8.92 2.93
N ASP D 160 16.12 -7.89 2.20
CA ASP D 160 16.89 -7.40 1.07
C ASP D 160 18.16 -6.68 1.52
N THR D 161 18.28 -6.45 2.82
CA THR D 161 19.49 -5.82 3.36
C THR D 161 20.12 -6.61 4.51
N PHE D 162 21.44 -6.50 4.63
CA PHE D 162 22.16 -7.05 5.77
C PHE D 162 22.08 -6.10 6.98
N TYR D 163 22.03 -4.80 6.69
CA TYR D 163 22.09 -3.78 7.75
C TYR D 163 20.72 -3.24 8.20
N PRO D 164 20.15 -2.20 7.56
CA PRO D 164 18.91 -1.65 8.16
C PRO D 164 17.72 -2.61 8.23
N GLY D 165 17.58 -3.47 7.21
CA GLY D 165 16.52 -4.46 7.17
C GLY D 165 16.61 -5.48 8.30
N GLN D 166 17.79 -5.60 8.91
CA GLN D 166 17.96 -6.49 10.05
C GLN D 166 18.17 -5.63 11.30
N GLU D 167 17.70 -4.38 11.20
CA GLU D 167 17.86 -3.38 12.26
C GLU D 167 19.26 -3.33 12.90
N ARG D 168 20.29 -3.26 12.06
CA ARG D 168 21.64 -3.01 12.52
C ARG D 168 21.90 -1.52 12.50
N TYR D 169 22.54 -1.02 13.56
CA TYR D 169 22.91 0.38 13.68
C TYR D 169 24.43 0.59 13.58
N ASP D 170 25.16 -0.50 13.39
CA ASP D 170 26.62 -0.42 13.28
C ASP D 170 27.02 -0.07 11.85
N THR D 171 26.59 1.11 11.43
CA THR D 171 26.65 1.51 10.04
C THR D 171 27.19 2.93 9.90
N TYR D 172 27.48 3.29 8.66
CA TYR D 172 27.92 4.63 8.32
C TYR D 172 26.97 5.69 8.88
N SER D 173 25.67 5.55 8.62
CA SER D 173 24.69 6.54 9.05
C SER D 173 24.24 6.35 10.50
N GLY D 174 24.28 5.12 10.97
CA GLY D 174 23.92 4.80 12.35
C GLY D 174 22.45 4.98 12.64
N ARG D 175 21.62 4.91 11.60
CA ARG D 175 20.18 5.04 11.79
C ARG D 175 19.42 4.06 10.92
N VAL D 176 18.14 3.89 11.22
CA VAL D 176 17.29 3.01 10.43
C VAL D 176 16.01 3.74 10.06
N VAL D 177 15.64 3.65 8.78
CA VAL D 177 14.39 4.22 8.27
C VAL D 177 13.19 3.85 9.16
N ARG D 178 12.22 4.75 9.24
CA ARG D 178 11.07 4.60 10.12
C ARG D 178 10.45 3.20 10.07
N HIS D 179 10.23 2.73 8.84
CA HIS D 179 9.57 1.45 8.60
C HIS D 179 10.22 0.30 9.37
N PHE D 180 11.54 0.36 9.53
CA PHE D 180 12.27 -0.71 10.20
C PHE D 180 12.65 -0.45 11.67
N LYS D 181 12.39 0.76 12.16
CA LYS D 181 12.62 1.03 13.58
C LYS D 181 11.72 0.15 14.44
N GLY D 182 12.33 -0.58 15.37
CA GLY D 182 11.56 -1.46 16.25
C GLY D 182 11.12 -2.76 15.59
N SER D 183 11.62 -3.02 14.38
CA SER D 183 11.19 -4.22 13.65
C SER D 183 11.76 -5.52 14.25
N MET D 184 13.00 -5.50 14.70
CA MET D 184 13.59 -6.75 15.21
C MET D 184 12.84 -7.23 16.44
N GLU D 185 12.53 -6.28 17.32
CA GLU D 185 11.77 -6.59 18.52
C GLU D 185 10.41 -7.17 18.16
N GLU D 186 9.79 -6.59 17.13
CA GLU D 186 8.51 -7.10 16.64
C GLU D 186 8.62 -8.56 16.15
N TRP D 187 9.58 -8.84 15.28
CA TRP D 187 9.76 -10.23 14.81
C TRP D 187 10.12 -11.18 15.96
N GLN D 188 10.93 -10.71 16.90
CA GLN D 188 11.28 -11.53 18.07
C GLN D 188 10.04 -11.92 18.87
N ALA D 189 9.16 -10.95 19.10
CA ALA D 189 7.93 -11.19 19.83
C ALA D 189 7.01 -12.14 19.10
N MET D 190 7.07 -12.11 17.77
CA MET D 190 6.25 -13.01 16.96
C MET D 190 6.88 -14.41 16.77
N GLY D 191 8.03 -14.66 17.39
CA GLY D 191 8.67 -15.97 17.34
C GLY D 191 9.56 -16.26 16.16
N VAL D 192 9.87 -15.24 15.35
CA VAL D 192 10.78 -15.42 14.23
C VAL D 192 12.16 -15.82 14.74
N MET D 193 12.73 -16.85 14.12
CA MET D 193 13.97 -17.44 14.59
C MET D 193 15.21 -16.64 14.24
N ASN D 194 15.24 -16.04 13.05
CA ASN D 194 16.50 -15.61 12.46
C ASN D 194 16.30 -14.69 11.28
N TYR D 195 17.38 -14.04 10.89
CA TYR D 195 17.43 -13.26 9.66
C TYR D 195 18.36 -13.92 8.64
N GLU D 196 17.95 -13.88 7.38
CA GLU D 196 18.85 -14.15 6.26
C GLU D 196 18.34 -13.37 5.04
N MET D 197 18.90 -13.64 3.87
CA MET D 197 18.67 -12.73 2.73
C MET D 197 18.17 -13.33 1.41
N GLU D 198 17.90 -14.64 1.37
CA GLU D 198 17.46 -15.26 0.11
C GLU D 198 16.15 -16.07 0.15
N SER D 199 15.73 -16.50 1.33
CA SER D 199 14.60 -17.45 1.43
C SER D 199 13.24 -16.90 0.98
N ALA D 200 12.95 -15.64 1.24
CA ALA D 200 11.64 -15.12 0.82
C ALA D 200 11.49 -15.23 -0.70
N THR D 201 12.56 -14.86 -1.42
CA THR D 201 12.54 -14.95 -2.87
C THR D 201 12.46 -16.40 -3.34
N LEU D 202 13.35 -17.24 -2.82
CA LEU D 202 13.36 -18.64 -3.19
C LEU D 202 12.02 -19.31 -2.91
N LEU D 203 11.53 -19.18 -1.69
CA LEU D 203 10.31 -19.92 -1.32
C LEU D 203 9.09 -19.44 -2.08
N THR D 204 8.96 -18.13 -2.23
CA THR D 204 7.82 -17.58 -2.97
C THR D 204 7.86 -17.96 -4.44
N MET D 205 9.03 -17.83 -5.07
CA MET D 205 9.10 -18.09 -6.50
C MET D 205 8.86 -19.59 -6.78
N CYS D 206 9.31 -20.47 -5.87
CA CYS D 206 9.05 -21.90 -6.08
C CYS D 206 7.63 -22.29 -5.78
N ALA D 207 7.12 -21.87 -4.63
CA ALA D 207 5.76 -22.21 -4.23
C ALA D 207 4.70 -21.73 -5.22
N SER D 208 5.01 -20.67 -5.95
CA SER D 208 4.01 -20.08 -6.85
C SER D 208 4.18 -20.60 -8.29
N GLN D 209 5.14 -21.51 -8.49
CA GLN D 209 5.38 -22.05 -9.84
C GLN D 209 5.53 -23.55 -9.88
N GLY D 210 5.08 -24.23 -8.84
CA GLY D 210 5.09 -25.69 -8.83
C GLY D 210 6.47 -26.30 -8.74
N LEU D 211 7.40 -25.56 -8.13
CA LEU D 211 8.73 -26.07 -7.86
C LEU D 211 8.83 -26.36 -6.35
N ARG D 212 9.59 -27.38 -5.97
CA ARG D 212 9.73 -27.70 -4.54
C ARG D 212 10.96 -27.01 -4.00
N ALA D 213 10.85 -26.36 -2.84
CA ALA D 213 12.00 -25.73 -2.21
C ALA D 213 12.00 -25.94 -0.71
N GLY D 214 13.19 -26.04 -0.13
CA GLY D 214 13.38 -26.11 1.30
C GLY D 214 14.57 -25.27 1.71
N MET D 215 14.69 -25.00 3.00
CA MET D 215 15.67 -24.05 3.49
C MET D 215 16.26 -24.50 4.84
N VAL D 216 17.57 -24.67 4.88
CA VAL D 216 18.28 -24.94 6.14
C VAL D 216 19.46 -23.98 6.30
N ALA D 217 19.79 -23.66 7.54
CA ALA D 217 20.91 -22.75 7.80
C ALA D 217 21.56 -23.03 9.15
N GLY D 218 22.88 -22.87 9.22
CA GLY D 218 23.59 -22.97 10.49
C GLY D 218 23.74 -21.61 11.12
N VAL D 219 23.46 -21.51 12.41
CA VAL D 219 23.53 -20.25 13.16
C VAL D 219 24.99 -19.85 13.41
N ILE D 220 25.39 -18.68 12.90
CA ILE D 220 26.78 -18.24 13.04
C ILE D 220 26.89 -17.12 14.06
N VAL D 221 25.76 -16.50 14.37
CA VAL D 221 25.72 -15.47 15.40
C VAL D 221 24.36 -15.49 16.08
N ASN D 222 24.29 -14.98 17.30
CA ASN D 222 23.01 -14.73 17.93
C ASN D 222 22.97 -13.29 18.42
N ARG D 223 22.06 -12.49 17.87
CA ARG D 223 21.99 -11.06 18.13
C ARG D 223 21.61 -10.73 19.57
N THR D 224 21.13 -11.72 20.31
CA THR D 224 20.61 -11.48 21.66
C THR D 224 21.57 -11.91 22.76
N GLN D 225 22.58 -12.69 22.40
CA GLN D 225 23.48 -13.25 23.41
C GLN D 225 24.74 -12.41 23.55
N GLN D 236 32.96 -25.86 10.91
CA GLN D 236 32.36 -26.57 12.02
C GLN D 236 30.84 -26.57 11.92
N THR D 237 30.24 -25.40 11.92
CA THR D 237 28.79 -25.27 11.78
C THR D 237 28.40 -25.36 10.31
N GLU D 238 29.18 -24.74 9.45
CA GLU D 238 28.93 -24.83 8.02
C GLU D 238 28.94 -26.29 7.58
N SER D 239 29.93 -27.04 8.07
CA SER D 239 30.05 -28.46 7.71
C SER D 239 28.87 -29.29 8.20
N HIS D 240 28.40 -29.00 9.41
CA HIS D 240 27.17 -29.58 9.94
C HIS D 240 26.00 -29.37 8.97
N ALA D 241 25.80 -28.12 8.58
CA ALA D 241 24.67 -27.77 7.72
C ALA D 241 24.78 -28.41 6.34
N VAL D 242 25.99 -28.41 5.78
CA VAL D 242 26.25 -29.07 4.51
C VAL D 242 25.93 -30.57 4.56
N LYS D 243 26.41 -31.25 5.60
CA LYS D 243 26.06 -32.67 5.76
C LYS D 243 24.55 -32.86 5.74
N ILE D 244 23.84 -31.97 6.43
CA ILE D 244 22.38 -32.07 6.51
C ILE D 244 21.71 -31.85 5.15
N VAL D 245 22.11 -30.83 4.40
CA VAL D 245 21.46 -30.58 3.12
C VAL D 245 21.71 -31.72 2.12
N VAL D 246 22.89 -32.32 2.16
CA VAL D 246 23.20 -33.44 1.28
C VAL D 246 22.36 -34.66 1.64
N GLU D 247 22.26 -34.96 2.93
CA GLU D 247 21.42 -36.07 3.37
C GLU D 247 19.94 -35.86 3.04
N ALA D 248 19.45 -34.63 3.18
CA ALA D 248 18.08 -34.32 2.79
C ALA D 248 17.87 -34.52 1.29
N ALA D 249 18.84 -34.11 0.49
CA ALA D 249 18.78 -34.35 -0.94
C ALA D 249 18.59 -35.84 -1.22
N ARG D 250 19.34 -36.67 -0.49
CA ARG D 250 19.28 -38.12 -0.69
C ARG D 250 17.85 -38.63 -0.54
N ARG D 251 17.13 -38.06 0.43
CA ARG D 251 15.77 -38.46 0.73
C ARG D 251 14.76 -37.94 -0.29
N LEU D 252 15.18 -37.01 -1.14
CA LEU D 252 14.24 -36.38 -2.07
C LEU D 252 14.46 -36.85 -3.49
N LEU D 253 15.48 -37.68 -3.69
CA LEU D 253 15.86 -38.14 -5.01
C LEU D 253 14.81 -39.08 -5.59
N LYS E 3 -19.63 -17.50 36.03
CA LYS E 3 -20.17 -17.68 34.68
C LYS E 3 -19.07 -17.92 33.66
N SER E 4 -18.17 -16.96 33.50
CA SER E 4 -17.04 -17.14 32.59
C SER E 4 -15.85 -16.23 32.89
N ASP E 5 -14.68 -16.70 32.49
CA ASP E 5 -13.45 -15.94 32.64
C ASP E 5 -13.13 -15.23 31.33
N VAL E 6 -14.01 -15.40 30.34
CA VAL E 6 -13.86 -14.72 29.05
C VAL E 6 -15.18 -14.10 28.58
N PHE E 7 -15.06 -13.04 27.80
CA PHE E 7 -16.22 -12.22 27.47
C PHE E 7 -17.19 -12.85 26.47
N HIS E 8 -16.71 -13.61 25.50
CA HIS E 8 -17.61 -14.18 24.49
C HIS E 8 -17.96 -15.65 24.68
N LEU E 9 -16.98 -16.47 25.02
CA LEU E 9 -17.16 -17.92 24.98
C LEU E 9 -18.00 -18.49 26.14
N GLY E 10 -18.08 -17.78 27.25
CA GLY E 10 -18.85 -18.26 28.39
C GLY E 10 -18.21 -19.48 29.01
N LEU E 11 -16.90 -19.43 29.19
CA LEU E 11 -16.15 -20.55 29.72
C LEU E 11 -15.24 -20.10 30.86
N THR E 12 -15.01 -20.99 31.82
CA THR E 12 -14.03 -20.76 32.85
C THR E 12 -12.85 -21.71 32.63
N LYS E 13 -11.70 -21.38 33.20
CA LYS E 13 -10.51 -22.22 33.07
C LYS E 13 -10.78 -23.62 33.62
N ASN E 14 -11.50 -23.70 34.74
CA ASN E 14 -11.83 -24.99 35.35
C ASN E 14 -12.59 -25.92 34.39
N ASP E 15 -13.47 -25.33 33.57
CA ASP E 15 -14.22 -26.07 32.55
C ASP E 15 -13.32 -26.91 31.63
N LEU E 16 -12.15 -26.39 31.27
CA LEU E 16 -11.29 -27.08 30.33
C LEU E 16 -10.56 -28.25 30.99
N GLN E 17 -10.55 -28.25 32.32
CA GLN E 17 -9.90 -29.29 33.11
C GLN E 17 -8.47 -29.57 32.68
N GLY E 18 -7.74 -28.51 32.33
CA GLY E 18 -6.33 -28.64 32.00
C GLY E 18 -6.06 -28.88 30.53
N ALA E 19 -7.12 -28.84 29.72
CA ALA E 19 -6.99 -29.08 28.28
C ALA E 19 -6.01 -28.08 27.66
N THR E 20 -5.20 -28.53 26.70
CA THR E 20 -4.28 -27.62 26.00
C THR E 20 -4.40 -27.69 24.50
N LEU E 21 -5.27 -28.57 24.01
CA LEU E 21 -5.52 -28.69 22.57
C LEU E 21 -7.01 -28.50 22.27
N ALA E 22 -7.30 -27.79 21.17
CA ALA E 22 -8.69 -27.57 20.75
C ALA E 22 -8.85 -27.83 19.25
N ILE E 23 -9.97 -28.46 18.89
CA ILE E 23 -10.36 -28.66 17.51
C ILE E 23 -11.43 -27.63 17.19
N VAL E 24 -11.20 -26.83 16.15
CA VAL E 24 -12.07 -25.68 15.89
C VAL E 24 -12.74 -25.71 14.53
N PRO E 25 -13.94 -26.29 14.44
CA PRO E 25 -14.69 -26.27 13.18
C PRO E 25 -15.34 -24.91 13.03
N GLY E 26 -15.80 -24.59 11.82
CA GLY E 26 -16.43 -23.30 11.57
C GLY E 26 -17.90 -23.29 11.96
N ASP E 27 -18.55 -24.45 11.80
CA ASP E 27 -19.98 -24.60 11.99
C ASP E 27 -20.30 -25.08 13.42
N PRO E 28 -21.14 -24.32 14.14
CA PRO E 28 -21.50 -24.69 15.52
C PRO E 28 -22.05 -26.10 15.61
N ASP E 29 -22.78 -26.52 14.57
CA ASP E 29 -23.44 -27.82 14.56
C ASP E 29 -22.49 -29.01 14.41
N ARG E 30 -21.24 -28.76 14.05
CA ARG E 30 -20.29 -29.85 13.83
C ARG E 30 -19.54 -30.14 15.13
N VAL E 31 -19.71 -29.27 16.12
CA VAL E 31 -18.98 -29.41 17.37
C VAL E 31 -19.36 -30.70 18.12
N GLU E 32 -20.65 -30.96 18.21
CA GLU E 32 -21.11 -32.17 18.90
C GLU E 32 -20.66 -33.42 18.12
N LYS E 33 -20.75 -33.34 16.79
CA LYS E 33 -20.32 -34.43 15.92
C LYS E 33 -18.87 -34.83 16.19
N ILE E 34 -18.00 -33.84 16.42
CA ILE E 34 -16.59 -34.13 16.65
C ILE E 34 -16.37 -34.71 18.05
N ALA E 35 -16.96 -34.09 19.06
CA ALA E 35 -16.74 -34.53 20.44
C ALA E 35 -17.20 -35.96 20.65
N ALA E 36 -18.25 -36.36 19.93
CA ALA E 36 -18.83 -37.70 20.08
C ALA E 36 -17.87 -38.79 19.65
N LEU E 37 -16.98 -38.47 18.72
CA LEU E 37 -15.97 -39.44 18.28
C LEU E 37 -14.99 -39.73 19.40
N MET E 38 -15.01 -38.90 20.43
CA MET E 38 -14.07 -39.04 21.55
C MET E 38 -14.79 -39.43 22.82
N ASP E 39 -14.02 -39.77 23.84
CA ASP E 39 -14.55 -40.25 25.11
C ASP E 39 -15.10 -39.11 25.95
N LYS E 40 -16.15 -39.40 26.72
CA LYS E 40 -16.72 -38.46 27.70
C LYS E 40 -17.01 -37.06 27.16
N PRO E 41 -17.73 -36.97 26.04
CA PRO E 41 -18.11 -35.64 25.55
C PRO E 41 -19.10 -34.99 26.50
N VAL E 42 -18.96 -33.69 26.74
CA VAL E 42 -19.93 -32.92 27.50
C VAL E 42 -20.02 -31.50 26.97
N LYS E 43 -21.23 -31.02 26.75
CA LYS E 43 -21.42 -29.65 26.29
C LYS E 43 -21.07 -28.66 27.39
N LEU E 44 -20.21 -27.69 27.05
CA LEU E 44 -19.78 -26.69 28.02
C LEU E 44 -20.57 -25.38 27.91
N ALA E 45 -20.78 -24.90 26.69
CA ALA E 45 -21.40 -23.60 26.49
C ALA E 45 -21.80 -23.36 25.04
N SER E 46 -22.68 -22.39 24.85
CA SER E 46 -23.12 -22.02 23.51
C SER E 46 -23.66 -20.58 23.52
N HIS E 47 -22.87 -19.66 22.98
CA HIS E 47 -23.27 -18.26 22.88
C HIS E 47 -22.85 -17.75 21.50
N ARG E 48 -23.74 -17.01 20.83
CA ARG E 48 -23.47 -16.55 19.48
C ARG E 48 -23.01 -17.75 18.66
N GLU E 49 -22.01 -17.55 17.80
CA GLU E 49 -21.55 -18.65 16.94
C GLU E 49 -20.57 -19.60 17.64
N PHE E 50 -20.37 -19.41 18.94
CA PHE E 50 -19.40 -20.23 19.65
C PHE E 50 -20.06 -21.30 20.51
N THR E 51 -19.98 -22.54 20.04
CA THR E 51 -20.42 -23.70 20.79
C THR E 51 -19.20 -24.50 21.20
N THR E 52 -19.10 -24.82 22.48
CA THR E 52 -17.94 -25.47 23.03
C THR E 52 -18.30 -26.78 23.75
N TRP E 53 -17.62 -27.85 23.36
CA TRP E 53 -17.72 -29.13 24.06
C TRP E 53 -16.35 -29.52 24.58
N ARG E 54 -16.33 -30.25 25.70
CA ARG E 54 -15.10 -30.88 26.16
C ARG E 54 -15.24 -32.37 25.92
N ALA E 55 -14.10 -33.05 25.79
CA ALA E 55 -14.11 -34.49 25.59
C ALA E 55 -12.76 -35.05 25.99
N GLU E 56 -12.53 -36.32 25.70
CA GLU E 56 -11.33 -36.98 26.21
C GLU E 56 -10.67 -37.85 25.15
N LEU E 57 -9.35 -37.73 25.04
CA LEU E 57 -8.61 -38.43 23.99
C LEU E 57 -7.41 -39.12 24.61
N ASP E 58 -7.40 -40.45 24.57
CA ASP E 58 -6.36 -41.22 25.24
C ASP E 58 -6.18 -40.74 26.67
N GLY E 59 -7.29 -40.49 27.35
CA GLY E 59 -7.28 -40.08 28.73
C GLY E 59 -6.93 -38.63 28.95
N LYS E 60 -6.92 -37.86 27.86
CA LYS E 60 -6.56 -36.44 27.94
C LYS E 60 -7.73 -35.52 27.59
N PRO E 61 -7.95 -34.48 28.41
CA PRO E 61 -9.07 -33.59 28.08
C PRO E 61 -8.73 -32.75 26.86
N VAL E 62 -9.70 -32.59 25.98
CA VAL E 62 -9.56 -31.84 24.73
C VAL E 62 -10.82 -31.01 24.53
N ILE E 63 -10.65 -29.83 23.92
CA ILE E 63 -11.78 -28.96 23.63
C ILE E 63 -12.18 -29.04 22.15
N VAL E 64 -13.48 -28.90 21.89
CA VAL E 64 -13.95 -28.66 20.53
C VAL E 64 -14.74 -27.37 20.62
N CYS E 65 -14.35 -26.37 19.84
CA CYS E 65 -15.04 -25.07 19.89
C CYS E 65 -15.22 -24.49 18.49
N SER E 66 -16.45 -24.07 18.18
CA SER E 66 -16.74 -23.49 16.86
C SER E 66 -16.28 -22.04 16.75
N THR E 67 -15.86 -21.64 15.55
CA THR E 67 -15.34 -20.30 15.33
C THR E 67 -16.36 -19.37 14.68
N GLY E 68 -17.38 -19.94 14.05
CA GLY E 68 -18.24 -19.18 13.18
C GLY E 68 -17.51 -18.96 11.86
N ILE E 69 -18.18 -18.33 10.88
CA ILE E 69 -17.54 -18.01 9.60
C ILE E 69 -16.69 -16.73 9.70
N GLY E 70 -15.46 -16.80 9.22
CA GLY E 70 -14.65 -15.61 9.07
C GLY E 70 -13.60 -15.36 10.13
N GLY E 71 -12.53 -14.68 9.72
CA GLY E 71 -11.47 -14.31 10.62
C GLY E 71 -11.90 -13.61 11.91
N PRO E 72 -12.88 -12.69 11.83
CA PRO E 72 -13.12 -11.93 13.07
C PRO E 72 -13.71 -12.79 14.19
N SER E 73 -14.68 -13.65 13.89
CA SER E 73 -15.19 -14.49 14.96
C SER E 73 -14.15 -15.55 15.34
N THR E 74 -13.39 -16.05 14.36
CA THR E 74 -12.29 -16.95 14.65
C THR E 74 -11.31 -16.33 15.64
N SER E 75 -10.93 -15.07 15.40
CA SER E 75 -9.93 -14.43 16.24
C SER E 75 -10.39 -14.32 17.69
N ILE E 76 -11.68 -14.08 17.89
CA ILE E 76 -12.22 -14.05 19.25
C ILE E 76 -12.08 -15.40 19.97
N ALA E 77 -12.48 -16.47 19.28
CA ALA E 77 -12.46 -17.82 19.85
C ALA E 77 -11.06 -18.27 20.16
N VAL E 78 -10.15 -18.02 19.24
CA VAL E 78 -8.76 -18.43 19.44
C VAL E 78 -8.15 -17.66 20.61
N GLU E 79 -8.36 -16.35 20.65
CA GLU E 79 -7.84 -15.51 21.73
C GLU E 79 -8.34 -15.98 23.11
N GLU E 80 -9.65 -16.15 23.22
CA GLU E 80 -10.24 -16.53 24.50
C GLU E 80 -9.88 -17.94 24.94
N LEU E 81 -9.79 -18.87 24.01
CA LEU E 81 -9.26 -20.19 24.32
C LEU E 81 -7.80 -20.15 24.79
N ALA E 82 -6.99 -19.31 24.13
CA ALA E 82 -5.61 -19.18 24.54
C ALA E 82 -5.55 -18.67 25.98
N GLN E 83 -6.42 -17.72 26.31
CA GLN E 83 -6.46 -17.21 27.68
C GLN E 83 -6.77 -18.34 28.65
N LEU E 84 -7.61 -19.28 28.21
CA LEU E 84 -8.03 -20.38 29.09
C LEU E 84 -7.01 -21.52 29.11
N GLY E 85 -5.96 -21.41 28.30
CA GLY E 85 -4.86 -22.37 28.32
C GLY E 85 -4.64 -23.22 27.08
N ILE E 86 -5.46 -23.05 26.05
CA ILE E 86 -5.26 -23.82 24.81
C ILE E 86 -3.99 -23.35 24.09
N ARG E 87 -3.18 -24.31 23.63
CA ARG E 87 -1.90 -24.00 22.98
C ARG E 87 -1.81 -24.56 21.56
N THR E 88 -2.70 -25.49 21.23
CA THR E 88 -2.71 -26.09 19.90
C THR E 88 -4.12 -26.02 19.35
N PHE E 89 -4.24 -25.55 18.11
CA PHE E 89 -5.52 -25.39 17.46
C PHE E 89 -5.51 -26.16 16.15
N LEU E 90 -6.47 -27.06 15.98
CA LEU E 90 -6.60 -27.76 14.72
C LEU E 90 -7.93 -27.40 14.07
N ARG E 91 -7.86 -26.68 12.95
CA ARG E 91 -9.07 -26.33 12.21
C ARG E 91 -9.51 -27.45 11.27
N ILE E 92 -10.80 -27.75 11.31
CA ILE E 92 -11.41 -28.70 10.36
C ILE E 92 -12.52 -27.96 9.64
N GLY E 93 -12.39 -27.81 8.32
CA GLY E 93 -13.36 -27.03 7.57
C GLY E 93 -13.89 -27.67 6.29
N THR E 94 -14.74 -26.94 5.59
CA THR E 94 -15.15 -27.31 4.23
C THR E 94 -14.51 -26.29 3.28
N THR E 95 -14.32 -26.69 2.02
CA THR E 95 -13.62 -25.84 1.06
C THR E 95 -14.06 -26.06 -0.37
N GLY E 96 -13.87 -25.05 -1.21
CA GLY E 96 -14.07 -25.20 -2.64
C GLY E 96 -12.71 -25.31 -3.31
N ALA E 97 -12.46 -26.41 -4.00
CA ALA E 97 -11.20 -26.60 -4.72
C ALA E 97 -11.20 -25.83 -6.03
N ILE E 98 -10.02 -25.37 -6.46
CA ILE E 98 -9.93 -24.65 -7.73
C ILE E 98 -8.96 -25.30 -8.71
N GLN E 99 -8.47 -26.50 -8.38
CA GLN E 99 -7.57 -27.25 -9.27
C GLN E 99 -8.36 -28.43 -9.83
N PRO E 100 -8.30 -28.64 -11.16
CA PRO E 100 -9.07 -29.72 -11.82
C PRO E 100 -8.77 -31.12 -11.26
N HIS E 101 -7.51 -31.35 -10.87
CA HIS E 101 -7.08 -32.66 -10.41
C HIS E 101 -7.59 -32.99 -9.00
N ILE E 102 -8.27 -32.04 -8.37
CA ILE E 102 -8.75 -32.22 -7.01
C ILE E 102 -10.26 -32.53 -6.99
N ASN E 103 -10.62 -33.73 -6.51
CA ASN E 103 -12.03 -34.14 -6.55
C ASN E 103 -12.80 -33.88 -5.25
N VAL E 104 -14.10 -33.66 -5.39
CA VAL E 104 -14.99 -33.61 -4.23
C VAL E 104 -14.76 -34.90 -3.42
N GLY E 105 -14.64 -34.76 -2.11
CA GLY E 105 -14.34 -35.90 -1.27
C GLY E 105 -12.88 -35.98 -0.85
N ASP E 106 -12.00 -35.32 -1.59
CA ASP E 106 -10.58 -35.29 -1.25
C ASP E 106 -10.40 -34.45 0.00
N VAL E 107 -9.27 -34.65 0.67
CA VAL E 107 -8.99 -33.87 1.86
C VAL E 107 -7.76 -33.00 1.61
N LEU E 108 -7.83 -31.74 2.01
CA LEU E 108 -6.72 -30.81 1.80
C LEU E 108 -6.10 -30.45 3.13
N VAL E 109 -4.77 -30.57 3.22
CA VAL E 109 -4.05 -30.08 4.38
C VAL E 109 -3.28 -28.83 3.95
N THR E 110 -3.47 -27.74 4.66
CA THR E 110 -2.88 -26.46 4.29
C THR E 110 -1.54 -26.23 4.96
N THR E 111 -0.51 -25.98 4.15
CA THR E 111 0.80 -25.64 4.67
C THR E 111 0.86 -24.16 5.04
N ALA E 112 0.12 -23.35 4.29
CA ALA E 112 0.10 -21.90 4.47
C ALA E 112 -1.00 -21.28 3.61
N SER E 113 -1.40 -20.05 3.92
CA SER E 113 -2.54 -19.47 3.23
C SER E 113 -2.24 -18.12 2.59
N VAL E 114 -2.85 -17.88 1.43
CA VAL E 114 -2.86 -16.54 0.86
C VAL E 114 -3.77 -15.69 1.75
N ARG E 115 -3.26 -14.55 2.21
CA ARG E 115 -4.00 -13.72 3.16
C ARG E 115 -4.95 -12.73 2.48
N LEU E 116 -6.13 -13.21 2.12
CA LEU E 116 -7.15 -12.35 1.52
C LEU E 116 -8.16 -11.92 2.57
N ASP E 117 -7.66 -11.76 3.79
CA ASP E 117 -8.51 -11.44 4.93
C ASP E 117 -8.03 -10.12 5.56
N GLY E 118 -8.80 -9.63 6.52
CA GLY E 118 -8.44 -8.42 7.22
C GLY E 118 -7.87 -8.73 8.58
N ALA E 119 -8.37 -9.79 9.23
CA ALA E 119 -8.01 -10.03 10.63
C ALA E 119 -6.55 -10.41 10.84
N SER E 120 -5.96 -11.13 9.90
CA SER E 120 -4.54 -11.51 10.02
C SER E 120 -3.66 -10.28 10.25
N LEU E 121 -4.04 -9.19 9.59
CA LEU E 121 -3.29 -7.92 9.67
C LEU E 121 -3.31 -7.27 11.05
N HIS E 122 -4.27 -7.66 11.88
CA HIS E 122 -4.31 -7.16 13.25
C HIS E 122 -3.30 -7.87 14.15
N PHE E 123 -2.68 -8.91 13.63
CA PHE E 123 -1.71 -9.68 14.40
C PHE E 123 -0.30 -9.57 13.84
N ALA E 124 -0.21 -9.47 12.52
CA ALA E 124 1.09 -9.34 11.87
C ALA E 124 0.94 -8.63 10.53
N PRO E 125 1.94 -7.85 10.13
CA PRO E 125 1.80 -7.18 8.83
C PRO E 125 1.81 -8.21 7.70
N LEU E 126 1.34 -7.79 6.54
CA LEU E 126 1.04 -8.71 5.45
C LEU E 126 2.23 -9.59 5.05
N GLU E 127 3.45 -9.08 5.19
CA GLU E 127 4.65 -9.82 4.78
C GLU E 127 4.90 -11.09 5.61
N PHE E 128 4.28 -11.19 6.78
CA PHE E 128 4.43 -12.36 7.66
C PHE E 128 3.60 -13.51 7.08
N PRO E 129 4.18 -14.72 7.00
CA PRO E 129 3.46 -15.83 6.34
C PRO E 129 2.37 -16.44 7.24
N ALA E 130 1.21 -16.68 6.66
CA ALA E 130 0.14 -17.37 7.37
C ALA E 130 0.46 -18.87 7.29
N VAL E 131 1.50 -19.27 8.00
CA VAL E 131 2.02 -20.63 7.88
C VAL E 131 1.55 -21.52 9.03
N ALA E 132 1.24 -22.78 8.72
CA ALA E 132 0.85 -23.76 9.73
C ALA E 132 2.06 -24.29 10.49
N ASP E 133 1.83 -24.74 11.71
CA ASP E 133 2.85 -25.39 12.51
C ASP E 133 3.30 -26.70 11.84
N PHE E 134 4.60 -26.98 11.87
CA PHE E 134 5.12 -28.15 11.16
C PHE E 134 4.66 -29.46 11.81
N GLU E 135 4.65 -29.51 13.14
CA GLU E 135 4.18 -30.71 13.86
C GLU E 135 2.70 -30.95 13.58
N CYS E 136 1.91 -29.87 13.58
CA CYS E 136 0.47 -30.01 13.31
C CYS E 136 0.21 -30.51 11.90
N THR E 137 0.84 -29.87 10.91
CA THR E 137 0.71 -30.31 9.52
C THR E 137 1.14 -31.77 9.34
N THR E 138 2.26 -32.14 9.94
CA THR E 138 2.76 -33.50 9.88
C THR E 138 1.71 -34.48 10.43
N ALA E 139 1.17 -34.16 11.60
CA ALA E 139 0.13 -34.99 12.21
C ALA E 139 -1.10 -35.15 11.32
N LEU E 140 -1.52 -34.06 10.67
CA LEU E 140 -2.69 -34.09 9.81
C LEU E 140 -2.41 -34.94 8.57
N VAL E 141 -1.21 -34.86 8.04
CA VAL E 141 -0.84 -35.60 6.84
C VAL E 141 -0.75 -37.09 7.16
N GLU E 142 -0.02 -37.40 8.24
CA GLU E 142 0.06 -38.75 8.78
C GLU E 142 -1.31 -39.33 9.11
N ALA E 143 -2.20 -38.50 9.65
CA ALA E 143 -3.55 -38.96 9.97
C ALA E 143 -4.36 -39.30 8.72
N ALA E 144 -4.26 -38.44 7.70
CA ALA E 144 -4.99 -38.68 6.46
C ALA E 144 -4.53 -39.95 5.77
N LYS E 145 -3.24 -40.25 5.87
CA LYS E 145 -2.68 -41.44 5.24
C LYS E 145 -3.10 -42.66 6.04
N SER E 146 -3.36 -42.44 7.33
CA SER E 146 -3.73 -43.51 8.24
C SER E 146 -5.10 -44.07 7.88
N ILE E 147 -6.01 -43.20 7.45
CA ILE E 147 -7.35 -43.62 7.09
C ILE E 147 -7.50 -43.77 5.58
N GLY E 148 -6.40 -43.53 4.87
CA GLY E 148 -6.35 -43.71 3.43
C GLY E 148 -7.19 -42.76 2.60
N ALA E 149 -7.31 -41.50 3.05
CA ALA E 149 -8.02 -40.50 2.25
C ALA E 149 -7.18 -40.06 1.05
N THR E 150 -7.84 -39.50 0.04
CA THR E 150 -7.14 -38.88 -1.08
C THR E 150 -6.73 -37.48 -0.62
N THR E 151 -5.43 -37.26 -0.47
CA THR E 151 -4.94 -36.05 0.19
C THR E 151 -4.05 -35.18 -0.68
N HIS E 152 -4.26 -33.87 -0.59
CA HIS E 152 -3.38 -32.92 -1.25
C HIS E 152 -2.85 -31.97 -0.17
N VAL E 153 -1.57 -31.61 -0.27
CA VAL E 153 -0.92 -30.77 0.74
C VAL E 153 -0.40 -29.51 0.03
N GLY E 154 -0.70 -28.34 0.56
CA GLY E 154 -0.30 -27.15 -0.17
C GLY E 154 -0.97 -25.87 0.29
N VAL E 155 -0.97 -24.88 -0.58
CA VAL E 155 -1.38 -23.53 -0.22
C VAL E 155 -2.88 -23.34 -0.47
N THR E 156 -3.52 -22.59 0.42
CA THR E 156 -4.94 -22.28 0.37
C THR E 156 -5.13 -20.77 0.31
N ALA E 157 -6.13 -20.30 -0.44
CA ALA E 157 -6.48 -18.87 -0.42
C ALA E 157 -7.60 -18.64 0.59
N SER E 158 -7.36 -17.75 1.52
CA SER E 158 -8.29 -17.55 2.63
C SER E 158 -8.91 -16.16 2.54
N SER E 159 -10.19 -16.13 2.19
CA SER E 159 -10.93 -14.94 1.79
C SER E 159 -11.90 -14.43 2.85
N ASP E 160 -11.96 -13.11 3.02
CA ASP E 160 -12.95 -12.49 3.91
C ASP E 160 -14.36 -12.53 3.34
N THR E 161 -14.51 -13.02 2.11
CA THR E 161 -15.82 -13.11 1.51
C THR E 161 -16.02 -14.46 0.82
N PHE E 162 -17.27 -14.91 0.76
CA PHE E 162 -17.61 -16.15 0.03
C PHE E 162 -17.81 -15.87 -1.47
N TYR E 163 -18.30 -14.68 -1.79
CA TYR E 163 -18.63 -14.33 -3.15
C TYR E 163 -17.55 -13.58 -3.95
N PRO E 164 -17.45 -12.23 -3.80
CA PRO E 164 -16.48 -11.56 -4.69
C PRO E 164 -15.00 -11.95 -4.49
N GLY E 165 -14.59 -12.21 -3.25
CA GLY E 165 -13.22 -12.60 -2.95
C GLY E 165 -12.87 -13.98 -3.44
N GLN E 166 -13.88 -14.77 -3.81
CA GLN E 166 -13.63 -16.08 -4.42
C GLN E 166 -14.03 -16.01 -5.90
N GLU E 167 -14.15 -14.78 -6.38
CA GLU E 167 -14.55 -14.50 -7.77
C GLU E 167 -15.81 -15.26 -8.27
N ARG E 168 -16.85 -15.27 -7.44
CA ARG E 168 -18.16 -15.75 -7.88
C ARG E 168 -18.87 -14.60 -8.55
N TYR E 169 -19.49 -14.86 -9.70
CA TYR E 169 -20.25 -13.83 -10.41
C TYR E 169 -21.75 -14.09 -10.32
N ASP E 170 -22.13 -15.24 -9.79
CA ASP E 170 -23.55 -15.59 -9.68
C ASP E 170 -24.16 -14.91 -8.45
N THR E 171 -24.24 -13.59 -8.50
CA THR E 171 -24.59 -12.80 -7.33
C THR E 171 -25.58 -11.73 -7.68
N TYR E 172 -25.98 -10.96 -6.66
CA TYR E 172 -26.93 -9.87 -6.84
C TYR E 172 -26.46 -8.79 -7.80
N SER E 173 -25.18 -8.42 -7.69
CA SER E 173 -24.60 -7.40 -8.56
C SER E 173 -24.07 -8.02 -9.86
N GLY E 174 -23.61 -9.26 -9.76
CA GLY E 174 -23.01 -9.96 -10.89
C GLY E 174 -21.65 -9.44 -11.28
N ARG E 175 -21.05 -8.62 -10.43
CA ARG E 175 -19.75 -8.07 -10.76
C ARG E 175 -18.76 -8.23 -9.62
N VAL E 176 -17.48 -8.06 -9.94
CA VAL E 176 -16.41 -8.23 -8.98
C VAL E 176 -15.47 -7.05 -9.12
N VAL E 177 -15.11 -6.49 -7.98
CA VAL E 177 -14.24 -5.33 -7.92
C VAL E 177 -12.91 -5.59 -8.66
N ARG E 178 -12.30 -4.52 -9.19
CA ARG E 178 -11.12 -4.67 -10.03
C ARG E 178 -10.03 -5.55 -9.42
N HIS E 179 -9.77 -5.36 -8.13
CA HIS E 179 -8.69 -6.09 -7.44
C HIS E 179 -8.82 -7.62 -7.58
N PHE E 180 -10.05 -8.12 -7.58
CA PHE E 180 -10.29 -9.56 -7.61
C PHE E 180 -10.69 -10.12 -8.97
N LYS E 181 -10.80 -9.26 -9.97
CA LYS E 181 -11.11 -9.73 -11.32
C LYS E 181 -9.92 -10.50 -11.87
N GLY E 182 -10.16 -11.70 -12.37
CA GLY E 182 -9.08 -12.55 -12.84
C GLY E 182 -8.25 -13.17 -11.73
N SER E 183 -8.69 -13.02 -10.48
CA SER E 183 -7.86 -13.51 -9.37
C SER E 183 -7.90 -15.03 -9.26
N MET E 184 -9.06 -15.65 -9.49
CA MET E 184 -9.10 -17.09 -9.35
C MET E 184 -8.11 -17.76 -10.29
N GLU E 185 -8.01 -17.26 -11.52
CA GLU E 185 -7.09 -17.81 -12.51
C GLU E 185 -5.63 -17.62 -12.09
N GLU E 186 -5.34 -16.48 -11.48
CA GLU E 186 -4.01 -16.23 -10.95
C GLU E 186 -3.64 -17.26 -9.87
N TRP E 187 -4.50 -17.45 -8.88
CA TRP E 187 -4.20 -18.39 -7.79
C TRP E 187 -4.09 -19.79 -8.37
N GLN E 188 -4.95 -20.10 -9.33
CA GLN E 188 -4.88 -21.40 -9.99
C GLN E 188 -3.51 -21.63 -10.62
N ALA E 189 -3.02 -20.63 -11.35
CA ALA E 189 -1.70 -20.71 -11.98
C ALA E 189 -0.58 -20.83 -10.95
N MET E 190 -0.78 -20.26 -9.76
CA MET E 190 0.23 -20.34 -8.72
C MET E 190 0.14 -21.60 -7.86
N GLY E 191 -0.75 -22.52 -8.24
CA GLY E 191 -0.84 -23.81 -7.57
C GLY E 191 -1.70 -23.83 -6.32
N VAL E 192 -2.43 -22.75 -6.07
CA VAL E 192 -3.33 -22.69 -4.92
C VAL E 192 -4.41 -23.77 -5.03
N MET E 193 -4.62 -24.53 -3.96
CA MET E 193 -5.53 -25.66 -3.99
C MET E 193 -7.00 -25.29 -3.91
N ASN E 194 -7.31 -24.29 -3.10
CA ASN E 194 -8.70 -24.12 -2.68
C ASN E 194 -8.95 -22.76 -2.03
N TYR E 195 -10.22 -22.42 -1.90
CA TYR E 195 -10.66 -21.24 -1.14
C TYR E 195 -11.34 -21.69 0.16
N GLU E 196 -11.05 -21.01 1.27
CA GLU E 196 -11.92 -21.04 2.44
C GLU E 196 -11.82 -19.71 3.17
N MET E 197 -12.39 -19.61 4.36
CA MET E 197 -12.55 -18.28 4.94
C MET E 197 -11.97 -18.01 6.34
N GLU E 198 -11.22 -18.94 6.92
CA GLU E 198 -10.72 -18.72 8.27
C GLU E 198 -9.23 -18.97 8.49
N SER E 199 -8.59 -19.69 7.59
CA SER E 199 -7.22 -20.12 7.85
C SER E 199 -6.17 -19.00 7.90
N ALA E 200 -6.30 -17.97 7.06
CA ALA E 200 -5.28 -16.92 7.11
C ALA E 200 -5.25 -16.28 8.50
N THR E 201 -6.43 -16.02 9.06
CA THR E 201 -6.50 -15.44 10.39
C THR E 201 -5.97 -16.42 11.42
N LEU E 202 -6.44 -17.65 11.37
CA LEU E 202 -6.01 -18.65 12.34
C LEU E 202 -4.50 -18.89 12.32
N LEU E 203 -3.95 -19.13 11.13
CA LEU E 203 -2.54 -19.48 11.05
C LEU E 203 -1.66 -18.29 11.40
N THR E 204 -2.06 -17.08 11.00
CA THR E 204 -1.23 -15.90 11.26
C THR E 204 -1.25 -15.58 12.76
N MET E 205 -2.44 -15.54 13.33
CA MET E 205 -2.55 -15.24 14.75
C MET E 205 -1.83 -16.26 15.63
N CYS E 206 -1.78 -17.53 15.21
CA CYS E 206 -1.09 -18.52 16.03
C CYS E 206 0.42 -18.49 15.81
N ALA E 207 0.82 -18.40 14.55
CA ALA E 207 2.26 -18.46 14.24
C ALA E 207 3.02 -17.27 14.81
N SER E 208 2.31 -16.18 15.06
CA SER E 208 2.93 -14.95 15.58
C SER E 208 2.77 -14.77 17.08
N GLN E 209 2.20 -15.78 17.75
CA GLN E 209 1.95 -15.73 19.19
C GLN E 209 2.41 -16.98 19.94
N GLY E 210 3.17 -17.83 19.28
CA GLY E 210 3.70 -19.02 19.92
C GLY E 210 2.69 -20.14 20.10
N LEU E 211 1.59 -20.08 19.35
CA LEU E 211 0.56 -21.12 19.42
C LEU E 211 0.72 -22.03 18.22
N ARG E 212 0.44 -23.33 18.39
CA ARG E 212 0.54 -24.26 17.28
C ARG E 212 -0.81 -24.39 16.56
N ALA E 213 -0.78 -24.37 15.23
CA ALA E 213 -2.03 -24.52 14.48
C ALA E 213 -1.86 -25.34 13.20
N GLY E 214 -2.88 -26.15 12.90
CA GLY E 214 -2.94 -26.86 11.65
C GLY E 214 -4.31 -26.66 11.02
N MET E 215 -4.45 -27.08 9.78
CA MET E 215 -5.64 -26.79 9.00
C MET E 215 -5.92 -27.94 8.03
N VAL E 216 -7.08 -28.57 8.16
CA VAL E 216 -7.50 -29.60 7.20
C VAL E 216 -8.93 -29.31 6.78
N ALA E 217 -9.27 -29.65 5.54
CA ALA E 217 -10.64 -29.43 5.07
C ALA E 217 -11.09 -30.48 4.05
N GLY E 218 -12.40 -30.74 4.03
CA GLY E 218 -12.98 -31.64 3.05
C GLY E 218 -13.50 -30.87 1.85
N VAL E 219 -13.14 -31.31 0.66
CA VAL E 219 -13.56 -30.64 -0.56
C VAL E 219 -15.06 -30.88 -0.82
N ILE E 220 -15.88 -29.83 -0.79
CA ILE E 220 -17.32 -29.99 -1.03
C ILE E 220 -17.79 -29.45 -2.37
N VAL E 221 -16.90 -28.78 -3.09
CA VAL E 221 -17.20 -28.35 -4.45
C VAL E 221 -15.90 -28.18 -5.21
N ASN E 222 -15.98 -28.23 -6.53
CA ASN E 222 -14.83 -27.87 -7.35
C ASN E 222 -15.20 -26.76 -8.33
N ARG E 223 -14.54 -25.61 -8.21
CA ARG E 223 -14.90 -24.45 -9.01
C ARG E 223 -14.53 -24.60 -10.49
N THR E 224 -14.05 -25.79 -10.88
CA THR E 224 -13.72 -26.05 -12.28
C THR E 224 -14.57 -27.17 -12.90
N GLN E 225 -15.10 -28.05 -12.06
CA GLN E 225 -15.87 -29.21 -12.54
C GLN E 225 -17.35 -28.89 -12.67
N ASN E 230 -23.35 -32.83 -4.68
CA ASN E 230 -24.25 -33.70 -3.94
C ASN E 230 -24.30 -33.36 -2.45
N ALA E 231 -25.50 -33.14 -1.93
CA ALA E 231 -25.71 -32.78 -0.54
C ALA E 231 -25.47 -33.93 0.42
N GLU E 232 -25.49 -35.15 -0.12
CA GLU E 232 -25.22 -36.35 0.66
C GLU E 232 -23.72 -36.57 0.80
N THR E 233 -22.98 -36.33 -0.28
CA THR E 233 -21.54 -36.43 -0.26
C THR E 233 -20.95 -35.44 0.74
N MET E 234 -21.55 -34.25 0.79
CA MET E 234 -21.13 -33.22 1.74
C MET E 234 -21.10 -33.75 3.17
N LYS E 235 -21.95 -34.75 3.45
CA LYS E 235 -22.00 -35.37 4.77
C LYS E 235 -20.90 -36.41 4.94
N GLN E 236 -20.61 -37.15 3.87
CA GLN E 236 -19.57 -38.17 3.90
C GLN E 236 -18.18 -37.56 3.94
N THR E 237 -17.99 -36.49 3.18
CA THR E 237 -16.71 -35.76 3.18
C THR E 237 -16.42 -35.19 4.56
N GLU E 238 -17.42 -34.52 5.14
CA GLU E 238 -17.31 -33.97 6.49
C GLU E 238 -16.80 -35.02 7.46
N SER E 239 -17.46 -36.19 7.47
CA SER E 239 -17.11 -37.27 8.37
C SER E 239 -15.68 -37.77 8.13
N HIS E 240 -15.28 -37.81 6.86
CA HIS E 240 -13.92 -38.19 6.50
C HIS E 240 -12.93 -37.20 7.13
N ALA E 241 -13.24 -35.92 7.04
CA ALA E 241 -12.36 -34.87 7.52
C ALA E 241 -12.32 -34.84 9.05
N VAL E 242 -13.48 -35.10 9.65
CA VAL E 242 -13.60 -35.16 11.10
C VAL E 242 -12.74 -36.26 11.72
N LYS E 243 -12.73 -37.44 11.10
CA LYS E 243 -11.95 -38.55 11.65
C LYS E 243 -10.46 -38.24 11.59
N ILE E 244 -10.06 -37.58 10.51
CA ILE E 244 -8.67 -37.19 10.32
C ILE E 244 -8.19 -36.21 11.40
N VAL E 245 -9.00 -35.19 11.71
CA VAL E 245 -8.57 -34.18 12.67
C VAL E 245 -8.52 -34.74 14.09
N VAL E 246 -9.41 -35.68 14.37
CA VAL E 246 -9.37 -36.38 15.66
C VAL E 246 -8.13 -37.26 15.75
N GLU E 247 -7.85 -38.00 14.68
CA GLU E 247 -6.65 -38.82 14.63
C GLU E 247 -5.38 -37.94 14.74
N ALA E 248 -5.40 -36.77 14.13
CA ALA E 248 -4.25 -35.88 14.22
C ALA E 248 -4.10 -35.40 15.66
N ALA E 249 -5.22 -35.03 16.27
CA ALA E 249 -5.22 -34.60 17.66
C ALA E 249 -4.53 -35.62 18.57
N ARG E 250 -4.81 -36.90 18.36
CA ARG E 250 -4.24 -37.95 19.20
C ARG E 250 -2.72 -37.97 19.10
N ARG E 251 -2.20 -37.51 17.97
CA ARG E 251 -0.76 -37.52 17.73
C ARG E 251 -0.07 -36.28 18.27
N LEU E 252 -0.87 -35.33 18.73
CA LEU E 252 -0.33 -34.05 19.19
C LEU E 252 -0.48 -33.87 20.70
N LEU E 253 -1.02 -34.89 21.37
CA LEU E 253 -1.24 -34.80 22.82
C LEU E 253 0.07 -34.88 23.57
N SER F 4 -33.91 -24.32 -0.50
CA SER F 4 -33.73 -22.90 -0.28
C SER F 4 -33.02 -22.26 -1.48
N ASP F 5 -33.29 -20.99 -1.73
CA ASP F 5 -32.78 -20.31 -2.91
C ASP F 5 -31.35 -19.79 -2.76
N VAL F 6 -30.82 -19.86 -1.54
CA VAL F 6 -29.49 -19.33 -1.25
C VAL F 6 -28.67 -20.37 -0.51
N PHE F 7 -27.34 -20.26 -0.60
CA PHE F 7 -26.45 -21.30 -0.09
C PHE F 7 -26.37 -21.45 1.44
N HIS F 8 -26.46 -20.34 2.17
CA HIS F 8 -26.21 -20.36 3.63
C HIS F 8 -27.45 -20.10 4.48
N LEU F 9 -28.33 -19.19 4.04
CA LEU F 9 -29.39 -18.71 4.92
C LEU F 9 -30.56 -19.67 5.10
N GLY F 10 -30.68 -20.63 4.18
CA GLY F 10 -31.80 -21.57 4.19
C GLY F 10 -33.14 -20.88 3.99
N LEU F 11 -33.21 -19.97 3.02
CA LEU F 11 -34.43 -19.23 2.75
C LEU F 11 -34.81 -19.29 1.26
N THR F 12 -36.10 -19.10 0.99
CA THR F 12 -36.59 -18.96 -0.37
C THR F 12 -37.19 -17.58 -0.49
N LYS F 13 -37.37 -17.11 -1.72
CA LYS F 13 -37.96 -15.79 -1.92
C LYS F 13 -39.38 -15.72 -1.37
N ASN F 14 -40.14 -16.81 -1.53
CA ASN F 14 -41.50 -16.84 -0.99
C ASN F 14 -41.52 -16.70 0.52
N ASP F 15 -40.47 -17.19 1.18
CA ASP F 15 -40.34 -17.03 2.63
C ASP F 15 -40.44 -15.58 3.06
N LEU F 16 -39.85 -14.68 2.27
CA LEU F 16 -39.79 -13.27 2.66
C LEU F 16 -41.14 -12.59 2.49
N GLN F 17 -42.02 -13.20 1.70
CA GLN F 17 -43.37 -12.67 1.51
C GLN F 17 -43.38 -11.24 0.99
N GLY F 18 -42.37 -10.91 0.18
CA GLY F 18 -42.29 -9.62 -0.47
C GLY F 18 -41.50 -8.57 0.30
N ALA F 19 -40.89 -8.99 1.41
CA ALA F 19 -40.14 -8.07 2.24
C ALA F 19 -38.97 -7.45 1.46
N THR F 20 -38.66 -6.20 1.78
CA THR F 20 -37.56 -5.51 1.10
C THR F 20 -36.67 -4.82 2.12
N LEU F 21 -37.05 -4.92 3.40
CA LEU F 21 -36.27 -4.33 4.49
C LEU F 21 -35.89 -5.37 5.53
N ALA F 22 -34.62 -5.36 5.91
CA ALA F 22 -34.15 -6.26 6.96
C ALA F 22 -33.49 -5.49 8.08
N ILE F 23 -33.76 -5.94 9.30
CA ILE F 23 -33.02 -5.49 10.47
C ILE F 23 -32.01 -6.58 10.77
N VAL F 24 -30.74 -6.19 10.92
CA VAL F 24 -29.67 -7.17 10.98
C VAL F 24 -28.79 -7.03 12.24
N PRO F 25 -29.15 -7.75 13.31
CA PRO F 25 -28.31 -7.77 14.50
C PRO F 25 -27.14 -8.73 14.28
N GLY F 26 -26.07 -8.57 15.05
CA GLY F 26 -24.97 -9.53 15.02
C GLY F 26 -25.31 -10.82 15.74
N ASP F 27 -26.02 -10.71 16.87
CA ASP F 27 -26.33 -11.86 17.72
C ASP F 27 -27.57 -12.62 17.23
N PRO F 28 -27.41 -13.91 16.90
CA PRO F 28 -28.56 -14.70 16.44
C PRO F 28 -29.61 -14.82 17.55
N ASP F 29 -29.18 -14.67 18.80
CA ASP F 29 -30.09 -14.67 19.95
C ASP F 29 -30.97 -13.42 20.04
N ARG F 30 -30.54 -12.32 19.42
CA ARG F 30 -31.30 -11.08 19.48
C ARG F 30 -32.40 -11.04 18.41
N VAL F 31 -32.40 -12.01 17.51
CA VAL F 31 -33.35 -11.98 16.40
C VAL F 31 -34.79 -12.07 16.89
N GLU F 32 -35.11 -13.16 17.59
CA GLU F 32 -36.46 -13.35 18.09
C GLU F 32 -36.89 -12.15 18.95
N LYS F 33 -36.00 -11.68 19.81
CA LYS F 33 -36.26 -10.49 20.63
C LYS F 33 -36.76 -9.31 19.81
N ILE F 34 -36.07 -9.00 18.72
CA ILE F 34 -36.41 -7.84 17.90
C ILE F 34 -37.72 -8.08 17.18
N ALA F 35 -37.86 -9.26 16.58
CA ALA F 35 -39.05 -9.63 15.83
C ALA F 35 -40.31 -9.55 16.70
N ALA F 36 -40.15 -9.86 17.99
CA ALA F 36 -41.26 -9.82 18.94
C ALA F 36 -41.85 -8.40 19.11
N LEU F 37 -41.05 -7.38 18.87
CA LEU F 37 -41.54 -6.00 18.99
C LEU F 37 -42.47 -5.65 17.86
N MET F 38 -42.56 -6.51 16.86
CA MET F 38 -43.41 -6.25 15.71
C MET F 38 -44.56 -7.26 15.64
N ASP F 39 -45.37 -7.16 14.59
CA ASP F 39 -46.53 -8.07 14.42
C ASP F 39 -46.16 -9.37 13.72
N LYS F 40 -46.98 -10.40 13.93
CA LYS F 40 -46.88 -11.68 13.22
C LYS F 40 -45.47 -12.28 13.13
N PRO F 41 -44.71 -12.24 14.24
CA PRO F 41 -43.33 -12.75 14.19
C PRO F 41 -43.28 -14.28 14.07
N VAL F 42 -42.49 -14.76 13.13
CA VAL F 42 -42.38 -16.19 12.88
C VAL F 42 -40.94 -16.55 12.51
N LYS F 43 -40.45 -17.67 13.04
CA LYS F 43 -39.10 -18.14 12.74
C LYS F 43 -39.05 -18.74 11.34
N LEU F 44 -38.10 -18.29 10.52
CA LEU F 44 -37.99 -18.85 9.18
C LEU F 44 -36.91 -19.93 9.10
N ALA F 45 -35.81 -19.74 9.82
CA ALA F 45 -34.64 -20.61 9.66
C ALA F 45 -33.51 -20.29 10.62
N SER F 46 -32.61 -21.25 10.81
CA SER F 46 -31.45 -21.05 11.66
C SER F 46 -30.34 -22.01 11.20
N HIS F 47 -29.29 -21.47 10.62
CA HIS F 47 -28.15 -22.27 10.21
C HIS F 47 -26.91 -21.47 10.53
N ARG F 48 -25.91 -22.11 11.12
CA ARG F 48 -24.69 -21.43 11.52
C ARG F 48 -25.08 -20.20 12.34
N GLU F 49 -24.40 -19.08 12.15
CA GLU F 49 -24.75 -17.87 12.87
C GLU F 49 -25.95 -17.14 12.28
N PHE F 50 -26.62 -17.74 11.30
CA PHE F 50 -27.71 -17.07 10.60
C PHE F 50 -29.11 -17.51 11.02
N THR F 51 -29.73 -16.71 11.88
CA THR F 51 -31.09 -16.95 12.31
C THR F 51 -31.97 -15.90 11.68
N THR F 52 -33.04 -16.31 11.02
CA THR F 52 -33.91 -15.39 10.32
C THR F 52 -35.37 -15.51 10.78
N TRP F 53 -35.91 -14.41 11.30
CA TRP F 53 -37.34 -14.31 11.55
C TRP F 53 -37.97 -13.35 10.55
N ARG F 54 -39.25 -13.52 10.31
CA ARG F 54 -40.02 -12.56 9.55
C ARG F 54 -41.04 -11.97 10.50
N ALA F 55 -41.46 -10.74 10.23
CA ALA F 55 -42.50 -10.12 11.04
C ALA F 55 -43.21 -9.09 10.19
N GLU F 56 -44.02 -8.26 10.82
CA GLU F 56 -44.82 -7.31 10.08
C GLU F 56 -44.80 -5.97 10.78
N LEU F 57 -44.71 -4.91 10.00
CA LEU F 57 -44.64 -3.56 10.54
C LEU F 57 -45.56 -2.68 9.72
N ASP F 58 -46.54 -2.08 10.37
CA ASP F 58 -47.55 -1.28 9.69
C ASP F 58 -48.14 -2.01 8.48
N GLY F 59 -48.26 -3.33 8.60
CA GLY F 59 -48.92 -4.14 7.59
C GLY F 59 -47.99 -4.63 6.49
N LYS F 60 -46.70 -4.40 6.67
CA LYS F 60 -45.71 -4.79 5.66
C LYS F 60 -44.74 -5.82 6.20
N PRO F 61 -44.39 -6.82 5.38
CA PRO F 61 -43.44 -7.84 5.84
C PRO F 61 -42.04 -7.24 5.98
N VAL F 62 -41.35 -7.61 7.06
CA VAL F 62 -40.00 -7.16 7.32
C VAL F 62 -39.20 -8.37 7.79
N ILE F 63 -37.89 -8.38 7.50
CA ILE F 63 -37.04 -9.48 7.89
C ILE F 63 -36.19 -9.08 9.09
N VAL F 64 -35.90 -10.04 9.96
CA VAL F 64 -34.86 -9.85 10.96
C VAL F 64 -33.90 -11.02 10.83
N CYS F 65 -32.61 -10.72 10.61
CA CYS F 65 -31.64 -11.77 10.32
C CYS F 65 -30.28 -11.46 10.93
N SER F 66 -29.71 -12.41 11.66
CA SER F 66 -28.42 -12.21 12.29
C SER F 66 -27.28 -12.35 11.28
N THR F 67 -26.19 -11.63 11.52
CA THR F 67 -25.04 -11.64 10.62
C THR F 67 -23.90 -12.45 11.23
N GLY F 68 -23.97 -12.67 12.54
CA GLY F 68 -22.84 -13.19 13.27
C GLY F 68 -21.82 -12.07 13.45
N ILE F 69 -20.70 -12.38 14.10
CA ILE F 69 -19.67 -11.39 14.32
C ILE F 69 -18.75 -11.32 13.11
N GLY F 70 -18.52 -10.10 12.61
CA GLY F 70 -17.52 -9.89 11.58
C GLY F 70 -18.04 -9.62 10.18
N GLY F 71 -17.27 -8.83 9.43
CA GLY F 71 -17.56 -8.57 8.02
C GLY F 71 -17.83 -9.79 7.16
N PRO F 72 -17.00 -10.84 7.29
CA PRO F 72 -17.20 -12.02 6.43
C PRO F 72 -18.58 -12.67 6.54
N SER F 73 -19.03 -12.99 7.74
CA SER F 73 -20.38 -13.57 7.85
C SER F 73 -21.42 -12.50 7.49
N THR F 74 -21.17 -11.25 7.85
CA THR F 74 -22.06 -10.17 7.43
C THR F 74 -22.23 -10.13 5.90
N SER F 75 -21.15 -10.33 5.16
CA SER F 75 -21.21 -10.23 3.70
C SER F 75 -22.05 -11.34 3.09
N ILE F 76 -21.98 -12.53 3.67
CA ILE F 76 -22.82 -13.63 3.21
C ILE F 76 -24.31 -13.29 3.40
N ALA F 77 -24.69 -12.91 4.62
CA ALA F 77 -26.07 -12.59 4.95
C ALA F 77 -26.64 -11.50 4.06
N VAL F 78 -25.91 -10.40 3.93
CA VAL F 78 -26.37 -9.28 3.12
C VAL F 78 -26.54 -9.70 1.65
N GLU F 79 -25.57 -10.44 1.12
CA GLU F 79 -25.64 -10.83 -0.28
C GLU F 79 -26.85 -11.73 -0.51
N GLU F 80 -27.01 -12.69 0.38
CA GLU F 80 -28.08 -13.67 0.20
C GLU F 80 -29.44 -13.02 0.40
N LEU F 81 -29.56 -12.13 1.39
CA LEU F 81 -30.79 -11.36 1.54
C LEU F 81 -31.08 -10.48 0.32
N ALA F 82 -30.05 -9.84 -0.23
CA ALA F 82 -30.24 -9.04 -1.43
C ALA F 82 -30.73 -9.89 -2.61
N GLN F 83 -30.19 -11.10 -2.75
CA GLN F 83 -30.64 -12.02 -3.80
C GLN F 83 -32.13 -12.30 -3.62
N LEU F 84 -32.57 -12.31 -2.37
CA LEU F 84 -33.96 -12.67 -2.05
C LEU F 84 -34.88 -11.44 -2.12
N GLY F 85 -34.30 -10.26 -2.35
CA GLY F 85 -35.10 -9.07 -2.59
C GLY F 85 -34.95 -7.95 -1.56
N ILE F 86 -34.12 -8.13 -0.55
CA ILE F 86 -33.93 -7.06 0.44
C ILE F 86 -33.17 -5.89 -0.21
N ARG F 87 -33.66 -4.67 -0.01
CA ARG F 87 -33.00 -3.48 -0.56
C ARG F 87 -32.50 -2.52 0.53
N THR F 88 -33.00 -2.69 1.75
CA THR F 88 -32.68 -1.80 2.87
C THR F 88 -32.23 -2.62 4.08
N PHE F 89 -31.06 -2.30 4.64
CA PHE F 89 -30.50 -3.04 5.75
C PHE F 89 -30.23 -2.11 6.94
N LEU F 90 -30.83 -2.41 8.09
CA LEU F 90 -30.57 -1.64 9.29
C LEU F 90 -29.83 -2.50 10.31
N ARG F 91 -28.57 -2.17 10.57
CA ARG F 91 -27.82 -2.87 11.60
C ARG F 91 -28.14 -2.29 12.97
N ILE F 92 -28.37 -3.16 13.93
CA ILE F 92 -28.49 -2.77 15.33
C ILE F 92 -27.46 -3.59 16.10
N GLY F 93 -26.50 -2.91 16.74
CA GLY F 93 -25.40 -3.59 17.39
C GLY F 93 -25.08 -3.14 18.80
N THR F 94 -23.99 -3.67 19.34
CA THR F 94 -23.46 -3.24 20.63
C THR F 94 -22.08 -2.66 20.42
N THR F 95 -21.71 -1.66 21.22
CA THR F 95 -20.44 -0.98 20.95
C THR F 95 -19.68 -0.49 22.16
N GLY F 96 -18.38 -0.28 21.94
CA GLY F 96 -17.53 0.37 22.92
C GLY F 96 -17.22 1.79 22.51
N ALA F 97 -17.63 2.74 23.35
CA ALA F 97 -17.38 4.15 23.10
C ALA F 97 -15.93 4.46 23.43
N ILE F 98 -15.35 5.42 22.73
CA ILE F 98 -13.97 5.81 22.99
C ILE F 98 -13.84 7.32 23.26
N GLN F 99 -14.97 8.00 23.32
CA GLN F 99 -14.98 9.40 23.74
C GLN F 99 -15.47 9.49 25.19
N PRO F 100 -14.84 10.35 25.99
CA PRO F 100 -15.19 10.45 27.42
C PRO F 100 -16.64 10.89 27.63
N HIS F 101 -17.14 11.76 26.77
CA HIS F 101 -18.48 12.33 26.94
C HIS F 101 -19.62 11.38 26.56
N ILE F 102 -19.28 10.20 26.05
CA ILE F 102 -20.30 9.24 25.65
C ILE F 102 -20.53 8.17 26.71
N ASN F 103 -21.73 8.15 27.26
CA ASN F 103 -22.05 7.25 28.38
C ASN F 103 -22.60 5.90 27.97
N VAL F 104 -22.28 4.88 28.78
CA VAL F 104 -22.95 3.58 28.67
C VAL F 104 -24.44 3.85 28.64
N GLY F 105 -25.16 3.20 27.74
CA GLY F 105 -26.58 3.48 27.59
C GLY F 105 -26.89 4.44 26.45
N ASP F 106 -25.96 5.32 26.09
CA ASP F 106 -26.19 6.23 24.97
C ASP F 106 -26.40 5.44 23.68
N VAL F 107 -27.07 6.03 22.71
CA VAL F 107 -27.23 5.41 21.40
C VAL F 107 -26.39 6.14 20.35
N LEU F 108 -25.68 5.37 19.52
CA LEU F 108 -24.81 5.95 18.49
C LEU F 108 -25.33 5.61 17.10
N VAL F 109 -25.49 6.64 16.28
CA VAL F 109 -25.88 6.47 14.88
C VAL F 109 -24.65 6.77 14.02
N THR F 110 -24.30 5.85 13.11
CA THR F 110 -23.08 5.94 12.33
C THR F 110 -23.33 6.57 10.96
N THR F 111 -22.69 7.70 10.70
CA THR F 111 -22.75 8.34 9.39
C THR F 111 -21.83 7.62 8.39
N ALA F 112 -20.69 7.17 8.89
CA ALA F 112 -19.71 6.47 8.07
C ALA F 112 -18.67 5.81 8.97
N SER F 113 -17.95 4.84 8.42
CA SER F 113 -17.06 4.05 9.24
C SER F 113 -15.62 4.10 8.75
N VAL F 114 -14.70 4.03 9.70
CA VAL F 114 -13.29 3.79 9.41
C VAL F 114 -13.15 2.31 9.08
N ARG F 115 -12.59 2.01 7.91
CA ARG F 115 -12.54 0.64 7.40
C ARG F 115 -11.33 -0.14 7.92
N LEU F 116 -11.47 -0.71 9.11
CA LEU F 116 -10.42 -1.53 9.71
C LEU F 116 -10.75 -3.00 9.48
N ASP F 117 -11.39 -3.27 8.36
CA ASP F 117 -11.86 -4.61 8.06
C ASP F 117 -11.25 -5.11 6.75
N GLY F 118 -11.50 -6.37 6.42
CA GLY F 118 -10.99 -6.91 5.18
C GLY F 118 -12.07 -7.02 4.12
N ALA F 119 -13.28 -7.34 4.56
CA ALA F 119 -14.35 -7.61 3.62
C ALA F 119 -14.79 -6.42 2.75
N SER F 120 -14.75 -5.20 3.30
CA SER F 120 -15.14 -4.02 2.52
C SER F 120 -14.31 -3.91 1.24
N LEU F 121 -13.05 -4.31 1.32
CA LEU F 121 -12.12 -4.24 0.19
C LEU F 121 -12.51 -5.19 -0.94
N HIS F 122 -13.34 -6.19 -0.62
CA HIS F 122 -13.80 -7.14 -1.63
C HIS F 122 -14.95 -6.55 -2.46
N PHE F 123 -15.40 -5.37 -2.07
CA PHE F 123 -16.48 -4.67 -2.79
C PHE F 123 -16.04 -3.35 -3.40
N ALA F 124 -15.11 -2.68 -2.72
CA ALA F 124 -14.64 -1.38 -3.18
C ALA F 124 -13.26 -1.10 -2.61
N PRO F 125 -12.40 -0.43 -3.39
CA PRO F 125 -11.04 -0.17 -2.90
C PRO F 125 -11.12 0.79 -1.71
N LEU F 126 -10.06 0.84 -0.90
CA LEU F 126 -10.10 1.54 0.37
C LEU F 126 -10.55 3.01 0.30
N GLU F 127 -10.26 3.68 -0.81
CA GLU F 127 -10.58 5.10 -0.97
C GLU F 127 -12.09 5.39 -1.01
N PHE F 128 -12.88 4.35 -1.28
CA PHE F 128 -14.34 4.47 -1.28
C PHE F 128 -14.85 4.58 0.16
N PRO F 129 -15.75 5.54 0.42
CA PRO F 129 -16.22 5.78 1.81
C PRO F 129 -17.24 4.74 2.28
N ALA F 130 -17.04 4.19 3.48
CA ALA F 130 -18.03 3.29 4.07
C ALA F 130 -19.13 4.15 4.67
N VAL F 131 -19.93 4.75 3.80
CA VAL F 131 -20.92 5.74 4.20
C VAL F 131 -22.33 5.15 4.28
N ALA F 132 -23.08 5.57 5.30
CA ALA F 132 -24.45 5.11 5.46
C ALA F 132 -25.37 5.84 4.49
N ASP F 133 -26.47 5.20 4.12
CA ASP F 133 -27.48 5.86 3.31
C ASP F 133 -28.10 7.07 4.04
N PHE F 134 -28.38 8.14 3.32
CA PHE F 134 -28.88 9.37 3.93
C PHE F 134 -30.26 9.19 4.56
N GLU F 135 -31.14 8.49 3.85
CA GLU F 135 -32.50 8.25 4.32
C GLU F 135 -32.50 7.36 5.55
N CYS F 136 -31.67 6.33 5.51
CA CYS F 136 -31.53 5.43 6.65
C CYS F 136 -31.01 6.14 7.89
N THR F 137 -29.99 6.97 7.71
CA THR F 137 -29.44 7.73 8.83
C THR F 137 -30.46 8.74 9.37
N THR F 138 -31.17 9.41 8.46
CA THR F 138 -32.20 10.35 8.86
C THR F 138 -33.24 9.67 9.77
N ALA F 139 -33.74 8.52 9.32
CA ALA F 139 -34.79 7.82 10.06
C ALA F 139 -34.31 7.40 11.45
N LEU F 140 -33.09 6.90 11.52
CA LEU F 140 -32.47 6.54 12.79
C LEU F 140 -32.34 7.73 13.75
N VAL F 141 -31.90 8.87 13.23
CA VAL F 141 -31.70 10.04 14.09
C VAL F 141 -33.05 10.60 14.55
N GLU F 142 -34.03 10.61 13.66
CA GLU F 142 -35.36 11.10 14.01
C GLU F 142 -36.05 10.17 14.99
N ALA F 143 -35.89 8.87 14.77
CA ALA F 143 -36.44 7.86 15.68
C ALA F 143 -35.86 8.02 17.08
N ALA F 144 -34.56 8.28 17.15
CA ALA F 144 -33.86 8.43 18.43
C ALA F 144 -34.27 9.71 19.17
N LYS F 145 -34.50 10.78 18.42
CA LYS F 145 -34.97 12.03 18.99
C LYS F 145 -36.43 11.86 19.38
N SER F 146 -37.11 10.98 18.63
CA SER F 146 -38.49 10.63 18.87
C SER F 146 -38.71 10.06 20.27
N ILE F 147 -37.93 9.03 20.62
CA ILE F 147 -38.10 8.40 21.92
C ILE F 147 -37.29 9.11 23.00
N GLY F 148 -36.50 10.09 22.59
CA GLY F 148 -35.73 10.89 23.53
C GLY F 148 -34.50 10.22 24.10
N ALA F 149 -33.85 9.37 23.31
CA ALA F 149 -32.60 8.76 23.76
C ALA F 149 -31.46 9.75 23.57
N THR F 150 -30.48 9.71 24.47
CA THR F 150 -29.25 10.50 24.31
C THR F 150 -28.48 9.89 23.15
N THR F 151 -28.44 10.60 22.03
CA THR F 151 -27.90 10.05 20.81
C THR F 151 -26.68 10.83 20.36
N HIS F 152 -25.67 10.12 19.89
CA HIS F 152 -24.53 10.75 19.24
C HIS F 152 -24.43 10.25 17.80
N VAL F 153 -24.15 11.18 16.89
CA VAL F 153 -24.14 10.91 15.46
C VAL F 153 -22.76 11.23 14.91
N GLY F 154 -22.13 10.26 14.24
CA GLY F 154 -20.78 10.48 13.76
C GLY F 154 -20.09 9.24 13.24
N VAL F 155 -18.76 9.29 13.27
CA VAL F 155 -17.93 8.26 12.63
C VAL F 155 -17.59 7.13 13.59
N THR F 156 -17.61 5.91 13.08
CA THR F 156 -17.35 4.70 13.88
C THR F 156 -16.12 3.96 13.34
N ALA F 157 -15.28 3.42 14.22
CA ALA F 157 -14.18 2.59 13.75
C ALA F 157 -14.64 1.12 13.71
N SER F 158 -14.61 0.52 12.53
CA SER F 158 -15.13 -0.83 12.37
C SER F 158 -13.99 -1.82 12.12
N SER F 159 -13.78 -2.71 13.08
CA SER F 159 -12.59 -3.52 13.17
C SER F 159 -12.84 -5.01 12.92
N ASP F 160 -11.92 -5.68 12.22
CA ASP F 160 -12.02 -7.12 12.02
C ASP F 160 -11.67 -7.92 13.27
N THR F 161 -11.18 -7.24 14.30
CA THR F 161 -10.86 -7.90 15.56
C THR F 161 -11.51 -7.19 16.75
N PHE F 162 -11.76 -7.93 17.83
CA PHE F 162 -12.31 -7.38 19.06
C PHE F 162 -11.18 -6.91 19.94
N TYR F 163 -10.05 -7.62 19.86
CA TYR F 163 -8.90 -7.35 20.72
C TYR F 163 -7.83 -6.39 20.15
N PRO F 164 -6.84 -6.88 19.38
CA PRO F 164 -5.77 -5.95 19.01
C PRO F 164 -6.21 -4.79 18.09
N GLY F 165 -7.23 -4.98 17.27
CA GLY F 165 -7.70 -3.93 16.38
C GLY F 165 -8.48 -2.83 17.08
N GLN F 166 -8.84 -3.10 18.33
CA GLN F 166 -9.49 -2.10 19.17
C GLN F 166 -8.51 -1.75 20.31
N GLU F 167 -7.24 -2.04 20.03
CA GLU F 167 -6.15 -1.82 20.96
C GLU F 167 -6.46 -2.25 22.41
N ARG F 168 -6.95 -3.47 22.58
CA ARG F 168 -7.01 -4.09 23.91
C ARG F 168 -5.68 -4.76 24.21
N TYR F 169 -5.21 -4.61 25.45
CA TYR F 169 -3.92 -5.18 25.86
C TYR F 169 -4.12 -6.25 26.92
N ASP F 170 -5.35 -6.38 27.38
CA ASP F 170 -5.78 -7.35 28.38
C ASP F 170 -5.94 -8.73 27.74
N THR F 171 -4.85 -9.29 27.24
CA THR F 171 -4.94 -10.43 26.35
C THR F 171 -3.87 -11.48 26.60
N TYR F 172 -3.99 -12.60 25.90
CA TYR F 172 -3.01 -13.67 26.00
C TYR F 172 -1.58 -13.17 25.77
N SER F 173 -1.39 -12.42 24.68
CA SER F 173 -0.07 -11.90 24.32
C SER F 173 0.28 -10.62 25.08
N GLY F 174 -0.72 -9.82 25.39
CA GLY F 174 -0.52 -8.54 26.07
C GLY F 174 0.15 -7.50 25.19
N ARG F 175 0.15 -7.75 23.88
CA ARG F 175 0.76 -6.79 22.96
C ARG F 175 -0.11 -6.55 21.73
N VAL F 176 0.21 -5.48 21.02
CA VAL F 176 -0.53 -5.10 19.85
C VAL F 176 0.44 -4.79 18.72
N VAL F 177 0.14 -5.30 17.53
CA VAL F 177 1.03 -5.15 16.38
C VAL F 177 1.30 -3.67 16.09
N ARG F 178 2.49 -3.37 15.60
CA ARG F 178 2.91 -1.97 15.41
C ARG F 178 1.83 -1.08 14.80
N HIS F 179 1.22 -1.55 13.71
CA HIS F 179 0.21 -0.78 12.99
C HIS F 179 -0.88 -0.22 13.90
N PHE F 180 -1.25 -0.98 14.94
CA PHE F 180 -2.37 -0.56 15.78
C PHE F 180 -1.98 0.05 17.13
N LYS F 181 -0.69 0.10 17.45
CA LYS F 181 -0.23 0.81 18.65
C LYS F 181 -0.55 2.30 18.53
N GLY F 182 -1.22 2.85 19.54
CA GLY F 182 -1.59 4.25 19.55
C GLY F 182 -2.78 4.59 18.67
N SER F 183 -3.42 3.58 18.10
CA SER F 183 -4.52 3.82 17.18
C SER F 183 -5.78 4.36 17.86
N MET F 184 -6.11 3.83 19.04
CA MET F 184 -7.32 4.31 19.72
C MET F 184 -7.22 5.81 19.99
N GLU F 185 -6.04 6.25 20.44
CA GLU F 185 -5.83 7.66 20.74
C GLU F 185 -5.97 8.49 19.47
N GLU F 186 -5.46 7.95 18.37
CA GLU F 186 -5.59 8.58 17.07
C GLU F 186 -7.06 8.71 16.64
N TRP F 187 -7.85 7.65 16.78
CA TRP F 187 -9.27 7.76 16.41
C TRP F 187 -9.98 8.75 17.33
N GLN F 188 -9.60 8.75 18.60
CA GLN F 188 -10.21 9.65 19.60
C GLN F 188 -10.02 11.11 19.21
N ALA F 189 -8.78 11.47 18.92
CA ALA F 189 -8.45 12.82 18.47
C ALA F 189 -9.21 13.21 17.20
N MET F 190 -9.48 12.23 16.33
CA MET F 190 -10.22 12.51 15.09
C MET F 190 -11.73 12.54 15.30
N GLY F 191 -12.16 12.41 16.55
CA GLY F 191 -13.57 12.51 16.87
C GLY F 191 -14.38 11.24 16.62
N VAL F 192 -13.70 10.13 16.37
CA VAL F 192 -14.40 8.85 16.21
C VAL F 192 -15.11 8.46 17.52
N MET F 193 -16.35 7.99 17.40
CA MET F 193 -17.17 7.77 18.60
C MET F 193 -16.92 6.43 19.29
N ASN F 194 -16.65 5.39 18.49
CA ASN F 194 -16.78 4.02 19.00
C ASN F 194 -16.14 2.97 18.12
N TYR F 195 -16.01 1.75 18.66
CA TYR F 195 -15.58 0.58 17.89
C TYR F 195 -16.73 -0.40 17.82
N GLU F 196 -16.92 -1.03 16.67
CA GLU F 196 -17.71 -2.25 16.57
C GLU F 196 -17.11 -3.05 15.42
N MET F 197 -17.79 -4.10 14.95
CA MET F 197 -17.12 -5.05 14.08
C MET F 197 -17.74 -5.40 12.72
N GLU F 198 -18.83 -4.75 12.33
CA GLU F 198 -19.53 -5.13 11.10
C GLU F 198 -19.85 -3.99 10.15
N SER F 199 -19.85 -2.75 10.64
CA SER F 199 -20.39 -1.66 9.82
C SER F 199 -19.57 -1.27 8.59
N ALA F 200 -18.24 -1.36 8.67
CA ALA F 200 -17.46 -1.00 7.48
C ALA F 200 -17.84 -1.93 6.33
N THR F 201 -17.99 -3.21 6.61
CA THR F 201 -18.35 -4.17 5.56
C THR F 201 -19.77 -3.89 5.07
N LEU F 202 -20.73 -3.83 6.00
CA LEU F 202 -22.12 -3.53 5.65
C LEU F 202 -22.27 -2.25 4.82
N LEU F 203 -21.71 -1.15 5.30
CA LEU F 203 -21.94 0.13 4.65
C LEU F 203 -21.26 0.18 3.28
N THR F 204 -20.06 -0.37 3.17
CA THR F 204 -19.35 -0.35 1.88
C THR F 204 -20.05 -1.22 0.86
N MET F 205 -20.42 -2.43 1.26
CA MET F 205 -21.03 -3.34 0.32
C MET F 205 -22.40 -2.82 -0.14
N CYS F 206 -23.10 -2.08 0.73
CA CYS F 206 -24.40 -1.57 0.31
C CYS F 206 -24.24 -0.31 -0.53
N ALA F 207 -23.37 0.60 -0.08
CA ALA F 207 -23.19 1.86 -0.80
C ALA F 207 -22.62 1.64 -2.20
N SER F 208 -21.94 0.52 -2.40
CA SER F 208 -21.30 0.26 -3.70
C SER F 208 -22.14 -0.63 -4.61
N GLN F 209 -23.33 -1.00 -4.16
CA GLN F 209 -24.21 -1.88 -4.94
C GLN F 209 -25.66 -1.41 -5.00
N GLY F 210 -25.88 -0.15 -4.65
CA GLY F 210 -27.21 0.45 -4.70
C GLY F 210 -28.19 -0.06 -3.64
N LEU F 211 -27.67 -0.56 -2.52
CA LEU F 211 -28.52 -0.99 -1.41
C LEU F 211 -28.49 0.08 -0.32
N ARG F 212 -29.61 0.28 0.38
CA ARG F 212 -29.58 1.23 1.49
C ARG F 212 -29.19 0.54 2.79
N ALA F 213 -28.30 1.17 3.56
CA ALA F 213 -27.95 0.66 4.87
C ALA F 213 -27.85 1.79 5.88
N GLY F 214 -28.27 1.48 7.11
CA GLY F 214 -28.06 2.33 8.27
C GLY F 214 -27.45 1.55 9.42
N MET F 215 -26.93 2.26 10.41
CA MET F 215 -26.17 1.64 11.50
C MET F 215 -26.45 2.36 12.82
N VAL F 216 -26.90 1.61 13.81
CA VAL F 216 -27.15 2.13 15.16
C VAL F 216 -26.66 1.08 16.17
N ALA F 217 -26.11 1.54 17.29
CA ALA F 217 -25.64 0.63 18.32
C ALA F 217 -25.84 1.21 19.72
N GLY F 218 -25.88 0.32 20.71
CA GLY F 218 -25.93 0.73 22.10
C GLY F 218 -24.57 0.61 22.75
N VAL F 219 -24.18 1.67 23.46
CA VAL F 219 -22.91 1.66 24.17
C VAL F 219 -23.00 0.77 25.40
N ILE F 220 -22.09 -0.22 25.49
CA ILE F 220 -22.03 -1.13 26.63
C ILE F 220 -20.72 -1.01 27.40
N VAL F 221 -19.76 -0.28 26.86
CA VAL F 221 -18.52 -0.01 27.59
C VAL F 221 -17.96 1.34 27.16
N ASN F 222 -17.18 1.97 28.05
CA ASN F 222 -16.41 3.13 27.65
C ASN F 222 -14.92 2.87 27.82
N ARG F 223 -14.20 2.87 26.71
CA ARG F 223 -12.80 2.52 26.73
C ARG F 223 -11.95 3.54 27.49
N THR F 224 -12.57 4.64 27.91
CA THR F 224 -11.93 5.64 28.78
C THR F 224 -12.43 5.54 30.22
N GLN F 225 -13.75 5.70 30.40
CA GLN F 225 -14.38 5.70 31.73
C GLN F 225 -13.96 4.53 32.59
N GLU F 238 -29.44 -2.39 25.13
CA GLU F 238 -29.88 -3.19 24.00
C GLU F 238 -31.34 -2.91 23.66
N SER F 239 -32.22 -3.03 24.65
CA SER F 239 -33.64 -2.77 24.44
C SER F 239 -33.87 -1.35 23.93
N HIS F 240 -32.94 -0.46 24.23
CA HIS F 240 -33.07 0.95 23.85
C HIS F 240 -32.70 1.16 22.39
N ALA F 241 -31.56 0.61 21.99
CA ALA F 241 -31.14 0.62 20.59
C ALA F 241 -32.20 -0.06 19.73
N VAL F 242 -32.60 -1.26 20.15
CA VAL F 242 -33.59 -2.03 19.41
C VAL F 242 -34.87 -1.24 19.19
N LYS F 243 -35.28 -0.46 20.19
CA LYS F 243 -36.50 0.33 20.07
C LYS F 243 -36.36 1.36 18.95
N ILE F 244 -35.20 1.99 18.90
CA ILE F 244 -34.93 2.98 17.87
C ILE F 244 -34.85 2.35 16.47
N VAL F 245 -34.18 1.21 16.35
CA VAL F 245 -34.06 0.57 15.03
C VAL F 245 -35.42 0.14 14.49
N VAL F 246 -36.32 -0.30 15.37
CA VAL F 246 -37.65 -0.69 14.91
C VAL F 246 -38.46 0.52 14.42
N GLU F 247 -38.39 1.63 15.14
CA GLU F 247 -39.08 2.86 14.75
C GLU F 247 -38.52 3.48 13.46
N ALA F 248 -37.21 3.35 13.24
CA ALA F 248 -36.61 3.82 12.00
C ALA F 248 -37.12 2.99 10.83
N ALA F 249 -37.20 1.68 11.02
CA ALA F 249 -37.73 0.81 9.99
C ALA F 249 -39.13 1.27 9.55
N ARG F 250 -40.00 1.60 10.51
CA ARG F 250 -41.34 2.07 10.17
C ARG F 250 -41.27 3.27 9.21
N ARG F 251 -40.39 4.20 9.52
CA ARG F 251 -40.22 5.41 8.72
C ARG F 251 -39.63 5.13 7.32
N LEU F 252 -39.06 3.95 7.15
CA LEU F 252 -38.38 3.59 5.90
C LEU F 252 -39.21 2.66 5.00
N LEU F 253 -40.36 2.23 5.49
CA LEU F 253 -41.24 1.33 4.74
C LEU F 253 -41.84 2.02 3.52
N1 URF G . 6.10 27.24 0.91
C2 URF G . 5.92 26.00 1.52
N3 URF G . 6.42 25.78 2.81
C4 URF G . 7.08 26.82 3.48
C5 URF G . 7.26 28.06 2.88
C6 URF G . 6.76 28.27 1.59
O2 URF G . 5.32 25.09 0.94
O4 URF G . 7.53 26.62 4.61
F5 URF G . 7.89 29.07 3.54
S SO4 H . 4.86 29.64 -4.72
O1 SO4 H . 3.44 29.30 -4.60
O2 SO4 H . 5.24 29.78 -6.14
O3 SO4 H . 5.70 28.59 -4.11
O4 SO4 H . 5.11 30.93 -4.02
C1 R2B I . 5.44 26.98 -1.77
O4 R2B I . 4.74 28.13 -1.21
C4 R2B I . 3.33 28.05 -1.47
C5 R2B I . 2.56 28.01 -0.16
O5 R2B I . 2.98 29.13 0.63
C3 R2B I . 3.14 26.77 -2.29
O3 R2B I . 2.55 27.12 -3.54
C2 R2B I . 4.55 26.32 -2.50
O2 R2B I . 4.91 25.36 -3.35
N1 URF J . -15.24 19.76 -12.51
C2 URF J . -14.59 18.51 -12.52
N3 URF J . -14.90 17.59 -13.52
C4 URF J . -15.85 17.89 -14.51
C5 URF J . -16.49 19.12 -14.49
C6 URF J . -16.19 20.05 -13.50
O2 URF J . -13.73 18.25 -11.68
O4 URF J . -16.11 17.08 -15.38
F5 URF J . -17.40 19.42 -15.47
S SO4 K . -15.52 24.70 -8.58
O1 SO4 K . -16.09 25.33 -9.79
O2 SO4 K . -15.86 23.27 -8.54
O3 SO4 K . -16.06 25.36 -7.38
O4 SO4 K . -14.05 24.85 -8.59
C1 R2B L . -14.85 20.99 -9.95
O4 R2B L . -14.59 21.89 -11.05
C4 R2B L . -13.29 22.47 -10.93
C5 R2B L . -12.41 22.17 -12.13
O5 R2B L . -12.99 22.76 -13.29
C3 R2B L . -12.69 21.90 -9.66
O3 R2B L . -12.34 22.96 -8.78
C2 R2B L . -13.84 21.14 -9.10
O2 R2B L . -13.90 20.68 -7.88
N1 URF M . 20.66 -6.32 -17.74
C2 URF M . 19.32 -6.29 -17.35
N3 URF M . 18.32 -6.48 -18.32
C4 URF M . 18.68 -6.72 -19.66
C5 URF M . 20.01 -6.76 -20.03
C6 URF M . 21.01 -6.55 -19.08
O2 URF M . 19.01 -6.11 -16.18
O4 URF M . 17.80 -6.88 -20.50
F5 URF M . 20.36 -7.04 -21.32
S SO4 N . 26.12 -5.33 -14.54
O1 SO4 N . 26.67 -5.94 -15.77
O2 SO4 N . 24.93 -4.53 -14.86
O3 SO4 N . 27.14 -4.44 -13.94
O4 SO4 N . 25.77 -6.39 -13.58
C1 R2B O . 22.32 -5.39 -15.56
O4 R2B O . 22.86 -6.64 -16.01
C4 R2B O . 22.88 -7.61 -14.95
C5 R2B O . 21.94 -8.77 -15.25
O5 R2B O . 22.51 -9.46 -16.37
C3 R2B O . 22.42 -6.86 -13.71
O3 R2B O . 23.47 -6.87 -12.74
C2 R2B O . 22.20 -5.48 -14.23
O2 R2B O . 21.94 -4.43 -13.47
N1 URF P . 23.37 -13.69 7.54
C2 URF P . 22.43 -12.66 7.72
N3 URF P . 22.36 -12.02 8.96
C4 URF P . 23.21 -12.40 10.01
C5 URF P . 24.13 -13.42 9.82
C6 URF P . 24.21 -14.07 8.60
O2 URF P . 21.70 -12.32 6.79
O4 URF P . 23.13 -11.84 11.10
F5 URF P . 24.96 -13.79 10.84
S SO4 Q . 24.72 -17.76 2.68
O1 SO4 Q . 24.84 -16.63 1.73
O2 SO4 Q . 24.46 -19.00 1.93
O3 SO4 Q . 23.60 -17.52 3.61
O4 SO4 Q . 25.98 -17.89 3.44
C1 R2B R . 22.95 -14.94 5.15
O4 R2B R . 24.34 -14.58 5.09
C4 R2B R . 24.58 -13.64 4.03
C5 R2B R . 25.00 -12.30 4.60
O5 R2B R . 26.24 -12.46 5.30
C3 R2B R . 23.28 -13.55 3.26
O3 R2B R . 23.48 -14.02 1.93
C2 R2B R . 22.40 -14.52 4.00
O2 R2B R . 21.24 -14.96 3.56
N1 URF S . -16.15 -22.68 1.71
C2 URF S . -15.60 -21.63 0.97
N3 URF S . -15.64 -21.68 -0.43
C4 URF S . -16.22 -22.78 -1.08
C5 URF S . -16.76 -23.82 -0.34
C6 URF S . -16.73 -23.77 1.05
O2 URF S . -15.10 -20.66 1.54
O4 URF S . -16.26 -22.81 -2.30
F5 URF S . -17.32 -24.89 -0.97
S SO4 T . -16.42 -24.38 7.83
O1 SO4 T . -17.44 -25.28 7.25
O2 SO4 T . -15.34 -24.19 6.86
O3 SO4 T . -15.85 -24.97 9.05
O4 SO4 T . -17.05 -23.08 8.15
C1 R2B U . -15.71 -22.70 4.35
O4 R2B U . -17.15 -22.83 4.39
C4 R2B U . -17.74 -21.66 4.94
C5 R2B U . -18.53 -20.93 3.86
O5 R2B U . -19.62 -21.78 3.47
C3 R2B U . -16.58 -20.84 5.49
O3 R2B U . -16.66 -20.84 6.91
C2 R2B U . -15.39 -21.64 5.08
O2 R2B U . -14.14 -21.36 5.44
N1 URF V . -18.40 -4.58 20.54
C2 URF V . -17.15 -4.20 20.03
N3 URF V . -16.26 -3.53 20.87
C4 URF V . -16.61 -3.23 22.19
C5 URF V . -17.85 -3.61 22.69
C6 URF V . -18.76 -4.27 21.86
O2 URF V . -16.84 -4.50 18.88
O4 URF V . -15.82 -2.61 22.91
F5 URF V . -18.18 -3.35 23.99
S SO4 W . -23.55 -6.95 17.93
O1 SO4 W . -22.80 -8.15 17.54
O2 SO4 W . -24.79 -6.86 17.13
O3 SO4 W . -22.75 -5.75 17.69
O4 SO4 W . -23.89 -7.05 19.36
C1 R2B X . -20.06 -5.48 18.56
O4 R2B X . -20.14 -6.62 19.44
C4 R2B X . -19.69 -7.82 18.80
C5 R2B X . -18.44 -8.32 19.48
O5 R2B X . -18.64 -8.37 20.90
C3 R2B X . -19.46 -7.41 17.35
O3 R2B X . -20.34 -8.14 16.50
C2 R2B X . -19.81 -5.95 17.34
O2 R2B X . -19.90 -5.18 16.26
#